data_9V0P
#
_entry.id   9V0P
#
_cell.length_a   1.00
_cell.length_b   1.00
_cell.length_c   1.00
_cell.angle_alpha   90.00
_cell.angle_beta   90.00
_cell.angle_gamma   90.00
#
_symmetry.space_group_name_H-M   'P 1'
#
loop_
_entity.id
_entity.type
_entity.pdbx_description
1 polymer 'CNR2053 Heavy Chain'
2 polymer 'CNR2053 Light Chain'
3 polymer 'RSV Pre-fusion Protein'
#
loop_
_entity_poly.entity_id
_entity_poly.type
_entity_poly.pdbx_seq_one_letter_code
_entity_poly.pdbx_strand_id
1 'polypeptide(L)'
;QEQSVQSGAEVKKPGASVKVSCRASEFTFSSDFIHWVRQVPGQGLEWMGRITPSDGTTTYAQKFQGRVTMTRDPSTGTVY
IELRRLKSEDTAVYYCVAYDRVTTSAGTGATDIWGQGTMVTVSS
;
H,D,E
2 'polypeptide(L)'
;DIVMTQSPLSLPVTPGEPASISCRSSQSLLHGDGYNYLDWYLQKPGRSPQLLIYLGSHRASGVPDRFSGSGSGTDFTLRI
SRVEAEDVGIYYCMQGLQTPFTFGPGTRVDLK
;
L,F,G
3 'polypeptide(L)'
;MELLILKANAITTILTAVTFCFASGQNITEEFYQSTCSAVSKGYLSALRTGWYTSVITIELSNIKENKCNGTDAKVKLIK
QELDKYKNAVTELQLLMQSTPATNNRARRELPRFMNYTLNNAKKTNVTLSKKRKRRFLGFLLGVGSAIASGVAVCKVLHL
EGEVNKIKSALLSTNKAVVSLSNGVSVLTFKVLDLKNYIDKQLLPILNKQSCSISNIETVIEFQQKNNRLLEITREFSVN
AGVTTPVSTYMLTNSELLSLINDMPITNDQKKLMSNNVQIVRQQSYSIMCIIKEEVLAYVVQLPLYGVIDTPCWKLHTSP
LCTTNTKEGSNICLTRTDRGWYCDNAGSVSFFPQAETCKVQSNRVFCDTMNSLTLPSEVNLCNVDIFNPKYDCKIMTSKT
DVSSSVITSLGAIVSCYGKTKCTASNKNRGIIKTFSNGCDYVSNKGVDTVSVGNTLYYVNKQEGKSLYVKGEPIINFYDP
LVFPSDEFDASISQVNEKINQSLAFIRKSDELLSAIGGYIPEAPRDGQAYVRKDGEWVLLSTFLGHHHHHHHH
;
A,B,C
#
# COMPACT_ATOMS: atom_id res chain seq x y z
N GLN A 1 12.68 45.75 -0.19
CA GLN A 1 13.26 44.89 -1.22
C GLN A 1 14.22 45.65 -2.11
N GLU A 2 14.68 46.81 -1.62
CA GLU A 2 15.65 47.61 -2.35
C GLU A 2 16.93 46.81 -2.56
N GLN A 3 17.45 46.83 -3.79
CA GLN A 3 18.63 46.05 -4.15
C GLN A 3 19.89 46.88 -4.29
N SER A 4 19.79 48.21 -4.26
CA SER A 4 20.94 49.10 -4.32
C SER A 4 21.78 48.85 -5.57
N VAL A 5 21.12 48.81 -6.72
CA VAL A 5 21.81 48.62 -7.99
C VAL A 5 21.35 49.65 -9.02
N GLN A 6 22.10 50.74 -9.13
CA GLN A 6 21.80 51.84 -10.05
C GLN A 6 23.05 52.68 -10.22
N SER A 7 22.96 53.68 -11.09
CA SER A 7 24.04 54.64 -11.31
C SER A 7 23.96 55.73 -10.26
N GLY A 8 24.72 56.81 -10.46
CA GLY A 8 24.76 57.92 -9.53
C GLY A 8 23.92 59.10 -9.99
N ALA A 9 23.95 60.15 -9.17
CA ALA A 9 23.17 61.35 -9.45
C ALA A 9 23.71 62.07 -10.69
N GLU A 10 22.83 62.80 -11.35
CA GLU A 10 23.17 63.51 -12.58
C GLU A 10 22.63 64.93 -12.53
N VAL A 11 23.50 65.90 -12.84
CA VAL A 11 23.15 67.30 -12.94
C VAL A 11 23.46 67.75 -14.36
N LYS A 12 22.47 68.34 -15.03
CA LYS A 12 22.65 68.71 -16.43
C LYS A 12 22.14 70.11 -16.71
N LYS A 13 22.11 70.49 -17.99
CA LYS A 13 21.67 71.81 -18.44
C LYS A 13 20.63 71.66 -19.52
N PRO A 14 19.73 72.64 -19.66
CA PRO A 14 18.69 72.55 -20.69
C PRO A 14 19.28 72.49 -22.09
N GLY A 15 18.62 71.73 -22.96
CA GLY A 15 19.04 71.59 -24.34
C GLY A 15 19.99 70.44 -24.61
N ALA A 16 20.50 69.77 -23.58
CA ALA A 16 21.44 68.68 -23.73
C ALA A 16 20.69 67.34 -23.68
N SER A 17 21.46 66.25 -23.64
CA SER A 17 20.90 64.91 -23.55
C SER A 17 21.44 64.20 -22.31
N VAL A 18 20.60 63.38 -21.71
CA VAL A 18 20.93 62.67 -20.48
C VAL A 18 20.84 61.17 -20.73
N LYS A 19 21.78 60.42 -20.14
CA LYS A 19 21.85 58.97 -20.28
C LYS A 19 21.85 58.33 -18.90
N VAL A 20 21.01 57.33 -18.71
CA VAL A 20 20.94 56.58 -17.47
C VAL A 20 21.12 55.10 -17.78
N SER A 21 22.02 54.44 -17.07
CA SER A 21 22.35 53.05 -17.29
C SER A 21 21.98 52.23 -16.07
N CYS A 22 21.30 51.10 -16.30
CA CYS A 22 20.93 50.18 -15.23
C CYS A 22 21.39 48.78 -15.61
N ARG A 23 22.13 48.14 -14.71
CA ARG A 23 22.63 46.79 -14.95
C ARG A 23 21.66 45.77 -14.37
N ALA A 24 21.29 44.78 -15.19
CA ALA A 24 20.29 43.79 -14.82
C ALA A 24 20.89 42.41 -14.62
N SER A 25 22.09 42.33 -14.06
CA SER A 25 22.74 41.07 -13.76
C SER A 25 22.84 40.80 -12.27
N GLU A 26 22.44 41.75 -11.42
CA GLU A 26 22.52 41.59 -9.97
C GLU A 26 21.15 41.53 -9.31
N PHE A 27 20.08 41.34 -10.08
CA PHE A 27 18.74 41.27 -9.52
C PHE A 27 18.47 39.96 -8.80
N THR A 28 19.35 38.96 -8.95
CA THR A 28 19.30 37.69 -8.23
C THR A 28 18.12 36.85 -8.71
N PHE A 29 17.28 37.41 -9.57
CA PHE A 29 16.14 36.69 -10.12
C PHE A 29 16.04 36.95 -11.62
N SER A 30 15.67 35.92 -12.36
CA SER A 30 15.44 36.07 -13.79
C SER A 30 14.19 36.91 -14.04
N SER A 31 14.28 37.82 -15.01
CA SER A 31 13.20 38.74 -15.31
C SER A 31 12.94 38.78 -16.81
N ASP A 32 11.69 39.02 -17.17
CA ASP A 32 11.29 39.15 -18.56
C ASP A 32 11.00 40.59 -18.96
N PHE A 33 11.04 41.53 -18.03
CA PHE A 33 10.82 42.93 -18.33
C PHE A 33 11.66 43.79 -17.41
N ILE A 34 12.01 44.97 -17.90
CA ILE A 34 12.92 45.89 -17.19
C ILE A 34 12.28 47.27 -17.07
N HIS A 35 10.95 47.29 -16.94
CA HIS A 35 10.14 48.52 -16.96
C HIS A 35 10.83 49.67 -16.23
N TRP A 36 10.77 50.85 -16.84
CA TRP A 36 11.36 52.06 -16.27
C TRP A 36 10.24 52.95 -15.73
N VAL A 37 10.39 53.42 -14.50
CA VAL A 37 9.39 54.25 -13.85
C VAL A 37 10.05 55.53 -13.37
N ARG A 38 9.47 56.67 -13.73
CA ARG A 38 9.96 57.96 -13.29
C ARG A 38 9.01 58.53 -12.23
N GLN A 39 9.55 59.37 -11.36
CA GLN A 39 8.75 59.99 -10.30
C GLN A 39 9.32 61.35 -9.97
N VAL A 40 8.49 62.39 -10.10
CA VAL A 40 8.85 63.74 -9.70
C VAL A 40 8.54 63.88 -8.21
N PRO A 41 9.44 64.44 -7.41
CA PRO A 41 9.16 64.56 -5.97
C PRO A 41 7.93 65.42 -5.71
N GLY A 42 7.17 65.02 -4.70
CA GLY A 42 5.93 65.69 -4.36
C GLY A 42 4.72 65.26 -5.16
N GLN A 43 4.86 64.27 -6.03
CA GLN A 43 3.75 63.78 -6.86
C GLN A 43 3.78 62.26 -6.85
N GLY A 44 2.95 61.66 -7.71
CA GLY A 44 2.86 60.22 -7.82
C GLY A 44 3.73 59.65 -8.93
N LEU A 45 3.65 58.33 -9.08
CA LEU A 45 4.42 57.62 -10.08
C LEU A 45 3.82 57.83 -11.47
N GLU A 46 4.58 57.42 -12.50
CA GLU A 46 4.13 57.51 -13.87
C GLU A 46 4.95 56.58 -14.77
N TRP A 47 4.27 55.71 -15.51
CA TRP A 47 4.96 54.74 -16.35
C TRP A 47 5.60 55.41 -17.56
N MET A 48 6.80 54.93 -17.90
CA MET A 48 7.65 55.58 -18.88
C MET A 48 7.94 54.73 -20.10
N GLY A 49 8.36 53.48 -19.92
CA GLY A 49 8.69 52.65 -21.06
C GLY A 49 9.20 51.30 -20.62
N ARG A 50 9.32 50.40 -21.60
CA ARG A 50 9.80 49.05 -21.35
C ARG A 50 10.54 48.52 -22.56
N ILE A 51 11.52 47.66 -22.30
CA ILE A 51 12.24 46.93 -23.34
C ILE A 51 12.46 45.50 -22.85
N THR A 52 12.33 44.54 -23.78
CA THR A 52 12.52 43.13 -23.44
C THR A 52 13.99 42.78 -23.56
N PRO A 53 14.62 42.27 -22.50
CA PRO A 53 16.05 41.93 -22.59
C PRO A 53 16.35 40.80 -23.57
N SER A 54 15.36 39.98 -23.92
CA SER A 54 15.61 38.86 -24.81
C SER A 54 16.02 39.32 -26.21
N ASP A 55 15.25 40.23 -26.79
CA ASP A 55 15.54 40.72 -28.13
C ASP A 55 15.76 42.23 -28.20
N GLY A 56 14.96 43.01 -27.49
CA GLY A 56 15.14 44.45 -27.50
C GLY A 56 13.92 45.21 -28.01
N THR A 57 12.76 44.57 -27.99
CA THR A 57 11.52 45.23 -28.42
C THR A 57 11.17 46.34 -27.44
N THR A 58 10.86 47.52 -27.97
CA THR A 58 10.62 48.71 -27.17
C THR A 58 9.14 49.09 -27.21
N THR A 59 8.59 49.40 -26.04
CA THR A 59 7.24 49.95 -25.93
C THR A 59 7.30 51.21 -25.09
N TYR A 60 6.81 52.31 -25.65
CA TYR A 60 6.90 53.62 -25.03
C TYR A 60 5.51 54.13 -24.64
N ALA A 61 5.47 55.35 -24.13
CA ALA A 61 4.24 56.07 -23.86
C ALA A 61 4.03 57.13 -24.93
N GLN A 62 2.77 57.53 -25.10
CA GLN A 62 2.43 58.49 -26.15
C GLN A 62 3.12 59.84 -25.90
N LYS A 63 3.14 60.30 -24.65
CA LYS A 63 3.77 61.58 -24.35
C LYS A 63 5.27 61.55 -24.60
N PHE A 64 5.92 60.46 -24.24
CA PHE A 64 7.37 60.32 -24.41
C PHE A 64 7.77 59.78 -25.78
N GLN A 65 6.80 59.52 -26.65
CA GLN A 65 7.12 58.97 -27.97
C GLN A 65 7.94 59.98 -28.78
N GLY A 66 8.98 59.47 -29.44
CA GLY A 66 9.81 60.30 -30.29
C GLY A 66 10.88 61.10 -29.57
N ARG A 67 11.07 60.89 -28.28
CA ARG A 67 12.06 61.63 -27.51
C ARG A 67 13.04 60.73 -26.77
N VAL A 68 12.61 59.57 -26.29
CA VAL A 68 13.44 58.68 -25.49
C VAL A 68 13.93 57.53 -26.36
N THR A 69 15.16 57.10 -26.12
CA THR A 69 15.77 55.99 -26.85
C THR A 69 16.30 54.96 -25.88
N MET A 70 15.91 53.70 -26.05
CA MET A 70 16.34 52.62 -25.19
C MET A 70 17.20 51.64 -25.97
N THR A 71 18.30 51.21 -25.35
CA THR A 71 19.20 50.25 -25.97
C THR A 71 19.69 49.26 -24.92
N ARG A 72 20.14 48.10 -25.40
CA ARG A 72 20.63 47.04 -24.52
C ARG A 72 22.02 46.61 -24.96
N ASP A 73 22.95 46.61 -24.01
CA ASP A 73 24.30 46.11 -24.25
C ASP A 73 24.42 44.72 -23.65
N PRO A 74 24.66 43.68 -24.46
CA PRO A 74 24.77 42.32 -23.94
C PRO A 74 26.13 41.97 -23.38
N SER A 75 27.06 42.92 -23.28
CA SER A 75 28.36 42.64 -22.67
C SER A 75 28.19 42.25 -21.21
N THR A 76 27.28 42.92 -20.49
CA THR A 76 26.98 42.56 -19.11
C THR A 76 25.46 42.58 -18.89
N GLY A 77 24.67 42.57 -19.95
CA GLY A 77 23.23 42.62 -19.83
C GLY A 77 22.71 43.91 -19.24
N THR A 78 23.25 45.04 -19.71
CA THR A 78 22.91 46.34 -19.17
C THR A 78 21.95 47.05 -20.12
N VAL A 79 21.09 47.91 -19.57
CA VAL A 79 20.15 48.69 -20.36
C VAL A 79 20.49 50.17 -20.20
N TYR A 80 20.38 50.91 -21.30
CA TYR A 80 20.61 52.34 -21.31
C TYR A 80 19.37 53.06 -21.83
N ILE A 81 19.02 54.15 -21.16
CA ILE A 81 17.95 55.03 -21.60
C ILE A 81 18.53 56.42 -21.85
N GLU A 82 18.11 57.05 -22.93
CA GLU A 82 18.60 58.36 -23.32
C GLU A 82 17.42 59.29 -23.54
N LEU A 83 17.41 60.42 -22.85
CA LEU A 83 16.44 61.48 -23.06
C LEU A 83 17.11 62.66 -23.72
N ARG A 84 16.40 63.30 -24.65
CA ARG A 84 16.93 64.40 -25.43
C ARG A 84 16.09 65.65 -25.20
N ARG A 85 16.75 66.82 -25.21
CA ARG A 85 16.10 68.12 -25.11
C ARG A 85 15.26 68.22 -23.82
N LEU A 86 15.97 68.16 -22.70
CA LEU A 86 15.33 68.28 -21.40
C LEU A 86 14.88 69.72 -21.17
N LYS A 87 13.68 70.05 -21.67
CA LYS A 87 13.15 71.42 -21.55
C LYS A 87 12.60 71.66 -20.15
N SER A 88 13.50 71.55 -19.17
CA SER A 88 13.18 71.69 -17.75
C SER A 88 12.11 70.71 -17.31
N GLU A 89 11.66 70.82 -16.06
CA GLU A 89 10.58 70.04 -15.46
C GLU A 89 10.94 68.56 -15.31
N ASP A 90 12.13 68.15 -15.77
CA ASP A 90 12.53 66.74 -15.75
C ASP A 90 13.28 66.36 -14.48
N THR A 91 13.42 67.27 -13.52
CA THR A 91 14.09 66.95 -12.27
C THR A 91 13.28 65.91 -11.51
N ALA A 92 13.77 64.67 -11.46
CA ALA A 92 12.98 63.57 -10.91
C ALA A 92 13.92 62.43 -10.54
N VAL A 93 13.33 61.28 -10.21
CA VAL A 93 14.06 60.08 -9.83
C VAL A 93 13.58 58.94 -10.72
N TYR A 94 14.52 58.17 -11.25
CA TYR A 94 14.25 57.10 -12.20
C TYR A 94 14.58 55.75 -11.55
N TYR A 95 13.69 54.78 -11.74
CA TYR A 95 13.86 53.43 -11.22
C TYR A 95 13.78 52.43 -12.36
N CYS A 96 14.69 51.46 -12.35
CA CYS A 96 14.63 50.30 -13.22
C CYS A 96 14.20 49.10 -12.39
N VAL A 97 13.12 48.44 -12.81
CA VAL A 97 12.49 47.40 -12.01
C VAL A 97 12.36 46.12 -12.84
N ALA A 98 12.39 44.98 -12.16
CA ALA A 98 12.10 43.69 -12.77
C ALA A 98 10.65 43.36 -12.47
N TYR A 99 9.88 43.02 -13.52
CA TYR A 99 8.43 42.90 -13.40
C TYR A 99 7.97 41.80 -14.35
N ASP A 100 7.61 40.64 -13.79
CA ASP A 100 7.13 39.52 -14.59
C ASP A 100 5.95 38.87 -13.87
N ARG A 101 4.97 38.43 -14.66
CA ARG A 101 3.82 37.72 -14.12
C ARG A 101 3.35 36.67 -15.11
N VAL A 102 3.02 35.49 -14.61
CA VAL A 102 2.55 34.38 -15.42
C VAL A 102 1.34 33.74 -14.74
N THR A 103 0.37 33.32 -15.55
CA THR A 103 -0.83 32.67 -15.05
C THR A 103 -1.03 31.35 -15.79
N THR A 104 -1.65 30.39 -15.09
CA THR A 104 -1.89 29.07 -15.64
C THR A 104 -3.29 28.63 -15.24
N SER A 105 -3.60 27.35 -15.43
CA SER A 105 -4.90 26.82 -15.06
C SER A 105 -5.12 26.89 -13.56
N ALA A 106 -4.08 26.56 -12.78
CA ALA A 106 -4.18 26.57 -11.31
C ALA A 106 -2.85 27.10 -10.76
N GLY A 107 -2.80 28.40 -10.48
CA GLY A 107 -1.63 29.01 -9.91
C GLY A 107 -1.11 30.20 -10.69
N THR A 108 -0.72 31.26 -9.97
CA THR A 108 -0.19 32.47 -10.56
C THR A 108 1.17 32.77 -9.94
N GLY A 109 2.14 33.08 -10.79
CA GLY A 109 3.49 33.42 -10.33
C GLY A 109 3.82 34.85 -10.68
N ALA A 110 4.55 35.52 -9.79
CA ALA A 110 4.92 36.91 -9.98
C ALA A 110 6.32 37.15 -9.47
N THR A 111 6.95 38.20 -10.01
CA THR A 111 8.27 38.63 -9.60
C THR A 111 8.36 40.12 -9.80
N ASP A 112 8.56 40.87 -8.70
CA ASP A 112 8.61 42.32 -8.75
C ASP A 112 9.75 42.78 -7.85
N ILE A 113 10.78 43.37 -8.45
CA ILE A 113 11.95 43.87 -7.74
C ILE A 113 12.18 45.31 -8.15
N TRP A 114 12.27 46.19 -7.17
CA TRP A 114 12.53 47.60 -7.44
C TRP A 114 13.98 47.96 -7.12
N GLY A 115 14.49 48.96 -7.83
CA GLY A 115 15.87 49.36 -7.71
C GLY A 115 16.05 50.56 -6.79
N GLN A 116 17.33 50.89 -6.55
CA GLN A 116 17.66 52.03 -5.69
C GLN A 116 17.17 53.33 -6.32
N GLY A 117 17.33 53.49 -7.63
CA GLY A 117 16.90 54.68 -8.32
C GLY A 117 17.96 55.75 -8.38
N THR A 118 18.01 56.49 -9.48
CA THR A 118 18.94 57.59 -9.66
C THR A 118 18.19 58.90 -9.71
N MET A 119 18.87 60.00 -9.39
CA MET A 119 18.29 61.33 -9.38
C MET A 119 18.85 62.13 -10.54
N VAL A 120 17.97 62.67 -11.38
CA VAL A 120 18.37 63.46 -12.53
C VAL A 120 17.77 64.86 -12.38
N THR A 121 18.62 65.87 -12.40
CA THR A 121 18.16 67.25 -12.26
C THR A 121 18.78 68.12 -13.34
N VAL A 122 18.05 69.17 -13.71
CA VAL A 122 18.49 70.12 -14.73
C VAL A 122 18.37 71.52 -14.16
N SER A 123 19.41 72.33 -14.33
CA SER A 123 19.42 73.69 -13.82
C SER A 123 20.44 74.51 -14.60
N SER A 124 20.32 75.82 -14.49
CA SER A 124 21.24 76.74 -15.16
C SER A 124 22.60 76.73 -14.48
N ASP B 1 -6.18 55.92 -22.64
CA ASP B 1 -5.70 55.13 -21.53
C ASP B 1 -6.82 54.81 -20.54
N ILE B 2 -6.44 54.49 -19.30
CA ILE B 2 -7.38 54.13 -18.26
C ILE B 2 -7.13 55.01 -17.04
N VAL B 3 -8.20 55.59 -16.50
CA VAL B 3 -8.13 56.55 -15.41
C VAL B 3 -8.58 55.87 -14.12
N MET B 4 -7.83 56.06 -13.05
CA MET B 4 -8.12 55.45 -11.76
C MET B 4 -8.38 56.51 -10.69
N THR B 5 -9.17 56.14 -9.70
CA THR B 5 -9.43 57.00 -8.54
C THR B 5 -9.28 56.17 -7.27
N GLN B 6 -8.95 56.86 -6.18
CA GLN B 6 -8.78 56.20 -4.88
C GLN B 6 -9.65 56.90 -3.85
N SER B 7 -10.00 56.16 -2.80
CA SER B 7 -10.84 56.71 -1.76
C SER B 7 -10.47 56.08 -0.42
N PRO B 8 -10.22 56.89 0.62
CA PRO B 8 -10.21 58.36 0.50
C PRO B 8 -8.84 58.89 0.10
N LEU B 9 -8.69 60.21 0.07
CA LEU B 9 -7.41 60.85 -0.20
C LEU B 9 -6.65 61.17 1.08
N SER B 10 -7.21 60.83 2.24
CA SER B 10 -6.54 61.02 3.52
C SER B 10 -7.27 60.16 4.55
N LEU B 11 -6.51 59.34 5.29
CA LEU B 11 -7.11 58.39 6.23
C LEU B 11 -6.16 58.16 7.39
N PRO B 12 -6.26 58.97 8.45
CA PRO B 12 -5.50 58.67 9.66
C PRO B 12 -5.96 57.35 10.27
N VAL B 13 -5.02 56.64 10.88
CA VAL B 13 -5.27 55.31 11.42
C VAL B 13 -4.69 55.21 12.83
N THR B 14 -5.38 54.49 13.70
CA THR B 14 -5.11 54.22 15.10
C THR B 14 -4.39 52.89 15.25
N PRO B 15 -3.35 52.81 16.09
CA PRO B 15 -2.60 51.55 16.21
C PRO B 15 -3.39 50.45 16.91
N GLY B 16 -4.23 49.76 16.16
CA GLY B 16 -5.03 48.68 16.71
C GLY B 16 -6.40 48.53 16.08
N GLU B 17 -6.77 49.50 15.23
CA GLU B 17 -8.03 49.43 14.52
C GLU B 17 -7.79 49.13 13.04
N PRO B 18 -8.71 48.43 12.38
CA PRO B 18 -8.53 48.09 10.96
C PRO B 18 -8.69 49.31 10.07
N ALA B 19 -8.39 49.11 8.79
CA ALA B 19 -8.49 50.17 7.80
C ALA B 19 -8.77 49.56 6.44
N SER B 20 -9.38 50.37 5.57
CA SER B 20 -9.74 49.93 4.22
C SER B 20 -9.60 51.09 3.24
N ILE B 21 -9.05 50.79 2.07
CA ILE B 21 -8.86 51.78 1.01
C ILE B 21 -9.41 51.21 -0.29
N SER B 22 -10.13 52.03 -1.04
CA SER B 22 -10.84 51.57 -2.24
C SER B 22 -10.21 52.15 -3.50
N CYS B 23 -9.98 51.30 -4.49
CA CYS B 23 -9.51 51.71 -5.81
C CYS B 23 -10.65 51.47 -6.81
N ARG B 24 -11.00 52.53 -7.54
CA ARG B 24 -12.04 52.48 -8.56
C ARG B 24 -11.40 52.71 -9.92
N SER B 25 -11.88 51.99 -10.93
CA SER B 25 -11.24 51.95 -12.23
C SER B 25 -12.21 52.38 -13.32
N SER B 26 -11.65 52.50 -14.53
CA SER B 26 -12.41 52.71 -15.75
C SER B 26 -12.97 51.38 -16.23
N GLN B 27 -13.37 51.31 -17.50
CA GLN B 27 -13.90 50.09 -18.11
C GLN B 27 -13.14 48.86 -17.61
N SER B 28 -13.90 47.80 -17.33
CA SER B 28 -13.47 46.66 -16.52
C SER B 28 -12.05 46.21 -16.85
N LEU B 29 -11.26 46.01 -15.80
CA LEU B 29 -9.89 45.50 -15.91
C LEU B 29 -9.85 43.99 -15.99
N LEU B 30 -11.00 43.32 -15.91
CA LEU B 30 -11.03 41.87 -15.88
C LEU B 30 -10.53 41.30 -17.21
N HIS B 31 -9.56 40.39 -17.13
CA HIS B 31 -8.99 39.73 -18.29
C HIS B 31 -9.89 38.58 -18.73
N GLY B 32 -9.35 37.67 -19.53
CA GLY B 32 -10.12 36.60 -20.14
C GLY B 32 -10.05 35.34 -19.30
N ASP B 33 -9.11 34.44 -19.62
CA ASP B 33 -8.94 33.16 -18.96
C ASP B 33 -9.22 33.21 -17.45
N GLY B 34 -8.70 34.21 -16.77
CA GLY B 34 -9.05 34.40 -15.37
C GLY B 34 -8.18 35.44 -14.71
N TYR B 35 -8.59 35.79 -13.49
CA TYR B 35 -7.87 36.69 -12.58
C TYR B 35 -7.84 38.13 -13.07
N ASN B 36 -7.91 39.07 -12.13
CA ASN B 36 -7.79 40.49 -12.45
C ASN B 36 -6.32 40.84 -12.72
N TYR B 37 -6.06 42.13 -12.95
CA TYR B 37 -4.71 42.59 -13.25
C TYR B 37 -4.42 43.88 -12.50
N LEU B 38 -4.80 43.94 -11.22
CA LEU B 38 -4.60 45.14 -10.41
C LEU B 38 -3.71 44.83 -9.22
N ASP B 39 -2.90 45.82 -8.85
CA ASP B 39 -1.88 45.65 -7.81
C ASP B 39 -1.91 46.84 -6.86
N TRP B 40 -1.50 46.57 -5.62
CA TRP B 40 -1.37 47.58 -4.57
C TRP B 40 0.09 47.69 -4.17
N TYR B 41 0.65 48.89 -4.29
CA TYR B 41 2.04 49.17 -3.96
C TYR B 41 2.11 50.06 -2.73
N LEU B 42 3.17 49.86 -1.95
CA LEU B 42 3.43 50.65 -0.74
C LEU B 42 4.73 51.41 -0.89
N GLN B 43 4.81 52.58 -0.26
CA GLN B 43 6.03 53.37 -0.29
C GLN B 43 6.19 54.09 1.04
N LYS B 44 7.29 53.80 1.74
CA LYS B 44 7.66 54.54 2.93
C LYS B 44 8.44 55.79 2.55
N PRO B 45 8.43 56.82 3.40
CA PRO B 45 9.14 58.06 3.07
C PRO B 45 10.65 57.84 3.02
N GLY B 46 11.22 58.06 1.84
CA GLY B 46 12.67 57.97 1.67
C GLY B 46 13.14 56.74 0.93
N ARG B 47 12.55 55.58 1.23
CA ARG B 47 12.98 54.33 0.63
C ARG B 47 12.37 54.17 -0.76
N SER B 48 12.52 52.98 -1.34
CA SER B 48 12.00 52.59 -2.64
C SER B 48 10.68 51.83 -2.48
N PRO B 49 9.76 51.98 -3.43
CA PRO B 49 8.47 51.31 -3.33
C PRO B 49 8.62 49.79 -3.28
N GLN B 50 7.75 49.16 -2.49
CA GLN B 50 7.74 47.72 -2.30
C GLN B 50 6.36 47.18 -2.63
N LEU B 51 6.32 46.05 -3.33
CA LEU B 51 5.05 45.44 -3.68
C LEU B 51 4.32 44.96 -2.43
N LEU B 52 3.01 45.20 -2.39
CA LEU B 52 2.18 44.78 -1.27
C LEU B 52 1.18 43.70 -1.68
N ILE B 53 0.38 43.96 -2.71
CA ILE B 53 -0.62 43.00 -3.19
C ILE B 53 -0.51 42.89 -4.70
N TYR B 54 -0.54 41.67 -5.22
CA TYR B 54 -0.47 41.43 -6.66
C TYR B 54 -1.62 40.55 -7.09
N LEU B 55 -2.12 40.83 -8.30
CA LEU B 55 -3.17 40.03 -8.94
C LEU B 55 -4.41 39.90 -8.05
N GLY B 56 -4.80 41.02 -7.45
CA GLY B 56 -6.08 41.09 -6.75
C GLY B 56 -6.07 40.71 -5.29
N SER B 57 -5.92 39.41 -4.99
CA SER B 57 -6.10 38.93 -3.63
C SER B 57 -5.03 37.92 -3.22
N HIS B 58 -3.82 38.07 -3.73
CA HIS B 58 -2.71 37.21 -3.35
C HIS B 58 -1.62 38.03 -2.67
N ARG B 59 -0.62 37.34 -2.14
CA ARG B 59 0.48 37.97 -1.41
C ARG B 59 1.81 37.42 -1.90
N ALA B 60 2.81 38.29 -1.92
CA ALA B 60 4.16 37.91 -2.34
C ALA B 60 4.99 37.54 -1.11
N SER B 61 6.30 37.42 -1.30
CA SER B 61 7.19 37.14 -0.18
C SER B 61 7.25 38.34 0.76
N GLY B 62 7.35 38.04 2.05
CA GLY B 62 7.28 39.08 3.06
C GLY B 62 5.85 39.38 3.44
N VAL B 63 5.49 40.66 3.43
CA VAL B 63 4.13 41.17 3.65
C VAL B 63 3.41 40.38 4.73
N PRO B 64 3.77 40.56 6.01
CA PRO B 64 3.18 39.75 7.09
C PRO B 64 1.66 39.69 7.07
N ASP B 65 1.11 38.66 7.72
CA ASP B 65 -0.30 38.31 7.55
C ASP B 65 -1.24 39.30 8.21
N ARG B 66 -1.28 40.53 7.73
CA ARG B 66 -2.30 41.48 8.12
C ARG B 66 -2.81 42.33 6.95
N PHE B 67 -2.33 42.08 5.73
CA PHE B 67 -2.82 42.77 4.54
C PHE B 67 -3.67 41.81 3.72
N SER B 68 -4.73 42.34 3.09
CA SER B 68 -5.56 41.51 2.24
C SER B 68 -6.20 42.37 1.17
N GLY B 69 -6.61 41.72 0.07
CA GLY B 69 -7.31 42.39 -0.99
C GLY B 69 -8.61 41.69 -1.30
N SER B 70 -9.53 42.45 -1.88
CA SER B 70 -10.84 41.90 -2.21
C SER B 70 -11.44 42.72 -3.35
N GLY B 71 -12.43 42.12 -4.01
CA GLY B 71 -13.13 42.81 -5.09
C GLY B 71 -13.09 42.05 -6.40
N SER B 72 -14.07 42.33 -7.26
CA SER B 72 -14.13 41.70 -8.57
C SER B 72 -14.86 42.63 -9.53
N GLY B 73 -14.27 42.85 -10.71
CA GLY B 73 -14.86 43.74 -11.68
C GLY B 73 -14.11 45.06 -11.83
N THR B 74 -14.70 46.14 -11.31
CA THR B 74 -14.12 47.47 -11.43
C THR B 74 -13.78 48.12 -10.10
N ASP B 75 -14.23 47.57 -8.98
CA ASP B 75 -13.95 48.12 -7.66
C ASP B 75 -13.13 47.14 -6.86
N PHE B 76 -12.09 47.63 -6.18
CA PHE B 76 -11.26 46.77 -5.35
C PHE B 76 -10.97 47.45 -4.02
N THR B 77 -10.73 46.65 -3.00
CA THR B 77 -10.48 47.15 -1.65
C THR B 77 -9.26 46.46 -1.05
N LEU B 78 -8.42 47.27 -0.42
CA LEU B 78 -7.30 46.79 0.36
C LEU B 78 -7.63 46.97 1.84
N ARG B 79 -7.54 45.87 2.60
CA ARG B 79 -7.98 45.83 3.99
C ARG B 79 -6.83 45.40 4.89
N ILE B 80 -6.66 46.11 6.00
CA ILE B 80 -5.65 45.78 7.00
C ILE B 80 -6.36 45.12 8.17
N SER B 81 -5.92 43.91 8.53
CA SER B 81 -6.56 43.18 9.63
C SER B 81 -6.31 43.88 10.96
N ARG B 82 -5.06 44.23 11.25
CA ARG B 82 -4.72 44.94 12.48
C ARG B 82 -3.43 45.74 12.20
N VAL B 83 -3.59 47.04 11.99
CA VAL B 83 -2.46 47.88 11.63
C VAL B 83 -1.52 48.03 12.82
N GLU B 84 -0.26 48.34 12.52
CA GLU B 84 0.77 48.61 13.52
C GLU B 84 1.28 50.03 13.32
N ALA B 85 2.34 50.37 14.05
CA ALA B 85 2.93 51.71 13.98
C ALA B 85 3.93 51.87 12.84
N GLU B 86 4.12 50.85 12.01
CA GLU B 86 5.08 50.88 10.91
C GLU B 86 4.39 50.79 9.56
N ASP B 87 3.23 51.42 9.40
CA ASP B 87 2.49 51.40 8.16
C ASP B 87 2.27 52.79 7.57
N VAL B 88 2.93 53.82 8.12
CA VAL B 88 2.83 55.17 7.57
C VAL B 88 3.47 55.21 6.18
N GLY B 89 2.86 55.97 5.29
CA GLY B 89 3.44 56.11 3.96
C GLY B 89 2.36 56.41 2.93
N ILE B 90 2.65 55.98 1.70
CA ILE B 90 1.79 56.26 0.55
C ILE B 90 1.45 54.94 -0.14
N TYR B 91 0.19 54.80 -0.55
CA TYR B 91 -0.30 53.62 -1.24
C TYR B 91 -0.66 53.97 -2.67
N TYR B 92 -0.37 53.05 -3.59
CA TYR B 92 -0.57 53.27 -5.01
C TYR B 92 -1.33 52.09 -5.61
N CYS B 93 -2.12 52.39 -6.65
CA CYS B 93 -2.94 51.41 -7.34
C CYS B 93 -2.46 51.31 -8.79
N MET B 94 -2.22 50.08 -9.25
CA MET B 94 -1.61 49.85 -10.55
C MET B 94 -2.42 48.83 -11.35
N GLN B 95 -2.40 48.98 -12.67
CA GLN B 95 -3.11 48.08 -13.59
C GLN B 95 -2.13 47.30 -14.45
N GLY B 96 -2.62 46.23 -15.06
CA GLY B 96 -1.80 45.40 -15.93
C GLY B 96 -2.48 44.82 -17.15
N LEU B 97 -3.55 45.45 -17.63
CA LEU B 97 -4.32 44.88 -18.74
C LEU B 97 -3.80 45.34 -20.10
N GLN B 98 -3.85 46.64 -20.36
CA GLN B 98 -3.28 47.22 -21.56
C GLN B 98 -1.90 47.78 -21.21
N THR B 99 -1.29 48.50 -22.14
CA THR B 99 -0.01 49.08 -21.75
C THR B 99 0.09 50.59 -21.90
N PRO B 100 -0.94 51.38 -21.57
CA PRO B 100 -0.68 52.71 -21.00
C PRO B 100 -0.74 52.67 -19.48
N PHE B 101 0.25 52.06 -18.84
CA PHE B 101 0.19 51.87 -17.39
C PHE B 101 0.06 53.21 -16.69
N THR B 102 -0.85 53.28 -15.72
CA THR B 102 -1.19 54.54 -15.05
C THR B 102 -1.39 54.27 -13.58
N PHE B 103 -0.45 54.76 -12.75
CA PHE B 103 -0.62 54.69 -11.31
C PHE B 103 -1.66 55.68 -10.83
N GLY B 104 -2.25 55.39 -9.68
CA GLY B 104 -3.23 56.27 -9.10
C GLY B 104 -2.60 57.47 -8.43
N PRO B 105 -3.45 58.42 -8.03
CA PRO B 105 -2.92 59.61 -7.33
C PRO B 105 -2.14 59.28 -6.08
N GLY B 106 -2.56 58.26 -5.34
CA GLY B 106 -1.84 57.86 -4.14
C GLY B 106 -2.53 58.28 -2.85
N THR B 107 -2.76 57.33 -1.96
CA THR B 107 -3.43 57.60 -0.69
C THR B 107 -2.39 57.70 0.41
N ARG B 108 -2.47 58.76 1.22
CA ARG B 108 -1.53 58.98 2.30
C ARG B 108 -2.11 58.44 3.60
N VAL B 109 -1.32 57.63 4.32
CA VAL B 109 -1.73 57.05 5.59
C VAL B 109 -0.70 57.46 6.63
N ASP B 110 -1.16 58.12 7.69
CA ASP B 110 -0.30 58.58 8.76
C ASP B 110 -0.91 58.20 10.12
N LEU B 111 -0.05 58.13 11.12
CA LEU B 111 -0.49 57.77 12.47
C LEU B 111 -1.24 58.93 13.11
N LYS B 112 -2.29 58.60 13.84
CA LYS B 112 -3.09 59.62 14.54
C LYS B 112 -2.87 59.55 16.05
N GLN C 26 -15.13 -32.72 -18.48
CA GLN C 26 -14.80 -33.13 -17.12
C GLN C 26 -14.60 -34.63 -17.05
N ASN C 27 -15.42 -35.30 -16.24
CA ASN C 27 -15.36 -36.75 -16.04
C ASN C 27 -13.97 -37.19 -15.58
N ILE C 28 -13.59 -36.69 -14.40
CA ILE C 28 -12.29 -37.00 -13.81
C ILE C 28 -12.33 -38.41 -13.24
N THR C 29 -11.76 -39.37 -13.98
CA THR C 29 -11.72 -40.75 -13.54
C THR C 29 -10.45 -41.03 -12.75
N GLU C 30 -10.52 -42.06 -11.90
CA GLU C 30 -9.39 -42.44 -11.07
C GLU C 30 -9.38 -43.95 -10.90
N GLU C 31 -8.18 -44.53 -10.92
CA GLU C 31 -8.00 -45.96 -10.73
C GLU C 31 -6.91 -46.20 -9.69
N PHE C 32 -7.05 -47.30 -8.96
CA PHE C 32 -6.09 -47.69 -7.94
C PHE C 32 -5.62 -49.12 -8.23
N TYR C 33 -4.31 -49.29 -8.34
CA TYR C 33 -3.69 -50.58 -8.60
C TYR C 33 -3.03 -51.08 -7.32
N GLN C 34 -3.52 -52.22 -6.83
CA GLN C 34 -3.03 -52.79 -5.58
C GLN C 34 -1.78 -53.65 -5.78
N SER C 35 -1.43 -53.99 -7.02
CA SER C 35 -0.21 -54.76 -7.26
C SER C 35 1.01 -53.99 -6.80
N THR C 36 1.05 -52.68 -7.10
CA THR C 36 2.12 -51.82 -6.65
C THR C 36 1.62 -50.76 -5.67
N CYS C 37 0.30 -50.69 -5.45
CA CYS C 37 -0.33 -49.72 -4.56
C CYS C 37 -0.07 -48.30 -5.06
N SER C 38 -0.55 -48.03 -6.27
CA SER C 38 -0.42 -46.73 -6.91
C SER C 38 -1.78 -46.24 -7.35
N ALA C 39 -1.88 -44.94 -7.62
CA ALA C 39 -3.11 -44.33 -8.05
C ALA C 39 -2.88 -43.52 -9.31
N VAL C 40 -3.81 -43.59 -10.25
CA VAL C 40 -3.76 -42.84 -11.49
C VAL C 40 -5.03 -42.02 -11.63
N SER C 41 -4.89 -40.76 -12.01
CA SER C 41 -6.01 -39.86 -12.21
C SER C 41 -5.98 -39.36 -13.65
N LYS C 42 -7.07 -39.59 -14.38
CA LYS C 42 -7.14 -39.28 -15.79
C LYS C 42 -8.34 -38.39 -16.07
N GLY C 43 -8.21 -37.54 -17.09
CA GLY C 43 -9.29 -36.67 -17.50
C GLY C 43 -8.91 -35.22 -17.62
N TYR C 44 -7.75 -34.85 -17.06
CA TYR C 44 -7.32 -33.46 -17.07
C TYR C 44 -6.82 -33.06 -18.45
N LEU C 45 -7.23 -31.89 -18.92
CA LEU C 45 -6.67 -31.31 -20.13
C LEU C 45 -5.34 -30.65 -19.83
N SER C 46 -4.60 -30.31 -20.88
CA SER C 46 -3.22 -29.83 -20.75
C SER C 46 -3.06 -28.44 -21.35
N ALA C 47 -2.09 -27.70 -20.81
CA ALA C 47 -1.71 -26.40 -21.36
C ALA C 47 -0.23 -26.20 -21.04
N LEU C 48 0.63 -26.51 -22.01
CA LEU C 48 2.07 -26.48 -21.82
C LEU C 48 2.67 -25.26 -22.51
N ARG C 49 3.42 -24.48 -21.76
CA ARG C 49 4.15 -23.35 -22.32
C ARG C 49 5.42 -23.82 -23.01
N THR C 50 5.78 -23.17 -24.11
CA THR C 50 6.98 -23.55 -24.85
C THR C 50 7.87 -22.38 -25.24
N GLY C 51 7.43 -21.13 -25.11
CA GLY C 51 8.25 -20.00 -25.51
C GLY C 51 7.89 -18.75 -24.76
N TRP C 52 8.81 -17.79 -24.78
CA TRP C 52 8.65 -16.52 -24.09
C TRP C 52 8.20 -15.45 -25.07
N TYR C 53 7.95 -14.26 -24.53
CA TYR C 53 7.59 -13.10 -25.35
C TYR C 53 7.90 -11.84 -24.56
N THR C 54 8.36 -10.80 -25.26
CA THR C 54 8.80 -9.56 -24.62
C THR C 54 7.95 -8.40 -25.10
N SER C 55 7.85 -7.38 -24.25
CA SER C 55 7.17 -6.13 -24.60
C SER C 55 7.81 -5.00 -23.82
N VAL C 56 7.84 -3.82 -24.43
CA VAL C 56 8.47 -2.64 -23.83
C VAL C 56 7.38 -1.71 -23.34
N ILE C 57 7.51 -1.24 -22.11
CA ILE C 57 6.57 -0.30 -21.51
C ILE C 57 7.31 0.98 -21.17
N THR C 58 6.79 2.11 -21.65
CA THR C 58 7.39 3.42 -21.40
C THR C 58 6.46 4.21 -20.48
N ILE C 59 7.04 4.77 -19.41
CA ILE C 59 6.29 5.49 -18.39
C ILE C 59 6.83 6.91 -18.32
N GLU C 60 7.23 7.45 -19.48
CA GLU C 60 8.05 8.65 -19.62
C GLU C 60 7.76 9.71 -18.58
N LEU C 61 8.82 10.19 -17.94
CA LEU C 61 8.76 11.17 -16.87
C LEU C 61 9.02 12.57 -17.43
N SER C 62 9.17 13.54 -16.53
CA SER C 62 9.48 14.91 -16.91
C SER C 62 10.63 15.41 -16.04
N ASN C 63 11.47 16.26 -16.61
CA ASN C 63 12.65 16.75 -15.91
C ASN C 63 12.31 17.90 -14.99
N ILE C 64 12.70 17.79 -13.73
CA ILE C 64 12.57 18.86 -12.75
C ILE C 64 13.94 19.07 -12.10
N LYS C 65 14.28 20.34 -11.86
CA LYS C 65 15.62 20.69 -11.40
C LYS C 65 15.62 21.24 -9.98
N GLU C 66 14.86 22.30 -9.71
CA GLU C 66 14.88 22.93 -8.39
C GLU C 66 13.62 23.75 -8.21
N ASN C 67 13.40 24.17 -6.97
CA ASN C 67 12.27 25.01 -6.59
C ASN C 67 12.80 26.25 -5.89
N LYS C 68 12.22 27.40 -6.22
CA LYS C 68 12.71 28.68 -5.70
C LYS C 68 11.69 29.45 -4.88
N CYS C 69 10.40 29.35 -5.19
CA CYS C 69 9.40 30.13 -4.48
C CYS C 69 9.28 29.69 -3.02
N ASN C 70 9.13 30.66 -2.13
CA ASN C 70 9.11 30.40 -0.70
C ASN C 70 7.81 30.88 -0.06
N GLY C 71 6.68 30.54 -0.67
CA GLY C 71 5.40 31.00 -0.18
C GLY C 71 5.05 30.45 1.18
N THR C 72 4.01 31.02 1.77
CA THR C 72 3.58 30.68 3.12
C THR C 72 2.35 29.78 3.14
N ASP C 73 1.52 29.83 2.11
CA ASP C 73 0.27 29.07 2.10
C ASP C 73 0.54 27.57 2.16
N ALA C 74 -0.36 26.85 2.84
CA ALA C 74 -0.15 25.42 3.07
C ALA C 74 -0.19 24.62 1.77
N LYS C 75 -0.99 25.07 0.79
CA LYS C 75 -1.07 24.35 -0.47
C LYS C 75 0.29 24.31 -1.17
N VAL C 76 1.03 25.43 -1.15
CA VAL C 76 2.36 25.45 -1.72
C VAL C 76 3.27 24.47 -0.99
N LYS C 77 3.15 24.40 0.34
CA LYS C 77 3.97 23.47 1.11
C LYS C 77 3.67 22.03 0.72
N LEU C 78 2.38 21.68 0.59
CA LEU C 78 2.02 20.32 0.20
C LEU C 78 2.52 19.99 -1.20
N ILE C 79 2.37 20.92 -2.14
CA ILE C 79 2.82 20.67 -3.50
C ILE C 79 4.33 20.50 -3.53
N LYS C 80 5.06 21.33 -2.78
CA LYS C 80 6.51 21.22 -2.74
C LYS C 80 6.95 19.90 -2.11
N GLN C 81 6.25 19.46 -1.05
CA GLN C 81 6.58 18.18 -0.43
C GLN C 81 6.35 17.02 -1.39
N GLU C 82 5.23 17.06 -2.14
CA GLU C 82 4.97 15.99 -3.10
C GLU C 82 5.98 16.00 -4.24
N LEU C 83 6.38 17.20 -4.68
CA LEU C 83 7.40 17.30 -5.72
C LEU C 83 8.74 16.77 -5.22
N ASP C 84 9.09 17.04 -3.96
CA ASP C 84 10.31 16.50 -3.38
C ASP C 84 10.26 14.98 -3.30
N LYS C 85 9.10 14.44 -2.93
CA LYS C 85 8.95 12.98 -2.93
C LYS C 85 9.11 12.41 -4.33
N TYR C 86 8.53 13.07 -5.33
CA TYR C 86 8.72 12.66 -6.71
C TYR C 86 10.19 12.66 -7.11
N LYS C 87 10.91 13.74 -6.79
CA LYS C 87 12.32 13.83 -7.15
C LYS C 87 13.14 12.76 -6.44
N ASN C 88 12.84 12.50 -5.16
CA ASN C 88 13.56 11.47 -4.44
C ASN C 88 13.31 10.09 -5.03
N ALA C 89 12.06 9.81 -5.42
CA ALA C 89 11.76 8.54 -6.05
C ALA C 89 12.49 8.39 -7.38
N VAL C 90 12.51 9.46 -8.18
CA VAL C 90 13.21 9.40 -9.46
C VAL C 90 14.70 9.18 -9.25
N THR C 91 15.30 9.86 -8.27
CA THR C 91 16.72 9.68 -7.98
C THR C 91 17.01 8.26 -7.52
N GLU C 92 16.16 7.71 -6.65
CA GLU C 92 16.37 6.34 -6.18
C GLU C 92 16.27 5.34 -7.33
N LEU C 93 15.29 5.53 -8.22
CA LEU C 93 15.18 4.64 -9.37
C LEU C 93 16.37 4.80 -10.31
N GLN C 94 16.89 6.03 -10.43
CA GLN C 94 18.11 6.26 -11.20
C GLN C 94 19.28 5.47 -10.62
N LEU C 95 19.42 5.51 -9.29
CA LEU C 95 20.48 4.76 -8.63
C LEU C 95 20.26 3.25 -8.69
N LEU C 96 19.01 2.81 -8.89
CA LEU C 96 18.75 1.38 -8.96
C LEU C 96 19.36 0.74 -10.20
N MET C 97 19.42 1.47 -11.31
CA MET C 97 19.97 0.93 -12.55
C MET C 97 21.47 0.67 -12.42
N PHE C 137 10.50 -36.47 -5.60
CA PHE C 137 11.52 -37.47 -5.92
C PHE C 137 12.01 -37.31 -7.35
N LEU C 138 13.17 -37.88 -7.66
CA LEU C 138 13.80 -37.76 -8.97
C LEU C 138 13.97 -36.29 -9.36
N GLY C 139 14.38 -35.47 -8.39
CA GLY C 139 14.46 -34.05 -8.64
C GLY C 139 15.73 -33.61 -9.33
N PHE C 140 16.81 -34.37 -9.19
CA PHE C 140 18.11 -33.98 -9.76
C PHE C 140 18.31 -34.53 -11.17
N LEU C 141 17.32 -34.35 -12.03
CA LEU C 141 17.43 -34.69 -13.45
C LEU C 141 16.75 -33.63 -14.30
N LEU C 142 16.83 -32.36 -13.89
CA LEU C 142 16.09 -31.29 -14.52
C LEU C 142 16.95 -30.38 -15.38
N GLY C 143 18.00 -29.81 -14.82
CA GLY C 143 18.79 -28.84 -15.55
C GLY C 143 18.69 -27.46 -14.93
N VAL C 144 19.76 -26.68 -15.08
CA VAL C 144 19.89 -25.38 -14.42
C VAL C 144 19.74 -24.27 -15.47
N GLY C 145 19.01 -24.55 -16.53
CA GLY C 145 18.82 -23.56 -17.57
C GLY C 145 18.21 -22.28 -17.02
N SER C 146 18.73 -21.15 -17.51
CA SER C 146 18.33 -19.84 -17.00
C SER C 146 16.88 -19.55 -17.35
N ALA C 147 16.23 -18.76 -16.48
CA ALA C 147 14.82 -18.42 -16.65
C ALA C 147 14.65 -17.14 -17.49
N ILE C 148 15.21 -16.03 -17.04
CA ILE C 148 15.07 -14.76 -17.72
C ILE C 148 16.30 -14.55 -18.61
N ALA C 149 16.11 -14.69 -19.91
CA ALA C 149 17.16 -14.42 -20.88
C ALA C 149 16.71 -13.50 -22.01
N SER C 150 15.47 -13.65 -22.49
CA SER C 150 14.98 -12.81 -23.57
C SER C 150 14.86 -11.36 -23.14
N GLY C 151 14.36 -11.13 -21.92
CA GLY C 151 14.30 -9.76 -21.41
C GLY C 151 15.65 -9.12 -21.29
N VAL C 152 16.67 -9.90 -20.91
CA VAL C 152 18.03 -9.39 -20.83
C VAL C 152 18.51 -8.95 -22.21
N ALA C 153 18.25 -9.76 -23.24
CA ALA C 153 18.64 -9.39 -24.59
C ALA C 153 17.90 -8.13 -25.06
N VAL C 154 16.61 -8.04 -24.75
CA VAL C 154 15.84 -6.87 -25.16
C VAL C 154 16.38 -5.61 -24.49
N CYS C 155 16.68 -5.71 -23.19
CA CYS C 155 17.24 -4.56 -22.48
C CYS C 155 18.61 -4.19 -23.02
N LYS C 156 19.44 -5.18 -23.36
CA LYS C 156 20.75 -4.90 -23.93
C LYS C 156 20.64 -4.20 -25.28
N VAL C 157 19.68 -4.62 -26.11
CA VAL C 157 19.44 -3.94 -27.38
C VAL C 157 18.95 -2.51 -27.13
N LEU C 158 18.09 -2.33 -26.14
CA LEU C 158 17.61 -0.99 -25.81
C LEU C 158 18.74 -0.08 -25.36
N HIS C 159 19.73 -0.63 -24.66
CA HIS C 159 20.86 0.16 -24.16
C HIS C 159 21.76 0.67 -25.27
N LEU C 160 21.58 0.20 -26.51
CA LEU C 160 22.44 0.59 -27.60
C LEU C 160 22.22 2.05 -27.96
N GLU C 161 22.97 2.52 -28.96
CA GLU C 161 23.04 3.95 -29.28
C GLU C 161 21.78 4.39 -30.02
N GLY C 162 20.95 5.20 -29.35
CA GLY C 162 19.88 5.93 -30.00
C GLY C 162 18.61 5.15 -30.27
N GLU C 163 18.53 3.87 -29.87
CA GLU C 163 17.31 3.11 -30.12
C GLU C 163 16.14 3.67 -29.32
N VAL C 164 16.38 4.07 -28.06
CA VAL C 164 15.32 4.66 -27.25
C VAL C 164 14.84 5.98 -27.86
N ASN C 165 15.75 6.75 -28.45
CA ASN C 165 15.35 7.97 -29.14
C ASN C 165 14.42 7.65 -30.31
N LYS C 166 14.75 6.62 -31.08
CA LYS C 166 13.89 6.21 -32.18
C LYS C 166 12.52 5.75 -31.69
N ILE C 167 12.49 5.01 -30.58
CA ILE C 167 11.21 4.56 -30.03
C ILE C 167 10.37 5.76 -29.59
N LYS C 168 11.00 6.72 -28.90
CA LYS C 168 10.28 7.90 -28.43
C LYS C 168 9.76 8.73 -29.60
N SER C 169 10.56 8.87 -30.65
CA SER C 169 10.15 9.66 -31.80
C SER C 169 9.07 8.96 -32.62
N ALA C 170 8.90 7.65 -32.46
CA ALA C 170 7.90 6.90 -33.21
C ALA C 170 6.60 6.70 -32.43
N LEU C 171 6.48 7.31 -31.25
CA LEU C 171 5.31 7.15 -30.39
C LEU C 171 4.83 8.51 -29.89
N LEU C 172 4.74 9.47 -30.81
CA LEU C 172 4.35 10.84 -30.47
C LEU C 172 2.87 11.12 -30.70
N SER C 173 2.22 10.37 -31.58
CA SER C 173 0.81 10.61 -31.92
C SER C 173 -0.13 9.55 -31.38
N THR C 174 0.25 8.27 -31.44
CA THR C 174 -0.58 7.17 -30.98
C THR C 174 0.12 6.47 -29.84
N ASN C 175 -0.64 6.12 -28.80
CA ASN C 175 -0.05 5.52 -27.60
C ASN C 175 0.42 4.09 -27.84
N LYS C 176 -0.11 3.40 -28.85
CA LYS C 176 0.26 2.02 -29.13
C LYS C 176 0.73 1.91 -30.58
N ALA C 177 1.88 1.28 -30.77
CA ALA C 177 2.44 1.10 -32.10
C ALA C 177 3.44 -0.05 -32.06
N VAL C 178 3.99 -0.38 -33.23
CA VAL C 178 4.99 -1.43 -33.38
C VAL C 178 6.26 -0.78 -33.87
N VAL C 179 7.36 -0.97 -33.13
CA VAL C 179 8.65 -0.40 -33.46
C VAL C 179 9.66 -1.51 -33.64
N SER C 180 10.59 -1.32 -34.56
CA SER C 180 11.65 -2.29 -34.86
C SER C 180 12.98 -1.73 -34.39
N LEU C 181 13.72 -2.55 -33.64
CA LEU C 181 15.02 -2.15 -33.11
C LEU C 181 16.11 -2.48 -34.12
N SER C 182 17.37 -2.42 -33.69
CA SER C 182 18.50 -2.75 -34.55
C SER C 182 18.51 -4.25 -34.84
N ASN C 183 19.47 -4.67 -35.67
CA ASN C 183 19.56 -6.05 -36.15
C ASN C 183 18.23 -6.46 -36.77
N GLY C 184 17.54 -7.42 -36.15
CA GLY C 184 16.19 -7.72 -36.54
C GLY C 184 15.37 -8.26 -35.38
N VAL C 185 14.25 -7.60 -35.09
CA VAL C 185 13.36 -7.99 -33.99
C VAL C 185 12.07 -7.21 -34.13
N SER C 186 10.97 -7.77 -33.63
CA SER C 186 9.68 -7.09 -33.60
C SER C 186 9.12 -7.18 -32.19
N VAL C 187 9.08 -6.05 -31.49
CA VAL C 187 8.63 -6.00 -30.10
C VAL C 187 7.53 -4.94 -29.98
N LEU C 188 6.46 -5.29 -29.27
CA LEU C 188 5.40 -4.33 -29.00
C LEU C 188 5.87 -3.31 -27.98
N THR C 189 5.42 -2.07 -28.14
CA THR C 189 5.71 -0.99 -27.21
C THR C 189 4.41 -0.34 -26.77
N PHE C 190 4.36 0.07 -25.50
CA PHE C 190 3.14 0.63 -24.94
C PHE C 190 3.47 1.77 -23.99
N LYS C 191 2.67 2.84 -24.04
CA LYS C 191 2.84 4.02 -23.22
C LYS C 191 1.73 4.09 -22.18
N VAL C 192 2.11 4.38 -20.93
CA VAL C 192 1.16 4.45 -19.83
C VAL C 192 1.32 5.80 -19.13
N LEU C 193 0.22 6.28 -18.55
CA LEU C 193 0.18 7.53 -17.80
C LEU C 193 0.56 8.73 -18.65
N ASP C 194 0.59 9.92 -18.03
CA ASP C 194 0.93 11.14 -18.75
C ASP C 194 1.52 12.12 -17.74
N LEU C 195 2.81 12.43 -17.90
CA LEU C 195 3.49 13.38 -17.03
C LEU C 195 4.30 14.41 -17.81
N LYS C 196 4.17 14.44 -19.13
CA LYS C 196 4.86 15.43 -19.95
C LYS C 196 4.03 16.69 -20.17
N ASN C 197 2.79 16.73 -19.70
CA ASN C 197 1.92 17.88 -19.87
C ASN C 197 1.43 18.48 -18.56
N TYR C 198 1.03 17.64 -17.60
CA TYR C 198 0.46 18.17 -16.36
C TYR C 198 1.49 18.93 -15.54
N ILE C 199 2.72 18.41 -15.45
CA ILE C 199 3.72 19.01 -14.59
C ILE C 199 4.60 20.00 -15.34
N ASP C 200 4.50 20.07 -16.66
CA ASP C 200 5.42 20.90 -17.44
C ASP C 200 4.83 22.26 -17.79
N LYS C 201 3.51 22.35 -17.99
CA LYS C 201 2.90 23.62 -18.38
C LYS C 201 2.01 24.20 -17.30
N GLN C 202 1.80 23.49 -16.19
CA GLN C 202 0.93 23.95 -15.11
C GLN C 202 1.69 24.31 -13.84
N LEU C 203 2.55 23.42 -13.36
CA LEU C 203 3.24 23.65 -12.09
C LEU C 203 4.63 24.24 -12.26
N LEU C 204 5.42 23.71 -13.21
CA LEU C 204 6.78 24.21 -13.40
C LEU C 204 6.83 25.70 -13.75
N PRO C 205 6.03 26.21 -14.69
CA PRO C 205 6.14 27.65 -15.02
C PRO C 205 5.80 28.58 -13.86
N ILE C 206 5.05 28.11 -12.87
CA ILE C 206 4.65 29.00 -11.78
C ILE C 206 5.48 28.81 -10.52
N LEU C 207 5.98 27.60 -10.26
CA LEU C 207 6.81 27.38 -9.08
C LEU C 207 8.14 28.13 -9.20
N ASN C 208 8.74 28.11 -10.39
CA ASN C 208 10.02 28.79 -10.62
C ASN C 208 9.79 30.30 -10.69
N LYS C 209 9.37 30.85 -9.57
CA LYS C 209 9.07 32.28 -9.44
C LYS C 209 9.36 32.69 -8.00
N GLN C 210 8.88 33.87 -7.61
CA GLN C 210 9.11 34.40 -6.27
C GLN C 210 7.89 34.36 -5.37
N SER C 211 6.69 34.40 -5.93
CA SER C 211 5.46 34.53 -5.15
C SER C 211 4.42 33.51 -5.60
N CYS C 212 4.83 32.24 -5.68
CA CYS C 212 3.93 31.18 -6.09
C CYS C 212 2.73 31.08 -5.15
N SER C 213 1.57 30.74 -5.73
CA SER C 213 0.34 30.59 -4.95
C SER C 213 -0.65 29.79 -5.79
N ILE C 214 -1.19 28.72 -5.21
CA ILE C 214 -2.12 27.83 -5.88
C ILE C 214 -3.50 28.02 -5.24
N SER C 215 -4.45 28.66 -5.94
CA SER C 215 -5.79 28.87 -5.38
C SER C 215 -6.78 27.75 -5.71
N ASN C 216 -6.42 26.52 -5.37
CA ASN C 216 -7.29 25.37 -5.61
C ASN C 216 -6.86 24.24 -4.68
N ILE C 217 -7.72 23.21 -4.61
CA ILE C 217 -7.48 22.09 -3.72
C ILE C 217 -7.54 20.73 -4.41
N GLU C 218 -8.19 20.60 -5.57
CA GLU C 218 -8.29 19.30 -6.23
C GLU C 218 -6.97 18.92 -6.90
N THR C 219 -6.17 19.92 -7.29
CA THR C 219 -4.88 19.65 -7.92
C THR C 219 -3.99 18.85 -6.97
N VAL C 220 -4.05 19.14 -5.67
CA VAL C 220 -3.28 18.38 -4.70
C VAL C 220 -3.68 16.91 -4.72
N ILE C 221 -4.98 16.64 -4.77
CA ILE C 221 -5.47 15.26 -4.78
C ILE C 221 -5.00 14.54 -6.04
N GLU C 222 -5.14 15.19 -7.19
CA GLU C 222 -4.74 14.55 -8.45
C GLU C 222 -3.24 14.28 -8.47
N PHE C 223 -2.44 15.27 -8.06
CA PHE C 223 -1.00 15.12 -8.04
C PHE C 223 -0.57 14.03 -7.06
N GLN C 224 -1.22 13.95 -5.89
CA GLN C 224 -0.89 12.93 -4.93
C GLN C 224 -1.27 11.55 -5.44
N GLN C 225 -2.37 11.42 -6.19
CA GLN C 225 -2.73 10.13 -6.75
C GLN C 225 -1.70 9.66 -7.77
N LYS C 226 -1.34 10.54 -8.71
CA LYS C 226 -0.35 10.16 -9.72
C LYS C 226 1.00 9.86 -9.09
N ASN C 227 1.43 10.69 -8.13
CA ASN C 227 2.70 10.45 -7.46
C ASN C 227 2.66 9.18 -6.63
N ASN C 228 1.51 8.85 -6.03
CA ASN C 228 1.39 7.60 -5.30
C ASN C 228 1.55 6.40 -6.22
N ARG C 229 0.92 6.46 -7.40
CA ARG C 229 1.07 5.37 -8.37
C ARG C 229 2.54 5.21 -8.76
N LEU C 230 3.19 6.30 -9.16
CA LEU C 230 4.58 6.21 -9.61
C LEU C 230 5.50 5.77 -8.48
N LEU C 231 5.26 6.26 -7.26
CA LEU C 231 6.12 5.92 -6.14
C LEU C 231 5.90 4.47 -5.71
N GLU C 232 4.68 3.95 -5.85
CA GLU C 232 4.46 2.53 -5.63
C GLU C 232 5.24 1.69 -6.63
N ILE C 233 5.21 2.09 -7.90
CA ILE C 233 5.98 1.36 -8.92
C ILE C 233 7.47 1.36 -8.56
N THR C 234 8.01 2.54 -8.22
CA THR C 234 9.44 2.61 -7.96
C THR C 234 9.81 1.92 -6.65
N ARG C 235 8.91 1.90 -5.67
CA ARG C 235 9.20 1.19 -4.44
C ARG C 235 9.19 -0.32 -4.67
N GLU C 236 8.29 -0.81 -5.53
CA GLU C 236 8.28 -2.23 -5.81
C GLU C 236 9.47 -2.65 -6.64
N PHE C 237 9.99 -1.77 -7.50
CA PHE C 237 11.31 -2.01 -8.07
C PHE C 237 12.40 -2.02 -7.00
N SER C 238 12.33 -1.07 -6.06
CA SER C 238 13.42 -0.91 -5.09
C SER C 238 13.53 -2.11 -4.15
N VAL C 239 12.40 -2.64 -3.68
CA VAL C 239 12.43 -3.67 -2.65
C VAL C 239 12.98 -4.98 -3.21
N ASN C 240 12.59 -5.34 -4.43
CA ASN C 240 12.86 -6.67 -4.97
C ASN C 240 14.14 -6.71 -5.81
N ALA C 241 15.04 -5.74 -5.64
CA ALA C 241 16.37 -5.73 -6.23
C ALA C 241 16.35 -5.66 -7.76
N GLY C 242 15.25 -5.22 -8.35
CA GLY C 242 15.17 -5.00 -9.78
C GLY C 242 14.45 -6.07 -10.57
N VAL C 243 14.14 -7.21 -9.95
CA VAL C 243 13.41 -8.29 -10.62
C VAL C 243 12.22 -8.66 -9.76
N THR C 244 11.03 -8.65 -10.37
CA THR C 244 9.79 -8.91 -9.66
C THR C 244 9.03 -10.03 -10.34
N THR C 245 8.32 -10.82 -9.54
CA THR C 245 7.45 -11.89 -10.04
C THR C 245 6.49 -12.32 -8.94
N PRO C 246 5.18 -12.41 -9.23
CA PRO C 246 4.57 -12.04 -10.51
C PRO C 246 4.35 -10.53 -10.61
N VAL C 247 4.01 -10.05 -11.81
CA VAL C 247 3.76 -8.63 -12.00
C VAL C 247 2.51 -8.21 -11.23
N SER C 248 2.62 -7.12 -10.49
CA SER C 248 1.51 -6.63 -9.69
C SER C 248 0.53 -5.85 -10.57
N THR C 249 -0.62 -5.50 -9.99
CA THR C 249 -1.61 -4.71 -10.70
C THR C 249 -1.09 -3.32 -11.03
N TYR C 250 -0.15 -2.80 -10.23
CA TYR C 250 0.39 -1.47 -10.49
C TYR C 250 1.16 -1.42 -11.80
N MET C 251 1.89 -2.49 -12.12
CA MET C 251 2.73 -2.48 -13.32
C MET C 251 1.91 -2.65 -14.60
N LEU C 252 0.84 -3.44 -14.56
CA LEU C 252 0.04 -3.73 -15.76
C LEU C 252 -1.42 -3.82 -15.37
N THR C 253 -2.24 -2.89 -15.85
CA THR C 253 -3.66 -2.92 -15.59
C THR C 253 -4.34 -4.00 -16.42
N ASN C 254 -5.59 -4.30 -16.06
CA ASN C 254 -6.34 -5.35 -16.74
C ASN C 254 -6.58 -5.00 -18.21
N SER C 255 -7.01 -3.76 -18.46
CA SER C 255 -7.29 -3.35 -19.83
C SER C 255 -6.05 -3.41 -20.70
N GLU C 256 -4.91 -2.94 -20.18
CA GLU C 256 -3.68 -2.99 -20.94
C GLU C 256 -3.25 -4.42 -21.22
N LEU C 257 -3.39 -5.31 -20.23
CA LEU C 257 -3.03 -6.71 -20.44
C LEU C 257 -3.93 -7.36 -21.48
N LEU C 258 -5.23 -7.08 -21.44
CA LEU C 258 -6.14 -7.63 -22.45
C LEU C 258 -5.80 -7.10 -23.84
N SER C 259 -5.48 -5.81 -23.94
CA SER C 259 -5.08 -5.25 -25.23
C SER C 259 -3.80 -5.90 -25.75
N LEU C 260 -2.83 -6.13 -24.87
CA LEU C 260 -1.59 -6.77 -25.29
C LEU C 260 -1.84 -8.20 -25.74
N ILE C 261 -2.71 -8.93 -25.02
CA ILE C 261 -3.03 -10.30 -25.42
C ILE C 261 -3.73 -10.33 -26.76
N ASN C 262 -4.68 -9.41 -26.97
CA ASN C 262 -5.38 -9.34 -28.25
C ASN C 262 -4.43 -9.01 -29.39
N ASP C 263 -3.49 -8.09 -29.15
CA ASP C 263 -2.52 -7.70 -30.17
C ASP C 263 -1.37 -8.70 -30.32
N MET C 264 -1.29 -9.69 -29.45
CA MET C 264 -0.20 -10.66 -29.53
C MET C 264 -0.35 -11.51 -30.79
N PRO C 265 0.69 -11.61 -31.61
CA PRO C 265 0.60 -12.39 -32.88
C PRO C 265 0.61 -13.90 -32.66
N ILE C 266 -0.56 -14.42 -32.28
CA ILE C 266 -0.76 -15.86 -32.09
C ILE C 266 -2.10 -16.23 -32.71
N THR C 267 -2.47 -17.50 -32.59
CA THR C 267 -3.72 -18.01 -33.15
C THR C 267 -4.89 -17.58 -32.28
N ASN C 268 -6.08 -18.08 -32.58
CA ASN C 268 -7.29 -17.68 -31.87
C ASN C 268 -7.57 -18.57 -30.66
N ASP C 269 -7.30 -19.88 -30.77
CA ASP C 269 -7.56 -20.79 -29.65
C ASP C 269 -6.68 -20.44 -28.44
N GLN C 270 -5.41 -20.12 -28.70
CA GLN C 270 -4.53 -19.73 -27.60
C GLN C 270 -4.99 -18.45 -26.94
N LYS C 271 -5.44 -17.47 -27.74
CA LYS C 271 -5.96 -16.23 -27.16
C LYS C 271 -7.20 -16.49 -26.33
N LYS C 272 -8.09 -17.36 -26.81
CA LYS C 272 -9.30 -17.69 -26.07
C LYS C 272 -8.97 -18.39 -24.76
N LEU C 273 -7.99 -19.29 -24.78
CA LEU C 273 -7.63 -20.03 -23.57
C LEU C 273 -6.87 -19.16 -22.57
N MET C 274 -6.10 -18.17 -23.05
CA MET C 274 -5.29 -17.36 -22.16
C MET C 274 -6.03 -16.13 -21.64
N SER C 275 -7.04 -15.64 -22.37
CA SER C 275 -7.78 -14.47 -21.94
C SER C 275 -8.80 -14.77 -20.85
N ASN C 276 -9.15 -16.04 -20.66
CA ASN C 276 -10.10 -16.41 -19.63
C ASN C 276 -9.42 -16.81 -18.32
N ASN C 277 -8.10 -16.87 -18.30
CA ASN C 277 -7.32 -17.28 -17.12
C ASN C 277 -6.17 -16.31 -16.89
N VAL C 278 -6.48 -15.01 -16.89
CA VAL C 278 -5.44 -13.99 -16.79
C VAL C 278 -4.62 -14.12 -15.50
N GLN C 279 -5.20 -14.70 -14.45
CA GLN C 279 -4.46 -14.89 -13.21
C GLN C 279 -3.26 -15.82 -13.43
N ILE C 280 -3.45 -16.91 -14.16
CA ILE C 280 -2.37 -17.87 -14.38
C ILE C 280 -1.27 -17.25 -15.24
N VAL C 281 -1.66 -16.58 -16.34
CA VAL C 281 -0.66 -16.00 -17.21
C VAL C 281 0.06 -14.84 -16.52
N ARG C 282 -0.61 -14.16 -15.58
CA ARG C 282 0.08 -13.15 -14.78
C ARG C 282 1.03 -13.76 -13.77
N GLN C 283 0.69 -14.95 -13.25
CA GLN C 283 1.52 -15.60 -12.24
C GLN C 283 2.89 -15.99 -12.78
N GLN C 284 2.96 -16.34 -14.06
CA GLN C 284 4.18 -16.88 -14.66
C GLN C 284 4.95 -15.85 -15.48
N SER C 285 4.61 -14.57 -15.39
CA SER C 285 5.26 -13.54 -16.17
C SER C 285 6.52 -13.04 -15.44
N TYR C 286 7.17 -12.03 -16.01
CA TYR C 286 8.38 -11.47 -15.41
C TYR C 286 8.47 -9.99 -15.78
N SER C 287 9.26 -9.26 -15.00
CA SER C 287 9.49 -7.85 -15.24
C SER C 287 10.96 -7.52 -15.02
N ILE C 288 11.54 -6.76 -15.95
CA ILE C 288 12.94 -6.35 -15.89
C ILE C 288 13.00 -4.83 -15.99
N MET C 289 13.73 -4.21 -15.07
CA MET C 289 13.92 -2.77 -15.09
C MET C 289 15.06 -2.44 -16.05
N CYS C 290 14.87 -1.39 -16.86
CA CYS C 290 15.77 -1.13 -17.98
C CYS C 290 16.37 0.26 -17.95
N ILE C 291 17.00 0.66 -19.06
CA ILE C 291 17.79 1.88 -19.09
C ILE C 291 16.94 3.10 -18.74
N ILE C 292 17.56 4.06 -18.07
CA ILE C 292 16.96 5.35 -17.78
C ILE C 292 17.81 6.43 -18.43
N LYS C 293 17.19 7.22 -19.31
CA LYS C 293 17.88 8.30 -20.02
C LYS C 293 16.85 9.06 -20.85
N GLU C 294 17.24 10.27 -21.25
CA GLU C 294 16.46 11.09 -22.18
C GLU C 294 15.02 11.30 -21.70
N GLU C 295 14.87 11.53 -20.39
CA GLU C 295 13.61 11.88 -19.75
C GLU C 295 12.52 10.83 -19.93
N VAL C 296 12.86 9.64 -20.42
CA VAL C 296 11.88 8.58 -20.66
C VAL C 296 12.32 7.34 -19.91
N LEU C 297 11.38 6.71 -19.21
CA LEU C 297 11.64 5.47 -18.48
C LEU C 297 10.96 4.33 -19.22
N ALA C 298 11.73 3.28 -19.50
CA ALA C 298 11.22 2.11 -20.18
C ALA C 298 11.69 0.85 -19.45
N TYR C 299 10.80 -0.13 -19.36
CA TYR C 299 11.15 -1.43 -18.80
C TYR C 299 10.55 -2.52 -19.67
N VAL C 300 10.86 -3.77 -19.34
CA VAL C 300 10.51 -4.92 -20.17
C VAL C 300 9.59 -5.83 -19.38
N VAL C 301 8.47 -6.22 -19.99
CA VAL C 301 7.56 -7.20 -19.43
C VAL C 301 7.62 -8.45 -20.28
N GLN C 302 7.73 -9.61 -19.63
CA GLN C 302 7.90 -10.90 -20.29
C GLN C 302 6.68 -11.75 -19.99
N LEU C 303 5.92 -12.08 -21.03
CA LEU C 303 4.69 -12.85 -20.91
C LEU C 303 4.88 -14.23 -21.53
N PRO C 304 4.41 -15.28 -20.88
CA PRO C 304 4.56 -16.62 -21.46
C PRO C 304 3.71 -16.81 -22.70
N LEU C 305 4.16 -17.71 -23.58
CA LEU C 305 3.47 -18.03 -24.82
C LEU C 305 3.19 -19.53 -24.82
N TYR C 306 1.96 -19.91 -24.49
CA TYR C 306 1.60 -21.31 -24.42
C TYR C 306 1.65 -21.94 -25.80
N GLY C 307 2.16 -23.17 -25.87
CA GLY C 307 2.39 -23.81 -27.14
C GLY C 307 1.70 -25.14 -27.37
N VAL C 308 1.37 -25.87 -26.30
CA VAL C 308 0.71 -27.16 -26.41
C VAL C 308 -0.65 -27.05 -25.74
N ILE C 309 -1.72 -27.34 -26.50
CA ILE C 309 -3.09 -27.13 -26.04
C ILE C 309 -3.90 -28.39 -26.32
N ASP C 310 -4.74 -28.76 -25.34
CA ASP C 310 -5.77 -29.79 -25.50
C ASP C 310 -5.16 -31.14 -25.87
N THR C 311 -4.36 -31.66 -24.94
CA THR C 311 -3.82 -33.01 -25.03
C THR C 311 -4.07 -33.75 -23.73
N PRO C 312 -4.20 -35.09 -23.78
CA PRO C 312 -4.40 -35.84 -22.54
C PRO C 312 -3.24 -35.64 -21.59
N CYS C 313 -3.56 -35.52 -20.30
CA CYS C 313 -2.58 -35.12 -19.30
C CYS C 313 -3.06 -35.66 -17.94
N TRP C 314 -2.47 -36.76 -17.50
CA TRP C 314 -2.91 -37.47 -16.30
C TRP C 314 -1.91 -37.28 -15.15
N LYS C 315 -2.24 -37.86 -14.00
CA LYS C 315 -1.44 -37.69 -12.79
C LYS C 315 -1.24 -39.03 -12.11
N LEU C 316 -0.09 -39.17 -11.44
CA LEU C 316 0.29 -40.39 -10.76
C LEU C 316 0.51 -40.09 -9.28
N HIS C 317 0.24 -41.10 -8.44
CA HIS C 317 0.45 -41.00 -7.01
C HIS C 317 0.94 -42.33 -6.47
N THR C 318 1.86 -42.28 -5.51
CA THR C 318 2.49 -43.47 -4.96
C THR C 318 2.36 -43.49 -3.45
N SER C 319 2.58 -44.68 -2.88
CA SER C 319 2.53 -44.89 -1.44
C SER C 319 3.27 -46.17 -1.13
N PRO C 320 3.95 -46.26 0.02
CA PRO C 320 4.70 -47.47 0.35
C PRO C 320 3.80 -48.69 0.47
N LEU C 321 4.31 -49.83 0.01
CA LEU C 321 3.63 -51.12 0.13
C LEU C 321 4.60 -52.07 0.84
N CYS C 322 4.29 -52.42 2.09
CA CYS C 322 5.16 -53.27 2.89
C CYS C 322 4.38 -54.42 3.50
N THR C 323 5.04 -55.57 3.62
CA THR C 323 4.46 -56.73 4.27
C THR C 323 4.47 -56.55 5.79
N THR C 324 3.49 -57.16 6.44
CA THR C 324 3.35 -57.09 7.89
C THR C 324 3.88 -58.37 8.53
N ASN C 325 4.48 -58.23 9.71
CA ASN C 325 5.01 -59.37 10.45
C ASN C 325 5.10 -58.99 11.92
N THR C 326 5.09 -60.02 12.77
CA THR C 326 5.19 -59.80 14.21
C THR C 326 6.60 -59.45 14.63
N LYS C 327 7.61 -59.91 13.89
CA LYS C 327 9.00 -59.63 14.22
C LYS C 327 9.36 -58.21 13.80
N GLU C 328 9.99 -57.46 14.70
CA GLU C 328 10.38 -56.09 14.41
C GLU C 328 11.69 -56.05 13.65
N GLY C 329 11.75 -55.23 12.61
CA GLY C 329 12.94 -55.05 11.82
C GLY C 329 12.97 -55.81 10.50
N SER C 330 12.13 -56.84 10.36
CA SER C 330 12.06 -57.60 9.12
C SER C 330 10.87 -57.10 8.32
N ASN C 331 11.05 -55.93 7.70
CA ASN C 331 9.99 -55.28 6.93
C ASN C 331 10.54 -54.73 5.62
N ILE C 332 11.36 -55.54 4.93
CA ILE C 332 11.85 -55.15 3.62
C ILE C 332 10.68 -55.02 2.67
N CYS C 333 10.64 -53.92 1.91
CA CYS C 333 9.52 -53.67 1.02
C CYS C 333 9.96 -52.75 -0.11
N LEU C 334 8.98 -52.19 -0.82
CA LEU C 334 9.19 -51.54 -2.11
C LEU C 334 8.34 -50.28 -2.19
N THR C 335 8.84 -49.30 -2.94
CA THR C 335 8.13 -48.04 -3.13
C THR C 335 8.53 -47.47 -4.49
N ARG C 336 7.68 -46.57 -5.01
CA ARG C 336 7.88 -45.95 -6.31
C ARG C 336 8.42 -44.53 -6.15
N THR C 337 9.06 -44.04 -7.21
CA THR C 337 9.60 -42.68 -7.28
C THR C 337 9.18 -42.01 -8.58
N ASP C 338 7.89 -42.06 -8.90
CA ASP C 338 7.38 -41.43 -10.10
C ASP C 338 6.28 -40.43 -9.76
N ARG C 339 6.49 -39.67 -8.69
CA ARG C 339 5.57 -38.60 -8.34
C ARG C 339 5.64 -37.49 -9.39
N GLY C 340 4.63 -36.65 -9.38
CA GLY C 340 4.56 -35.54 -10.31
C GLY C 340 3.56 -35.81 -11.43
N TRP C 341 3.66 -34.98 -12.46
CA TRP C 341 2.72 -34.99 -13.57
C TRP C 341 3.38 -35.67 -14.78
N TYR C 342 2.84 -36.82 -15.16
CA TYR C 342 3.01 -37.29 -16.53
C TYR C 342 2.15 -36.45 -17.46
N CYS C 343 2.55 -36.35 -18.72
CA CYS C 343 1.70 -35.64 -19.65
C CYS C 343 2.16 -35.95 -21.07
N ASP C 344 1.28 -35.67 -22.03
CA ASP C 344 1.50 -36.04 -23.43
C ASP C 344 1.81 -34.79 -24.25
N ASN C 345 2.83 -34.89 -25.10
CA ASN C 345 3.18 -33.82 -26.01
C ASN C 345 3.96 -34.40 -27.18
N ALA C 346 3.66 -33.90 -28.38
CA ALA C 346 4.32 -34.34 -29.61
C ALA C 346 4.28 -35.85 -29.78
N GLY C 347 5.43 -36.50 -29.60
CA GLY C 347 5.50 -37.95 -29.71
C GLY C 347 6.20 -38.60 -28.55
N SER C 348 6.86 -37.79 -27.72
CA SER C 348 7.54 -38.26 -26.52
C SER C 348 6.90 -37.58 -25.30
N VAL C 349 6.53 -38.38 -24.31
CA VAL C 349 5.80 -37.85 -23.16
C VAL C 349 6.71 -36.98 -22.31
N SER C 350 6.12 -35.95 -21.70
CA SER C 350 6.84 -35.08 -20.79
C SER C 350 6.80 -35.66 -19.38
N PHE C 351 7.41 -34.93 -18.44
CA PHE C 351 7.50 -35.41 -17.07
C PHE C 351 7.87 -34.25 -16.17
N PHE C 352 7.04 -33.99 -15.15
CA PHE C 352 7.33 -32.98 -14.14
C PHE C 352 7.42 -33.67 -12.77
N PRO C 353 8.61 -33.88 -12.24
CA PRO C 353 8.71 -34.62 -10.97
C PRO C 353 8.22 -33.83 -9.77
N GLN C 354 8.45 -32.52 -9.74
CA GLN C 354 8.02 -31.70 -8.61
C GLN C 354 6.54 -31.40 -8.72
N ALA C 355 5.79 -31.68 -7.66
CA ALA C 355 4.37 -31.39 -7.63
C ALA C 355 4.07 -29.94 -7.27
N GLU C 356 5.07 -29.19 -6.81
CA GLU C 356 4.89 -27.78 -6.47
C GLU C 356 5.36 -26.83 -7.56
N THR C 357 5.87 -27.35 -8.68
CA THR C 357 6.34 -26.49 -9.75
C THR C 357 5.20 -25.85 -10.54
N CYS C 358 4.01 -26.44 -10.52
CA CYS C 358 2.87 -25.89 -11.24
C CYS C 358 1.59 -26.26 -10.51
N LYS C 359 0.53 -25.51 -10.82
CA LYS C 359 -0.72 -25.58 -10.08
C LYS C 359 -1.87 -25.98 -10.99
N VAL C 360 -2.71 -26.89 -10.50
CA VAL C 360 -3.96 -27.22 -11.18
C VAL C 360 -4.97 -26.12 -10.93
N GLN C 361 -5.65 -25.68 -12.00
CA GLN C 361 -6.58 -24.56 -11.89
C GLN C 361 -7.74 -24.78 -12.86
N SER C 362 -8.91 -25.09 -12.32
CA SER C 362 -10.16 -25.18 -13.07
C SER C 362 -10.04 -26.19 -14.23
N ASN C 363 -9.80 -27.45 -13.85
CA ASN C 363 -9.74 -28.57 -14.79
C ASN C 363 -8.64 -28.37 -15.83
N ARG C 364 -7.55 -27.70 -15.44
CA ARG C 364 -6.42 -27.51 -16.32
C ARG C 364 -5.14 -27.57 -15.50
N VAL C 365 -4.05 -27.89 -16.18
CA VAL C 365 -2.81 -28.30 -15.51
C VAL C 365 -1.64 -27.42 -15.91
N PHE C 366 -1.90 -26.12 -16.14
CA PHE C 366 -0.89 -25.16 -16.58
C PHE C 366 0.45 -25.42 -15.89
N CYS C 367 1.49 -25.66 -16.70
CA CYS C 367 2.77 -26.08 -16.14
C CYS C 367 3.90 -25.62 -17.04
N ASP C 368 5.00 -25.19 -16.42
CA ASP C 368 6.19 -24.79 -17.14
C ASP C 368 6.90 -26.02 -17.70
N THR C 369 7.73 -25.79 -18.73
CA THR C 369 8.47 -26.86 -19.37
C THR C 369 9.98 -26.76 -19.12
N MET C 370 10.44 -25.74 -18.41
CA MET C 370 11.87 -25.61 -18.13
C MET C 370 12.37 -26.76 -17.26
N ASN C 371 11.58 -27.16 -16.28
CA ASN C 371 11.90 -28.29 -15.40
C ASN C 371 11.01 -29.45 -15.81
N SER C 372 11.48 -30.23 -16.80
CA SER C 372 10.69 -31.34 -17.34
C SER C 372 11.65 -32.32 -17.99
N LEU C 373 11.11 -33.51 -18.29
CA LEU C 373 11.88 -34.57 -18.92
C LEU C 373 11.30 -34.87 -20.30
N THR C 374 11.88 -35.88 -20.96
CA THR C 374 11.58 -36.24 -22.34
C THR C 374 11.40 -37.76 -22.45
N LEU C 375 10.56 -38.31 -21.57
CA LEU C 375 10.44 -39.76 -21.50
C LEU C 375 9.79 -40.31 -22.76
N PRO C 376 10.14 -41.54 -23.16
CA PRO C 376 9.52 -42.14 -24.34
C PRO C 376 8.04 -42.43 -24.12
N SER C 377 7.32 -42.52 -25.23
CA SER C 377 5.88 -42.71 -25.20
C SER C 377 5.46 -44.09 -24.70
N GLU C 378 6.41 -44.95 -24.30
CA GLU C 378 6.10 -46.27 -23.77
C GLU C 378 6.19 -46.30 -22.25
N VAL C 379 6.28 -45.14 -21.60
CA VAL C 379 6.30 -45.11 -20.13
C VAL C 379 4.98 -45.57 -19.53
N ASN C 380 3.88 -45.48 -20.29
CA ASN C 380 2.58 -45.89 -19.79
C ASN C 380 2.40 -47.39 -19.95
N LEU C 381 3.37 -48.16 -19.44
CA LEU C 381 3.30 -49.62 -19.47
C LEU C 381 3.50 -50.28 -18.12
N CYS C 382 4.19 -49.66 -17.17
CA CYS C 382 4.33 -50.24 -15.84
C CYS C 382 3.23 -49.79 -14.89
N ASN C 383 2.27 -48.98 -15.38
CA ASN C 383 1.13 -48.59 -14.56
C ASN C 383 0.11 -49.70 -14.41
N VAL C 384 0.15 -50.73 -15.25
CA VAL C 384 -0.75 -51.87 -15.12
C VAL C 384 -0.13 -52.96 -14.25
N ASP C 385 1.12 -53.32 -14.54
CA ASP C 385 1.85 -54.32 -13.77
C ASP C 385 3.33 -54.17 -14.12
N ILE C 386 4.19 -54.09 -13.10
CA ILE C 386 5.63 -53.87 -13.34
C ILE C 386 6.26 -55.25 -13.50
N PHE C 387 5.98 -55.86 -14.66
CA PHE C 387 6.57 -57.14 -15.08
C PHE C 387 7.12 -57.11 -16.49
N ASN C 388 6.65 -56.22 -17.36
CA ASN C 388 7.01 -56.27 -18.77
C ASN C 388 8.42 -55.76 -18.98
N PRO C 389 9.33 -56.53 -19.60
CA PRO C 389 10.69 -56.06 -19.89
C PRO C 389 10.76 -55.06 -21.03
N LYS C 390 9.95 -54.01 -20.94
CA LYS C 390 9.94 -52.92 -21.90
C LYS C 390 10.47 -51.62 -21.31
N TYR C 391 10.03 -51.25 -20.11
CA TYR C 391 10.50 -50.06 -19.43
C TYR C 391 10.34 -50.23 -17.93
N ASP C 392 11.39 -49.89 -17.19
CA ASP C 392 11.35 -49.89 -15.74
C ASP C 392 11.12 -48.48 -15.22
N CYS C 393 10.47 -48.39 -14.06
CA CYS C 393 10.03 -47.11 -13.53
C CYS C 393 10.42 -46.93 -12.06
N LYS C 394 11.70 -47.18 -11.77
CA LYS C 394 12.42 -46.55 -10.65
C LYS C 394 11.83 -46.91 -9.29
N ILE C 395 12.01 -48.19 -8.95
CA ILE C 395 11.74 -48.68 -7.60
C ILE C 395 12.56 -47.90 -6.57
N MET C 396 12.04 -47.83 -5.34
CA MET C 396 12.62 -47.08 -4.22
C MET C 396 12.72 -47.98 -3.00
N THR C 397 13.38 -49.13 -3.17
CA THR C 397 13.53 -50.08 -2.09
C THR C 397 14.09 -49.41 -0.83
N SER C 398 13.65 -49.92 0.32
CA SER C 398 14.08 -49.41 1.62
C SER C 398 13.82 -50.50 2.66
N LYS C 399 14.13 -50.20 3.91
CA LYS C 399 13.94 -51.11 5.03
C LYS C 399 13.36 -50.36 6.23
N THR C 400 12.35 -49.54 5.97
CA THR C 400 11.70 -48.75 7.01
C THR C 400 10.21 -49.05 7.01
N ASP C 401 9.61 -49.07 8.19
CA ASP C 401 8.18 -49.36 8.37
C ASP C 401 7.55 -48.21 9.14
N VAL C 402 6.95 -47.27 8.42
CA VAL C 402 6.26 -46.13 9.02
C VAL C 402 4.93 -45.95 8.32
N SER C 403 3.87 -45.75 9.09
CA SER C 403 2.54 -45.53 8.53
C SER C 403 2.47 -44.16 7.87
N SER C 404 1.60 -44.05 6.87
CA SER C 404 1.49 -42.82 6.11
C SER C 404 0.12 -42.77 5.43
N SER C 405 -0.22 -41.59 4.91
CA SER C 405 -1.47 -41.41 4.19
C SER C 405 -1.28 -40.31 3.16
N VAL C 406 -1.89 -40.50 1.99
CA VAL C 406 -1.82 -39.53 0.90
C VAL C 406 -3.23 -39.24 0.41
N ILE C 407 -3.47 -37.98 0.04
CA ILE C 407 -4.79 -37.54 -0.39
C ILE C 407 -4.72 -37.16 -1.86
N THR C 408 -5.12 -38.08 -2.74
CA THR C 408 -5.11 -37.80 -4.17
C THR C 408 -6.28 -36.88 -4.52
N SER C 409 -6.43 -36.59 -5.81
CA SER C 409 -7.39 -35.59 -6.26
C SER C 409 -8.84 -36.00 -6.01
N LEU C 410 -9.12 -37.28 -5.79
CA LEU C 410 -10.50 -37.72 -5.64
C LEU C 410 -10.67 -38.64 -4.43
N GLY C 411 -9.59 -39.28 -4.00
CA GLY C 411 -9.67 -40.24 -2.91
C GLY C 411 -8.51 -40.18 -1.94
N ALA C 412 -8.40 -41.21 -1.08
CA ALA C 412 -7.35 -41.28 -0.09
C ALA C 412 -6.73 -42.67 -0.10
N ILE C 413 -5.40 -42.73 0.05
CA ILE C 413 -4.66 -43.98 0.16
C ILE C 413 -3.95 -43.98 1.50
N VAL C 414 -4.22 -45.00 2.32
CA VAL C 414 -3.67 -45.08 3.67
C VAL C 414 -2.83 -46.34 3.75
N SER C 415 -1.54 -46.18 4.07
CA SER C 415 -0.63 -47.30 4.32
C SER C 415 -0.46 -47.40 5.83
N CYS C 416 -1.13 -48.38 6.43
CA CYS C 416 -1.23 -48.52 7.88
C CYS C 416 -0.45 -49.75 8.31
N TYR C 417 0.46 -49.58 9.27
CA TYR C 417 1.35 -50.64 9.69
C TYR C 417 1.49 -50.63 11.21
N GLY C 418 1.99 -51.75 11.75
CA GLY C 418 2.29 -51.83 13.16
C GLY C 418 1.05 -51.74 14.04
N LYS C 419 1.24 -51.15 15.21
CA LYS C 419 0.19 -51.02 16.21
C LYS C 419 -0.54 -49.68 16.14
N THR C 420 -0.19 -48.83 15.19
CA THR C 420 -0.83 -47.53 15.06
C THR C 420 -2.29 -47.69 14.65
N LYS C 421 -3.15 -46.87 15.23
CA LYS C 421 -4.58 -46.92 14.94
C LYS C 421 -4.90 -45.98 13.78
N CYS C 422 -5.62 -46.50 12.79
CA CYS C 422 -5.94 -45.77 11.57
C CYS C 422 -7.39 -46.04 11.20
N THR C 423 -8.19 -44.97 11.12
CA THR C 423 -9.61 -45.11 10.88
C THR C 423 -10.13 -43.97 10.01
N ALA C 424 -11.08 -44.29 9.13
CA ALA C 424 -11.85 -43.26 8.44
C ALA C 424 -13.00 -42.80 9.34
N SER C 425 -13.64 -41.71 8.92
CA SER C 425 -14.72 -41.14 9.71
C SER C 425 -15.76 -40.52 8.77
N ASN C 426 -16.80 -39.94 9.37
CA ASN C 426 -17.88 -39.32 8.62
C ASN C 426 -18.50 -38.24 9.49
N LYS C 427 -19.26 -37.35 8.86
CA LYS C 427 -19.89 -36.25 9.57
C LYS C 427 -21.18 -36.65 10.28
N ASN C 428 -21.72 -37.83 10.00
CA ASN C 428 -22.97 -38.25 10.62
C ASN C 428 -22.99 -39.68 11.10
N ARG C 429 -21.91 -40.45 10.90
CA ARG C 429 -21.88 -41.84 11.32
C ARG C 429 -20.63 -42.19 12.13
N GLY C 430 -19.79 -41.21 12.45
CA GLY C 430 -18.60 -41.49 13.23
C GLY C 430 -17.65 -42.43 12.49
N ILE C 431 -17.18 -43.45 13.21
CA ILE C 431 -16.25 -44.41 12.63
C ILE C 431 -16.98 -45.27 11.60
N ILE C 432 -16.38 -45.41 10.42
CA ILE C 432 -17.00 -46.19 9.35
C ILE C 432 -16.09 -47.30 8.82
N LYS C 433 -14.79 -47.27 9.09
CA LYS C 433 -13.88 -48.30 8.61
C LYS C 433 -12.78 -48.54 9.63
N THR C 434 -12.15 -49.70 9.52
CA THR C 434 -11.19 -50.19 10.50
C THR C 434 -9.95 -50.73 9.79
N PHE C 435 -9.37 -49.90 8.92
CA PHE C 435 -8.26 -50.27 8.04
C PHE C 435 -7.28 -51.20 8.72
N SER C 436 -6.99 -52.32 8.06
CA SER C 436 -6.09 -53.34 8.58
C SER C 436 -4.66 -53.05 8.12
N ASN C 437 -3.77 -54.03 8.29
CA ASN C 437 -2.39 -53.86 7.89
C ASN C 437 -2.27 -53.75 6.37
N GLY C 438 -1.23 -53.06 5.93
CA GLY C 438 -1.01 -52.84 4.51
C GLY C 438 -1.58 -51.50 4.05
N CYS C 439 -1.69 -51.37 2.74
CA CYS C 439 -2.19 -50.13 2.14
C CYS C 439 -3.57 -50.37 1.54
N ASP C 440 -4.47 -49.42 1.78
CA ASP C 440 -5.85 -49.52 1.33
C ASP C 440 -6.27 -48.19 0.72
N TYR C 441 -7.33 -48.26 -0.09
CA TYR C 441 -7.86 -47.11 -0.80
C TYR C 441 -9.29 -46.86 -0.37
N VAL C 442 -9.59 -45.61 0.00
CA VAL C 442 -10.95 -45.20 0.34
C VAL C 442 -11.35 -44.06 -0.59
N SER C 443 -12.56 -44.15 -1.15
CA SER C 443 -13.04 -43.20 -2.13
C SER C 443 -13.96 -42.17 -1.50
N ASN C 444 -14.14 -41.05 -2.20
CA ASN C 444 -15.01 -39.97 -1.74
C ASN C 444 -16.45 -40.31 -2.11
N LYS C 445 -17.04 -41.20 -1.32
CA LYS C 445 -18.43 -41.60 -1.53
C LYS C 445 -19.18 -41.70 -0.19
N GLY C 446 -18.83 -40.85 0.77
CA GLY C 446 -19.47 -40.87 2.07
C GLY C 446 -18.51 -40.63 3.22
N VAL C 447 -17.23 -40.45 2.92
CA VAL C 447 -16.20 -40.20 3.92
C VAL C 447 -15.61 -38.82 3.68
N ASP C 448 -15.29 -38.12 4.78
CA ASP C 448 -14.71 -36.79 4.69
C ASP C 448 -13.61 -36.56 5.72
N THR C 449 -13.02 -37.63 6.26
CA THR C 449 -12.06 -37.51 7.35
C THR C 449 -11.26 -38.79 7.52
N VAL C 450 -9.93 -38.70 7.60
CA VAL C 450 -9.07 -39.86 7.79
C VAL C 450 -8.10 -39.56 8.92
N SER C 451 -8.10 -40.39 9.96
CA SER C 451 -7.20 -40.24 11.08
C SER C 451 -6.21 -41.38 11.11
N VAL C 452 -4.92 -41.04 11.25
CA VAL C 452 -3.86 -42.04 11.32
C VAL C 452 -3.02 -41.73 12.55
N GLY C 453 -2.87 -42.73 13.44
CA GLY C 453 -2.11 -42.51 14.65
C GLY C 453 -2.72 -41.41 15.50
N ASN C 454 -2.06 -40.25 15.53
CA ASN C 454 -2.56 -39.07 16.22
C ASN C 454 -2.52 -37.85 15.31
N THR C 455 -2.80 -38.05 14.02
CA THR C 455 -2.87 -36.94 13.07
C THR C 455 -4.11 -37.11 12.19
N LEU C 456 -4.60 -35.99 11.68
CA LEU C 456 -5.90 -35.92 11.02
C LEU C 456 -5.75 -35.30 9.63
N TYR C 457 -6.49 -35.83 8.66
CA TYR C 457 -6.49 -35.34 7.30
C TYR C 457 -7.91 -35.23 6.78
N TYR C 458 -8.13 -34.23 5.93
CA TYR C 458 -9.41 -34.02 5.26
C TYR C 458 -9.30 -34.47 3.81
N VAL C 459 -10.37 -35.09 3.31
CA VAL C 459 -10.39 -35.65 1.96
C VAL C 459 -11.00 -34.62 1.01
N ASN C 460 -10.45 -34.53 -0.19
CA ASN C 460 -11.00 -33.63 -1.20
C ASN C 460 -12.39 -34.08 -1.61
N LYS C 461 -13.19 -33.11 -2.07
CA LYS C 461 -14.58 -33.35 -2.44
C LYS C 461 -14.80 -32.90 -3.88
N GLN C 462 -15.02 -33.87 -4.77
CA GLN C 462 -15.30 -33.61 -6.18
C GLN C 462 -16.27 -34.66 -6.68
N GLU C 463 -16.51 -34.66 -7.98
CA GLU C 463 -17.43 -35.61 -8.61
C GLU C 463 -16.67 -36.44 -9.63
N GLY C 464 -16.82 -37.76 -9.54
CA GLY C 464 -16.16 -38.66 -10.46
C GLY C 464 -16.31 -40.09 -10.01
N LYS C 465 -15.90 -40.99 -10.90
CA LYS C 465 -15.97 -42.42 -10.64
C LYS C 465 -14.79 -42.84 -9.76
N SER C 466 -14.81 -44.11 -9.33
CA SER C 466 -13.73 -44.65 -8.51
C SER C 466 -13.68 -46.16 -8.73
N LEU C 467 -12.74 -46.62 -9.54
CA LEU C 467 -12.56 -48.03 -9.81
C LEU C 467 -11.66 -48.66 -8.75
N TYR C 468 -11.54 -49.99 -8.81
CA TYR C 468 -10.74 -50.74 -7.85
C TYR C 468 -10.30 -52.03 -8.52
N VAL C 469 -9.04 -52.09 -8.94
CA VAL C 469 -8.49 -53.26 -9.60
C VAL C 469 -7.81 -54.11 -8.54
N LYS C 470 -8.42 -55.26 -8.20
CA LYS C 470 -7.87 -56.15 -7.20
C LYS C 470 -6.65 -56.88 -7.75
N GLY C 471 -5.73 -57.23 -6.84
CA GLY C 471 -4.53 -57.94 -7.22
C GLY C 471 -3.82 -58.57 -6.05
N GLU C 472 -2.48 -58.63 -6.12
CA GLU C 472 -1.67 -59.22 -5.07
C GLU C 472 -0.41 -58.38 -4.92
N PRO C 473 -0.01 -58.04 -3.70
CA PRO C 473 1.24 -57.29 -3.51
C PRO C 473 2.43 -58.05 -4.06
N ILE C 474 3.35 -57.31 -4.69
CA ILE C 474 4.50 -57.93 -5.34
C ILE C 474 5.66 -58.17 -4.40
N ILE C 475 5.63 -57.61 -3.19
CA ILE C 475 6.69 -57.88 -2.23
C ILE C 475 6.66 -59.34 -1.80
N ASN C 476 5.47 -59.94 -1.73
CA ASN C 476 5.37 -61.35 -1.36
C ASN C 476 6.05 -62.25 -2.37
N PHE C 477 6.10 -61.84 -3.64
CA PHE C 477 6.82 -62.61 -4.64
C PHE C 477 8.31 -62.67 -4.33
N TYR C 478 8.88 -61.55 -3.89
CA TYR C 478 10.29 -61.52 -3.53
C TYR C 478 10.55 -62.34 -2.27
N ASP C 479 11.59 -63.14 -2.29
CA ASP C 479 11.93 -63.98 -1.15
C ASP C 479 12.80 -63.21 -0.17
N PRO C 480 12.43 -63.14 1.11
CA PRO C 480 13.26 -62.40 2.08
C PRO C 480 14.58 -63.11 2.39
N LEU C 481 15.34 -62.51 3.31
CA LEU C 481 16.61 -63.02 3.83
C LEU C 481 17.72 -62.90 2.80
N VAL C 482 17.36 -62.54 1.57
CA VAL C 482 18.34 -62.13 0.57
C VAL C 482 17.71 -61.01 -0.25
N PHE C 483 18.20 -59.80 -0.04
CA PHE C 483 17.53 -58.64 -0.60
C PHE C 483 18.48 -57.45 -0.51
N PRO C 484 18.68 -56.71 -1.60
CA PRO C 484 19.74 -55.68 -1.60
C PRO C 484 19.49 -54.54 -0.61
N SER C 485 18.34 -53.86 -0.70
CA SER C 485 17.99 -52.73 0.15
C SER C 485 18.90 -51.52 -0.07
N ASP C 486 18.43 -50.36 0.41
CA ASP C 486 19.20 -49.11 0.37
C ASP C 486 19.65 -48.74 -1.04
N GLU C 487 18.75 -48.88 -2.00
CA GLU C 487 18.97 -48.37 -3.35
C GLU C 487 17.97 -47.24 -3.61
N PHE C 488 18.48 -46.04 -3.86
CA PHE C 488 17.60 -44.89 -4.05
C PHE C 488 16.94 -44.88 -5.42
N ASP C 489 17.59 -45.44 -6.44
CA ASP C 489 17.08 -45.41 -7.80
C ASP C 489 17.16 -46.81 -8.42
N ALA C 490 16.69 -47.80 -7.68
CA ALA C 490 16.58 -49.15 -8.21
C ALA C 490 15.56 -49.17 -9.35
N SER C 491 15.86 -49.95 -10.39
CA SER C 491 15.06 -49.95 -11.61
C SER C 491 14.71 -51.37 -12.03
N ILE C 492 14.22 -52.17 -11.09
CA ILE C 492 13.71 -53.52 -11.34
C ILE C 492 14.80 -54.40 -11.93
N SER C 493 15.34 -54.01 -13.09
CA SER C 493 16.40 -54.78 -13.72
C SER C 493 17.65 -54.83 -12.83
N GLN C 494 17.99 -53.71 -12.19
CA GLN C 494 19.17 -53.67 -11.34
C GLN C 494 19.01 -54.58 -10.12
N VAL C 495 17.84 -54.53 -9.47
CA VAL C 495 17.63 -55.36 -8.29
C VAL C 495 17.56 -56.83 -8.67
N ASN C 496 16.97 -57.13 -9.82
CA ASN C 496 16.94 -58.52 -10.29
C ASN C 496 18.34 -59.02 -10.61
N GLU C 497 19.17 -58.17 -11.22
CA GLU C 497 20.55 -58.56 -11.49
C GLU C 497 21.32 -58.79 -10.20
N LYS C 498 21.11 -57.93 -9.20
CA LYS C 498 21.78 -58.13 -7.90
C LYS C 498 21.33 -59.43 -7.26
N ILE C 499 20.04 -59.73 -7.30
CA ILE C 499 19.52 -60.96 -6.71
C ILE C 499 20.11 -62.17 -7.44
N ASN C 500 20.15 -62.13 -8.77
CA ASN C 500 20.71 -63.24 -9.53
C ASN C 500 22.18 -63.43 -9.23
N GLN C 501 22.94 -62.34 -9.13
CA GLN C 501 24.36 -62.43 -8.80
C GLN C 501 24.57 -63.04 -7.42
N SER C 502 23.78 -62.61 -6.45
CA SER C 502 23.90 -63.15 -5.10
C SER C 502 23.56 -64.64 -5.07
N LEU C 503 22.48 -65.03 -5.77
CA LEU C 503 22.11 -66.44 -5.81
C LEU C 503 23.18 -67.28 -6.49
N ALA C 504 23.75 -66.79 -7.58
CA ALA C 504 24.82 -67.51 -8.26
C ALA C 504 26.05 -67.64 -7.37
N PHE C 505 26.40 -66.57 -6.66
CA PHE C 505 27.56 -66.61 -5.79
C PHE C 505 27.37 -67.61 -4.66
N ILE C 506 26.21 -67.60 -4.01
CA ILE C 506 25.98 -68.53 -2.90
C ILE C 506 25.88 -69.96 -3.42
N ARG C 507 25.30 -70.16 -4.61
CA ARG C 507 25.22 -71.49 -5.19
C ARG C 507 26.62 -72.03 -5.49
N LYS C 508 27.49 -71.21 -6.07
CA LYS C 508 28.86 -71.64 -6.33
C LYS C 508 29.59 -71.92 -5.03
N SER C 509 29.36 -71.09 -4.01
CA SER C 509 30.04 -71.28 -2.72
C SER C 509 29.63 -72.61 -2.08
N ASP C 510 28.34 -72.95 -2.12
CA ASP C 510 27.92 -74.20 -1.51
C ASP C 510 28.29 -75.41 -2.38
N GLU C 511 28.33 -75.24 -3.70
CA GLU C 511 28.72 -76.34 -4.58
C GLU C 511 30.20 -76.68 -4.43
N LEU C 512 31.06 -75.66 -4.35
CA LEU C 512 32.49 -75.91 -4.20
C LEU C 512 32.85 -76.43 -2.82
N LEU C 513 31.95 -76.31 -1.85
CA LEU C 513 32.20 -76.80 -0.50
C LEU C 513 31.46 -78.11 -0.25
N GLN D 1 -31.34 23.99 -26.31
CA GLN D 1 -31.67 22.62 -25.95
C GLN D 1 -33.01 22.20 -26.56
N GLU D 2 -33.44 22.94 -27.58
CA GLU D 2 -34.67 22.60 -28.28
C GLU D 2 -34.57 21.20 -28.89
N GLN D 3 -35.61 20.41 -28.71
CA GLN D 3 -35.61 19.03 -29.16
C GLN D 3 -36.49 18.79 -30.38
N SER D 4 -37.31 19.78 -30.79
CA SER D 4 -38.14 19.70 -31.98
C SER D 4 -39.07 18.49 -31.93
N VAL D 5 -39.87 18.42 -30.87
CA VAL D 5 -40.85 17.34 -30.72
C VAL D 5 -42.19 17.89 -30.22
N GLN D 6 -43.10 18.15 -31.17
CA GLN D 6 -44.44 18.67 -30.89
C GLN D 6 -45.31 18.39 -32.10
N SER D 7 -46.58 18.77 -31.98
CA SER D 7 -47.52 18.68 -33.08
C SER D 7 -47.43 19.95 -33.94
N GLY D 8 -48.39 20.14 -34.85
CA GLY D 8 -48.41 21.28 -35.72
C GLY D 8 -49.31 22.40 -35.21
N ALA D 9 -49.35 23.47 -36.00
CA ALA D 9 -50.16 24.63 -35.65
C ALA D 9 -51.64 24.30 -35.73
N GLU D 10 -52.43 25.03 -34.93
CA GLU D 10 -53.87 24.80 -34.84
C GLU D 10 -54.61 26.12 -34.95
N VAL D 11 -55.61 26.16 -35.84
CA VAL D 11 -56.51 27.30 -35.99
C VAL D 11 -57.92 26.81 -35.70
N LYS D 12 -58.61 27.50 -34.80
CA LYS D 12 -59.92 27.05 -34.37
C LYS D 12 -60.93 28.20 -34.33
N LYS D 13 -62.12 27.93 -33.80
CA LYS D 13 -63.21 28.90 -33.72
C LYS D 13 -63.74 28.95 -32.29
N PRO D 14 -64.29 30.08 -31.88
CA PRO D 14 -64.80 30.19 -30.50
C PRO D 14 -65.93 29.20 -30.24
N GLY D 15 -65.99 28.70 -29.02
CA GLY D 15 -67.02 27.77 -28.60
C GLY D 15 -66.70 26.31 -28.82
N ALA D 16 -65.60 25.99 -29.50
CA ALA D 16 -65.21 24.62 -29.76
C ALA D 16 -64.17 24.17 -28.73
N SER D 17 -63.58 23.00 -28.95
CA SER D 17 -62.56 22.45 -28.08
C SER D 17 -61.28 22.24 -28.89
N VAL D 18 -60.15 22.40 -28.22
CA VAL D 18 -58.83 22.26 -28.85
C VAL D 18 -58.06 21.14 -28.17
N LYS D 19 -57.29 20.41 -28.97
CA LYS D 19 -56.56 19.23 -28.53
C LYS D 19 -55.09 19.39 -28.89
N VAL D 20 -54.21 19.19 -27.92
CA VAL D 20 -52.76 19.29 -28.15
C VAL D 20 -52.09 18.03 -27.62
N SER D 21 -51.23 17.43 -28.44
CA SER D 21 -50.57 16.17 -28.11
C SER D 21 -49.07 16.37 -28.07
N CYS D 22 -48.42 15.79 -27.05
CA CYS D 22 -46.98 15.81 -26.92
C CYS D 22 -46.48 14.41 -26.60
N ARG D 23 -45.57 13.89 -27.42
CA ARG D 23 -45.03 12.56 -27.21
C ARG D 23 -43.75 12.65 -26.37
N ALA D 24 -43.68 11.84 -25.32
CA ALA D 24 -42.59 11.90 -24.36
C ALA D 24 -41.68 10.67 -24.45
N SER D 25 -41.44 10.18 -25.66
CA SER D 25 -40.54 9.06 -25.88
C SER D 25 -39.26 9.47 -26.61
N GLU D 26 -39.16 10.72 -27.05
CA GLU D 26 -37.99 11.20 -27.77
C GLU D 26 -37.21 12.25 -27.00
N PHE D 27 -37.45 12.39 -25.70
CA PHE D 27 -36.74 13.38 -24.90
C PHE D 27 -35.31 12.94 -24.56
N THR D 28 -34.96 11.69 -24.85
CA THR D 28 -33.60 11.15 -24.71
C THR D 28 -33.20 11.05 -23.24
N PHE D 29 -34.04 11.54 -22.34
CA PHE D 29 -33.79 11.48 -20.91
C PHE D 29 -35.06 11.07 -20.18
N SER D 30 -34.90 10.25 -19.14
CA SER D 30 -36.02 9.87 -18.31
C SER D 30 -36.51 11.07 -17.50
N SER D 31 -37.83 11.22 -17.43
CA SER D 31 -38.43 12.36 -16.74
C SER D 31 -39.53 11.88 -15.81
N ASP D 32 -39.70 12.60 -14.71
CA ASP D 32 -40.75 12.32 -13.74
C ASP D 32 -41.90 13.32 -13.81
N PHE D 33 -41.79 14.36 -14.62
CA PHE D 33 -42.85 15.35 -14.74
C PHE D 33 -42.84 15.92 -16.16
N ILE D 34 -44.02 16.31 -16.62
CA ILE D 34 -44.21 16.73 -18.02
C ILE D 34 -44.90 18.10 -18.09
N HIS D 35 -44.63 18.97 -17.12
CA HIS D 35 -45.32 20.26 -16.97
C HIS D 35 -45.58 20.94 -18.30
N TRP D 36 -46.79 21.49 -18.43
CA TRP D 36 -47.20 22.24 -19.61
C TRP D 36 -47.13 23.72 -19.31
N VAL D 37 -46.52 24.49 -20.22
CA VAL D 37 -46.36 25.92 -20.04
C VAL D 37 -46.92 26.64 -21.26
N ARG D 38 -47.81 27.59 -21.03
CA ARG D 38 -48.38 28.40 -22.09
C ARG D 38 -47.77 29.80 -22.05
N GLN D 39 -47.74 30.44 -23.22
CA GLN D 39 -47.18 31.79 -23.33
C GLN D 39 -47.90 32.53 -24.43
N VAL D 40 -48.50 33.67 -24.10
CA VAL D 40 -49.12 34.56 -25.06
C VAL D 40 -48.03 35.47 -25.62
N PRO D 41 -47.96 35.67 -26.93
CA PRO D 41 -46.90 36.53 -27.49
C PRO D 41 -47.00 37.95 -26.96
N GLY D 42 -45.83 38.55 -26.72
CA GLY D 42 -45.76 39.88 -26.17
C GLY D 42 -45.85 39.96 -24.66
N GLN D 43 -45.90 38.83 -23.97
CA GLN D 43 -45.99 38.81 -22.52
C GLN D 43 -45.03 37.74 -21.99
N GLY D 44 -45.15 37.44 -20.70
CA GLY D 44 -44.29 36.47 -20.06
C GLY D 44 -44.93 35.10 -19.93
N LEU D 45 -44.18 34.19 -19.31
CA LEU D 45 -44.63 32.82 -19.13
C LEU D 45 -45.69 32.74 -18.03
N GLU D 46 -46.35 31.58 -17.96
CA GLU D 46 -47.36 31.32 -16.94
C GLU D 46 -47.63 29.82 -16.84
N TRP D 47 -47.65 29.30 -15.62
CA TRP D 47 -47.85 27.86 -15.43
C TRP D 47 -49.27 27.45 -15.79
N MET D 48 -49.40 26.24 -16.31
CA MET D 48 -50.67 25.70 -16.78
C MET D 48 -51.10 24.45 -16.02
N GLY D 49 -50.20 23.48 -15.86
CA GLY D 49 -50.54 22.27 -15.13
C GLY D 49 -49.49 21.21 -15.34
N ARG D 50 -49.66 20.11 -14.61
CA ARG D 50 -48.72 19.00 -14.68
C ARG D 50 -49.43 17.69 -14.43
N ILE D 51 -48.89 16.63 -15.02
CA ILE D 51 -49.36 15.27 -14.81
C ILE D 51 -48.15 14.34 -14.71
N THR D 52 -48.23 13.37 -13.81
CA THR D 52 -47.13 12.42 -13.62
C THR D 52 -47.27 11.27 -14.61
N PRO D 53 -46.27 11.01 -15.45
CA PRO D 53 -46.40 9.92 -16.42
C PRO D 53 -46.49 8.54 -15.79
N SER D 54 -46.07 8.38 -14.53
CA SER D 54 -46.08 7.06 -13.90
C SER D 54 -47.50 6.56 -13.70
N ASP D 55 -48.38 7.39 -13.13
CA ASP D 55 -49.76 6.99 -12.89
C ASP D 55 -50.78 7.85 -13.61
N GLY D 56 -50.65 9.18 -13.55
CA GLY D 56 -51.59 10.05 -14.21
C GLY D 56 -52.23 11.07 -13.29
N THR D 57 -51.62 11.29 -12.13
CA THR D 57 -52.13 12.30 -11.19
C THR D 57 -52.01 13.69 -11.81
N THR D 58 -53.09 14.46 -11.72
CA THR D 58 -53.18 15.76 -12.37
C THR D 58 -53.17 16.88 -11.33
N THR D 59 -52.48 17.97 -11.65
CA THR D 59 -52.51 19.17 -10.82
C THR D 59 -52.55 20.39 -11.73
N TYR D 60 -53.60 21.20 -11.60
CA TYR D 60 -53.81 22.37 -12.43
C TYR D 60 -53.66 23.63 -11.58
N ALA D 61 -53.94 24.77 -12.21
CA ALA D 61 -54.02 26.06 -11.54
C ALA D 61 -55.48 26.38 -11.23
N GLN D 62 -55.66 27.34 -10.32
CA GLN D 62 -57.01 27.72 -9.92
C GLN D 62 -57.79 28.32 -11.08
N LYS D 63 -57.14 29.16 -11.88
CA LYS D 63 -57.82 29.81 -13.01
C LYS D 63 -58.29 28.78 -14.03
N PHE D 64 -57.44 27.79 -14.34
CA PHE D 64 -57.76 26.78 -15.34
C PHE D 64 -58.52 25.59 -14.77
N GLN D 65 -58.85 25.60 -13.49
CA GLN D 65 -59.55 24.48 -12.88
C GLN D 65 -60.94 24.33 -13.49
N GLY D 66 -61.31 23.08 -13.80
CA GLY D 66 -62.61 22.78 -14.33
C GLY D 66 -62.78 23.02 -15.82
N ARG D 67 -61.70 23.34 -16.54
CA ARG D 67 -61.77 23.58 -17.97
C ARG D 67 -60.83 22.72 -18.79
N VAL D 68 -59.63 22.44 -18.28
CA VAL D 68 -58.62 21.69 -19.01
C VAL D 68 -58.58 20.26 -18.50
N THR D 69 -58.37 19.31 -19.40
CA THR D 69 -58.30 17.89 -19.05
C THR D 69 -57.05 17.27 -19.65
N MET D 70 -56.25 16.62 -18.81
CA MET D 70 -55.02 15.97 -19.24
C MET D 70 -55.17 14.46 -19.12
N THR D 71 -54.71 13.75 -20.15
CA THR D 71 -54.76 12.30 -20.17
C THR D 71 -53.46 11.76 -20.75
N ARG D 72 -53.18 10.50 -20.44
CA ARG D 72 -51.97 9.83 -20.90
C ARG D 72 -52.32 8.56 -21.65
N ASP D 73 -51.75 8.40 -22.84
CA ASP D 73 -51.88 7.19 -23.62
C ASP D 73 -50.59 6.39 -23.52
N PRO D 74 -50.62 5.19 -22.94
CA PRO D 74 -49.40 4.39 -22.80
C PRO D 74 -49.03 3.58 -24.04
N SER D 75 -49.74 3.76 -25.16
CA SER D 75 -49.36 3.07 -26.39
C SER D 75 -47.98 3.52 -26.85
N THR D 76 -47.67 4.82 -26.72
CA THR D 76 -46.36 5.33 -27.03
C THR D 76 -45.89 6.31 -25.94
N GLY D 77 -46.55 6.31 -24.78
CA GLY D 77 -46.19 7.21 -23.71
C GLY D 77 -46.42 8.66 -24.04
N THR D 78 -47.57 8.97 -24.62
CA THR D 78 -47.88 10.31 -25.11
C THR D 78 -48.89 10.97 -24.16
N VAL D 79 -48.85 12.30 -24.08
CA VAL D 79 -49.75 13.06 -23.24
C VAL D 79 -50.65 13.92 -24.12
N TYR D 80 -51.93 13.97 -23.78
CA TYR D 80 -52.93 14.75 -24.50
C TYR D 80 -53.54 15.76 -23.54
N ILE D 81 -53.73 16.99 -24.02
CA ILE D 81 -54.39 18.04 -23.25
C ILE D 81 -55.56 18.56 -24.06
N GLU D 82 -56.71 18.70 -23.39
CA GLU D 82 -57.95 19.15 -23.99
C GLU D 82 -58.37 20.44 -23.31
N LEU D 83 -58.61 21.49 -24.11
CA LEU D 83 -59.18 22.73 -23.61
C LEU D 83 -60.56 22.93 -24.23
N ARG D 84 -61.49 23.44 -23.42
CA ARG D 84 -62.88 23.58 -23.83
C ARG D 84 -63.31 25.04 -23.74
N ARG D 85 -64.15 25.46 -24.68
CA ARG D 85 -64.76 26.79 -24.69
C ARG D 85 -63.69 27.89 -24.70
N LEU D 86 -62.93 27.91 -25.80
CA LEU D 86 -61.89 28.93 -25.99
C LEU D 86 -62.57 30.27 -26.28
N LYS D 87 -62.93 30.96 -25.21
CA LYS D 87 -63.62 32.25 -25.31
C LYS D 87 -62.62 33.36 -25.65
N SER D 88 -61.98 33.20 -26.81
CA SER D 88 -60.94 34.10 -27.30
C SER D 88 -59.78 34.23 -26.32
N GLU D 89 -58.83 35.11 -26.62
CA GLU D 89 -57.68 35.45 -25.79
C GLU D 89 -56.71 34.28 -25.64
N ASP D 90 -57.03 33.11 -26.19
CA ASP D 90 -56.21 31.91 -26.02
C ASP D 90 -55.16 31.74 -27.11
N THR D 91 -55.05 32.70 -28.03
CA THR D 91 -54.03 32.62 -29.08
C THR D 91 -52.65 32.70 -28.45
N ALA D 92 -51.93 31.59 -28.41
CA ALA D 92 -50.68 31.52 -27.67
C ALA D 92 -49.86 30.33 -28.18
N VAL D 93 -48.77 30.04 -27.46
CA VAL D 93 -47.87 28.95 -27.78
C VAL D 93 -47.72 28.06 -26.55
N TYR D 94 -47.81 26.75 -26.77
CA TYR D 94 -47.80 25.77 -25.70
C TYR D 94 -46.53 24.93 -25.79
N TYR D 95 -45.89 24.69 -24.65
CA TYR D 95 -44.68 23.88 -24.56
C TYR D 95 -44.89 22.75 -23.56
N CYS D 96 -44.43 21.56 -23.92
CA CYS D 96 -44.35 20.43 -23.01
C CYS D 96 -42.89 20.20 -22.64
N VAL D 97 -42.59 20.19 -21.35
CA VAL D 97 -41.22 20.19 -20.87
C VAL D 97 -41.02 19.03 -19.90
N ALA D 98 -39.82 18.48 -19.88
CA ALA D 98 -39.41 17.50 -18.89
C ALA D 98 -38.70 18.24 -17.76
N TYR D 99 -39.15 17.99 -16.52
CA TYR D 99 -38.76 18.83 -15.40
C TYR D 99 -38.66 17.94 -14.15
N ASP D 100 -37.44 17.57 -13.77
CA ASP D 100 -37.22 16.74 -12.60
C ASP D 100 -36.05 17.30 -11.80
N ARG D 101 -36.16 17.23 -10.47
CA ARG D 101 -35.10 17.67 -9.58
C ARG D 101 -35.11 16.81 -8.32
N VAL D 102 -33.91 16.41 -7.90
CA VAL D 102 -33.75 15.57 -6.71
C VAL D 102 -32.60 16.14 -5.87
N THR D 103 -32.77 16.08 -4.55
CA THR D 103 -31.76 16.55 -3.61
C THR D 103 -31.45 15.45 -2.61
N THR D 104 -30.21 15.46 -2.12
CA THR D 104 -29.73 14.46 -1.16
C THR D 104 -28.89 15.18 -0.12
N SER D 105 -28.18 14.39 0.70
CA SER D 105 -27.33 14.97 1.73
C SER D 105 -26.18 15.77 1.12
N ALA D 106 -25.59 15.25 0.04
CA ALA D 106 -24.46 15.92 -0.62
C ALA D 106 -24.63 15.75 -2.13
N GLY D 107 -25.21 16.77 -2.77
CA GLY D 107 -25.37 16.74 -4.21
C GLY D 107 -26.82 16.90 -4.66
N THR D 108 -27.03 17.67 -5.72
CA THR D 108 -28.35 17.91 -6.28
C THR D 108 -28.33 17.57 -7.76
N GLY D 109 -29.37 16.90 -8.23
CA GLY D 109 -29.49 16.53 -9.63
C GLY D 109 -30.71 17.18 -10.25
N ALA D 110 -30.58 17.57 -11.52
CA ALA D 110 -31.66 18.24 -12.22
C ALA D 110 -31.72 17.79 -13.66
N THR D 111 -32.91 17.90 -14.25
CA THR D 111 -33.13 17.58 -15.66
C THR D 111 -34.24 18.48 -16.16
N ASP D 112 -33.92 19.35 -17.10
CA ASP D 112 -34.88 20.33 -17.63
C ASP D 112 -34.69 20.38 -19.14
N ILE D 113 -35.72 19.93 -19.86
CA ILE D 113 -35.71 19.91 -21.32
C ILE D 113 -36.98 20.59 -21.82
N TRP D 114 -36.83 21.58 -22.69
CA TRP D 114 -37.98 22.26 -23.28
C TRP D 114 -38.23 21.74 -24.69
N GLY D 115 -39.48 21.91 -25.13
CA GLY D 115 -39.91 21.43 -26.42
C GLY D 115 -39.96 22.52 -27.48
N GLN D 116 -40.25 22.10 -28.71
CA GLN D 116 -40.35 23.05 -29.82
C GLN D 116 -41.51 24.01 -29.61
N GLY D 117 -42.65 23.52 -29.14
CA GLY D 117 -43.80 24.36 -28.89
C GLY D 117 -44.75 24.43 -30.07
N THR D 118 -46.05 24.35 -29.81
CA THR D 118 -47.08 24.46 -30.83
C THR D 118 -47.81 25.79 -30.68
N MET D 119 -48.43 26.24 -31.76
CA MET D 119 -49.15 27.50 -31.80
C MET D 119 -50.64 27.22 -31.93
N VAL D 120 -51.43 27.76 -31.02
CA VAL D 120 -52.88 27.58 -31.03
C VAL D 120 -53.52 28.96 -31.14
N THR D 121 -54.34 29.16 -32.17
CA THR D 121 -55.00 30.44 -32.38
C THR D 121 -56.48 30.22 -32.64
N VAL D 122 -57.29 31.21 -32.26
CA VAL D 122 -58.73 31.18 -32.46
C VAL D 122 -59.15 32.47 -33.16
N SER D 123 -60.00 32.34 -34.17
CA SER D 123 -60.46 33.49 -34.93
C SER D 123 -61.78 33.13 -35.62
N SER D 124 -62.48 34.17 -36.06
CA SER D 124 -63.75 33.99 -36.76
C SER D 124 -63.53 33.41 -38.15
N ASP E 1 -51.08 32.44 -3.95
CA ASP E 1 -49.82 32.07 -4.59
C ASP E 1 -48.67 32.93 -4.09
N ILE E 2 -47.61 33.02 -4.88
CA ILE E 2 -46.41 33.77 -4.54
C ILE E 2 -46.12 34.76 -5.66
N VAL E 3 -45.88 36.01 -5.31
CA VAL E 3 -45.68 37.09 -6.26
C VAL E 3 -44.20 37.44 -6.31
N MET E 4 -43.65 37.58 -7.52
CA MET E 4 -42.24 37.87 -7.72
C MET E 4 -42.06 39.21 -8.43
N THR E 5 -40.94 39.86 -8.13
CA THR E 5 -40.55 41.09 -8.80
C THR E 5 -39.09 41.00 -9.24
N GLN E 6 -38.76 41.75 -10.28
CA GLN E 6 -37.41 41.76 -10.82
C GLN E 6 -36.90 43.19 -10.91
N SER E 7 -35.58 43.33 -10.92
CA SER E 7 -34.97 44.64 -10.99
C SER E 7 -33.65 44.57 -11.73
N PRO E 8 -33.42 45.42 -12.74
CA PRO E 8 -34.43 46.37 -13.22
C PRO E 8 -35.32 45.77 -14.30
N LEU E 9 -36.21 46.59 -14.87
CA LEU E 9 -37.05 46.17 -15.98
C LEU E 9 -36.43 46.49 -17.33
N SER E 10 -35.22 47.07 -17.35
CA SER E 10 -34.50 47.37 -18.58
C SER E 10 -33.05 47.64 -18.20
N LEU E 11 -32.13 46.99 -18.89
CA LEU E 11 -30.71 47.08 -18.56
C LEU E 11 -29.88 46.85 -19.81
N PRO E 12 -29.54 47.91 -20.53
CA PRO E 12 -28.59 47.77 -21.65
C PRO E 12 -27.22 47.36 -21.13
N VAL E 13 -26.51 46.58 -21.94
CA VAL E 13 -25.22 46.01 -21.55
C VAL E 13 -24.22 46.25 -22.66
N THR E 14 -22.95 46.44 -22.28
CA THR E 14 -21.77 46.70 -23.09
C THR E 14 -20.91 45.45 -23.22
N PRO E 15 -20.41 45.15 -24.41
CA PRO E 15 -19.65 43.90 -24.59
C PRO E 15 -18.29 43.94 -23.92
N GLY E 16 -18.25 43.64 -22.62
CA GLY E 16 -17.01 43.63 -21.88
C GLY E 16 -17.15 44.08 -20.43
N GLU E 17 -18.33 44.58 -20.06
CA GLU E 17 -18.58 44.95 -18.68
C GLU E 17 -19.57 43.98 -18.04
N PRO E 18 -19.47 43.73 -16.74
CA PRO E 18 -20.36 42.78 -16.08
C PRO E 18 -21.77 43.35 -15.94
N ALA E 19 -22.68 42.50 -15.47
CA ALA E 19 -24.07 42.88 -15.28
C ALA E 19 -24.67 42.04 -14.16
N SER E 20 -25.72 42.57 -13.54
CA SER E 20 -26.39 41.90 -12.42
C SER E 20 -27.88 42.20 -12.48
N ILE E 21 -28.69 41.17 -12.21
CA ILE E 21 -30.13 41.29 -12.17
C ILE E 21 -30.65 40.66 -10.88
N SER E 22 -31.61 41.31 -10.23
CA SER E 22 -32.08 40.90 -8.92
C SER E 22 -33.52 40.40 -8.99
N CYS E 23 -33.77 39.25 -8.37
CA CYS E 23 -35.12 38.71 -8.20
C CYS E 23 -35.49 38.79 -6.73
N ARG E 24 -36.61 39.46 -6.45
CA ARG E 24 -37.13 39.61 -5.10
C ARG E 24 -38.45 38.86 -5.00
N SER E 25 -38.64 38.15 -3.89
CA SER E 25 -39.72 37.19 -3.75
C SER E 25 -40.62 37.56 -2.59
N SER E 26 -41.73 36.82 -2.48
CA SER E 26 -42.64 36.88 -1.35
C SER E 26 -42.07 36.07 -0.19
N GLN E 27 -42.92 35.71 0.78
CA GLN E 27 -42.51 34.92 1.93
C GLN E 27 -41.51 33.83 1.55
N SER E 28 -40.50 33.66 2.41
CA SER E 28 -39.27 32.97 2.08
C SER E 28 -39.49 31.70 1.27
N LEU E 29 -38.72 31.56 0.19
CA LEU E 29 -38.73 30.37 -0.66
C LEU E 29 -37.86 29.26 -0.11
N LEU E 30 -37.16 29.49 1.00
CA LEU E 30 -36.24 28.51 1.53
C LEU E 30 -36.98 27.26 1.99
N HIS E 31 -36.52 26.11 1.53
CA HIS E 31 -37.10 24.83 1.90
C HIS E 31 -36.57 24.38 3.26
N GLY E 32 -36.71 23.09 3.55
CA GLY E 32 -36.37 22.54 4.85
C GLY E 32 -34.96 21.99 4.85
N ASP E 33 -34.82 20.69 4.60
CA ASP E 33 -33.54 19.98 4.60
C ASP E 33 -32.39 20.82 4.06
N GLY E 34 -32.59 21.51 2.94
CA GLY E 34 -31.58 22.44 2.47
C GLY E 34 -31.87 22.92 1.06
N TYR E 35 -31.09 23.92 0.66
CA TYR E 35 -31.08 24.50 -0.68
C TYR E 35 -32.37 25.27 -1.00
N ASN E 36 -32.23 26.35 -1.77
CA ASN E 36 -33.39 27.12 -2.21
C ASN E 36 -34.08 26.38 -3.36
N TYR E 37 -35.11 27.02 -3.92
CA TYR E 37 -35.88 26.43 -5.00
C TYR E 37 -36.19 27.46 -6.07
N LEU E 38 -35.19 28.26 -6.44
CA LEU E 38 -35.36 29.32 -7.42
C LEU E 38 -34.44 29.09 -8.62
N ASP E 39 -34.93 29.46 -9.80
CA ASP E 39 -34.24 29.19 -11.05
C ASP E 39 -34.26 30.44 -11.93
N TRP E 40 -33.24 30.55 -12.77
CA TRP E 40 -33.10 31.63 -13.75
C TRP E 40 -33.14 31.02 -15.14
N TYR E 41 -34.08 31.48 -15.96
CA TYR E 41 -34.29 31.00 -17.32
C TYR E 41 -33.91 32.09 -18.32
N LEU E 42 -33.41 31.67 -19.48
CA LEU E 42 -33.05 32.56 -20.56
C LEU E 42 -33.92 32.25 -21.78
N GLN E 43 -34.20 33.27 -22.58
CA GLN E 43 -34.97 33.11 -23.81
C GLN E 43 -34.44 34.06 -24.86
N LYS E 44 -33.96 33.50 -25.98
CA LYS E 44 -33.60 34.28 -27.14
C LYS E 44 -34.84 34.56 -28.00
N PRO E 45 -34.82 35.63 -28.80
CA PRO E 45 -36.00 35.95 -29.62
C PRO E 45 -36.31 34.89 -30.66
N GLY E 46 -37.48 34.26 -30.54
CA GLY E 46 -37.98 33.30 -31.50
C GLY E 46 -37.80 31.85 -31.09
N ARG E 47 -36.67 31.51 -30.46
CA ARG E 47 -36.38 30.13 -30.11
C ARG E 47 -37.12 29.75 -28.82
N SER E 48 -36.79 28.58 -28.28
CA SER E 48 -37.39 28.06 -27.06
C SER E 48 -36.53 28.39 -25.85
N PRO E 49 -37.15 28.63 -24.70
CA PRO E 49 -36.37 28.98 -23.50
C PRO E 49 -35.41 27.87 -23.10
N GLN E 50 -34.27 28.29 -22.58
CA GLN E 50 -33.21 27.39 -22.14
C GLN E 50 -32.86 27.69 -20.69
N LEU E 51 -32.65 26.63 -19.90
CA LEU E 51 -32.30 26.82 -18.51
C LEU E 51 -30.92 27.45 -18.38
N LEU E 52 -30.79 28.38 -17.44
CA LEU E 52 -29.51 29.03 -17.16
C LEU E 52 -28.98 28.67 -15.79
N ILE E 53 -29.76 28.89 -14.73
CA ILE E 53 -29.33 28.60 -13.36
C ILE E 53 -30.44 27.81 -12.68
N TYR E 54 -30.06 26.75 -11.96
CA TYR E 54 -31.00 25.93 -11.23
C TYR E 54 -30.57 25.82 -9.78
N LEU E 55 -31.55 25.80 -8.88
CA LEU E 55 -31.34 25.60 -7.44
C LEU E 55 -30.36 26.62 -6.87
N GLY E 56 -30.53 27.87 -7.26
CA GLY E 56 -29.81 28.97 -6.63
C GLY E 56 -28.47 29.33 -7.23
N SER E 57 -27.46 28.47 -7.04
CA SER E 57 -26.09 28.83 -7.41
C SER E 57 -25.35 27.69 -8.08
N HIS E 58 -26.06 26.85 -8.83
CA HIS E 58 -25.45 25.77 -9.59
C HIS E 58 -25.66 26.00 -11.08
N ARG E 59 -25.01 25.16 -11.89
CA ARG E 59 -25.07 25.28 -13.34
C ARG E 59 -25.34 23.93 -13.97
N ALA E 60 -26.08 23.95 -15.07
CA ALA E 60 -26.42 22.74 -15.81
C ALA E 60 -25.39 22.49 -16.91
N SER E 61 -25.70 21.56 -17.81
CA SER E 61 -24.84 21.32 -18.95
C SER E 61 -24.85 22.51 -19.90
N GLY E 62 -23.70 22.78 -20.51
CA GLY E 62 -23.55 23.95 -21.36
C GLY E 62 -23.20 25.16 -20.52
N VAL E 63 -23.96 26.24 -20.69
CA VAL E 63 -23.89 27.49 -19.92
C VAL E 63 -22.44 27.85 -19.60
N PRO E 64 -21.65 28.32 -20.59
CA PRO E 64 -20.22 28.58 -20.37
C PRO E 64 -19.93 29.41 -19.13
N ASP E 65 -18.69 29.31 -18.64
CA ASP E 65 -18.34 29.81 -17.32
C ASP E 65 -18.28 31.33 -17.25
N ARG E 66 -19.43 31.99 -17.43
CA ARG E 66 -19.55 33.41 -17.13
C ARG E 66 -20.87 33.78 -16.46
N PHE E 67 -21.72 32.80 -16.15
CA PHE E 67 -22.96 33.05 -15.43
C PHE E 67 -22.84 32.52 -14.01
N SER E 68 -23.42 33.25 -13.05
CA SER E 68 -23.38 32.81 -11.66
C SER E 68 -24.62 33.32 -10.94
N GLY E 69 -24.95 32.65 -9.84
CA GLY E 69 -26.04 33.06 -9.00
C GLY E 69 -25.59 33.20 -7.55
N SER E 70 -26.31 34.03 -6.82
CA SER E 70 -25.97 34.27 -5.42
C SER E 70 -27.23 34.69 -4.68
N GLY E 71 -27.18 34.57 -3.35
CA GLY E 71 -28.28 34.98 -2.52
C GLY E 71 -28.81 33.88 -1.63
N SER E 72 -29.46 34.26 -0.53
CA SER E 72 -30.05 33.30 0.40
C SER E 72 -31.21 33.97 1.11
N GLY E 73 -32.35 33.27 1.15
CA GLY E 73 -33.53 33.81 1.78
C GLY E 73 -34.60 34.26 0.80
N THR E 74 -34.75 35.57 0.63
CA THR E 74 -35.79 36.14 -0.23
C THR E 74 -35.25 36.92 -1.42
N ASP E 75 -33.97 37.29 -1.42
CA ASP E 75 -33.37 38.05 -2.50
C ASP E 75 -32.32 37.21 -3.21
N PHE E 76 -32.30 37.25 -4.53
CA PHE E 76 -31.32 36.52 -5.31
C PHE E 76 -30.80 37.39 -6.44
N THR E 77 -29.56 37.14 -6.85
CA THR E 77 -28.90 37.93 -7.88
C THR E 77 -28.24 37.00 -8.89
N LEU E 78 -28.48 37.29 -10.17
CA LEU E 78 -27.79 36.64 -11.27
C LEU E 78 -26.73 37.59 -11.82
N ARG E 79 -25.49 37.12 -11.88
CA ARG E 79 -24.34 37.95 -12.20
C ARG E 79 -23.61 37.36 -13.41
N ILE E 80 -23.25 38.22 -14.35
CA ILE E 80 -22.47 37.83 -15.52
C ILE E 80 -21.03 38.29 -15.31
N SER E 81 -20.09 37.36 -15.38
CA SER E 81 -18.68 37.70 -15.17
C SER E 81 -18.16 38.60 -16.27
N ARG E 82 -18.40 38.23 -17.53
CA ARG E 82 -17.98 39.04 -18.67
C ARG E 82 -18.94 38.74 -19.81
N VAL E 83 -19.88 39.65 -20.05
CA VAL E 83 -20.91 39.44 -21.06
C VAL E 83 -20.31 39.47 -22.45
N GLU E 84 -20.98 38.82 -23.39
CA GLU E 84 -20.60 38.83 -24.80
C GLU E 84 -21.74 39.42 -25.62
N ALA E 85 -21.63 39.34 -26.94
CA ALA E 85 -22.61 39.90 -27.86
C ALA E 85 -23.74 38.92 -28.17
N GLU E 86 -23.77 37.76 -27.52
CA GLU E 86 -24.77 36.72 -27.77
C GLU E 86 -25.66 36.48 -26.56
N ASP E 87 -25.85 37.50 -25.72
CA ASP E 87 -26.66 37.37 -24.52
C ASP E 87 -27.91 38.26 -24.56
N VAL E 88 -28.27 38.80 -25.73
CA VAL E 88 -29.50 39.57 -25.85
C VAL E 88 -30.70 38.63 -25.69
N GLY E 89 -31.74 39.13 -25.05
CA GLY E 89 -32.94 38.33 -24.89
C GLY E 89 -33.71 38.72 -23.65
N ILE E 90 -34.43 37.75 -23.10
CA ILE E 90 -35.30 37.93 -21.95
C ILE E 90 -34.91 36.94 -20.86
N TYR E 91 -34.91 37.41 -19.61
CA TYR E 91 -34.58 36.59 -18.46
C TYR E 91 -35.82 36.43 -17.58
N TYR E 92 -35.99 35.22 -17.02
CA TYR E 92 -37.16 34.89 -16.23
C TYR E 92 -36.72 34.27 -14.90
N CYS E 93 -37.52 34.52 -13.86
CA CYS E 93 -37.27 34.02 -12.51
C CYS E 93 -38.39 33.07 -12.12
N MET E 94 -38.03 31.88 -11.65
CA MET E 94 -38.98 30.81 -11.40
C MET E 94 -38.80 30.23 -10.01
N GLN E 95 -39.90 29.74 -9.42
CA GLN E 95 -39.89 29.12 -8.11
C GLN E 95 -40.27 27.65 -8.20
N GLY E 96 -39.95 26.92 -7.13
CA GLY E 96 -40.27 25.49 -7.08
C GLY E 96 -40.68 24.96 -5.72
N LEU E 97 -41.21 25.82 -4.85
CA LEU E 97 -41.53 25.39 -3.49
C LEU E 97 -42.94 24.82 -3.38
N GLN E 98 -43.95 25.64 -3.67
CA GLN E 98 -45.33 25.19 -3.76
C GLN E 98 -45.67 24.95 -5.22
N THR E 99 -46.94 24.65 -5.51
CA THR E 99 -47.25 24.50 -6.93
C THR E 99 -48.36 25.40 -7.45
N PRO E 100 -48.43 26.70 -7.07
CA PRO E 100 -48.92 27.70 -8.01
C PRO E 100 -47.75 28.37 -8.71
N PHE E 101 -47.07 27.66 -9.61
CA PHE E 101 -45.85 28.18 -10.22
C PHE E 101 -46.13 29.52 -10.91
N THR E 102 -45.23 30.48 -10.70
CA THR E 102 -45.44 31.85 -11.17
C THR E 102 -44.11 32.39 -11.69
N PHE E 103 -44.02 32.55 -13.00
CA PHE E 103 -42.84 33.18 -13.59
C PHE E 103 -42.89 34.69 -13.37
N GLY E 104 -41.72 35.31 -13.35
CA GLY E 104 -41.64 36.74 -13.19
C GLY E 104 -42.01 37.49 -14.45
N PRO E 105 -42.14 38.81 -14.33
CA PRO E 105 -42.46 39.63 -15.51
C PRO E 105 -41.44 39.47 -16.63
N GLY E 106 -40.15 39.34 -16.29
CA GLY E 106 -39.13 39.16 -17.30
C GLY E 106 -38.31 40.41 -17.56
N THR E 107 -36.99 40.27 -17.46
CA THR E 107 -36.07 41.39 -17.68
C THR E 107 -35.50 41.32 -19.09
N ARG E 108 -35.55 42.43 -19.81
CA ARG E 108 -35.06 42.50 -21.18
C ARG E 108 -33.63 43.03 -21.18
N VAL E 109 -32.74 42.31 -21.85
CA VAL E 109 -31.34 42.69 -21.96
C VAL E 109 -31.00 42.82 -23.44
N ASP E 110 -30.53 44.00 -23.85
CA ASP E 110 -30.18 44.27 -25.23
C ASP E 110 -28.81 44.95 -25.29
N LEU E 111 -28.18 44.83 -26.45
CA LEU E 111 -26.85 45.42 -26.65
C LEU E 111 -26.96 46.93 -26.78
N LYS E 112 -26.00 47.64 -26.19
CA LYS E 112 -25.97 49.10 -26.26
C LYS E 112 -24.85 49.58 -27.18
N GLN F 26 9.55 -21.58 32.99
CA GLN F 26 10.76 -21.48 32.19
C GLN F 26 11.73 -22.61 32.51
N ASN F 27 12.93 -22.24 32.99
CA ASN F 27 13.98 -23.19 33.36
C ASN F 27 14.31 -24.11 32.19
N ILE F 28 14.81 -23.50 31.12
CA ILE F 28 15.19 -24.23 29.92
C ILE F 28 16.52 -24.95 30.16
N THR F 29 16.45 -26.25 30.42
CA THR F 29 17.64 -27.03 30.68
C THR F 29 18.18 -27.64 29.39
N GLU F 30 19.47 -27.96 29.40
CA GLU F 30 20.13 -28.54 28.24
C GLU F 30 21.20 -29.53 28.69
N GLU F 31 21.31 -30.64 27.97
CA GLU F 31 22.32 -31.65 28.24
C GLU F 31 23.06 -31.97 26.96
N PHE F 32 24.34 -32.35 27.10
CA PHE F 32 25.18 -32.73 25.98
C PHE F 32 25.74 -34.11 26.24
N TYR F 33 25.51 -35.04 25.31
CA TYR F 33 26.00 -36.40 25.42
C TYR F 33 27.15 -36.61 24.45
N GLN F 34 28.34 -36.86 24.99
CA GLN F 34 29.53 -37.05 24.17
C GLN F 34 29.66 -38.45 23.62
N SER F 35 28.83 -39.40 24.08
CA SER F 35 28.90 -40.75 23.56
C SER F 35 28.58 -40.78 22.07
N THR F 36 27.55 -40.04 21.65
CA THR F 36 27.20 -39.90 20.25
C THR F 36 27.38 -38.45 19.78
N CYS F 37 27.79 -37.56 20.67
CA CYS F 37 28.01 -36.14 20.36
C CYS F 37 26.71 -35.49 19.89
N SER F 38 25.73 -35.49 20.78
CA SER F 38 24.42 -34.90 20.53
C SER F 38 24.04 -33.98 21.68
N ALA F 39 23.01 -33.16 21.45
CA ALA F 39 22.53 -32.22 22.44
C ALA F 39 21.02 -32.32 22.55
N VAL F 40 20.51 -32.20 23.78
CA VAL F 40 19.07 -32.22 24.05
C VAL F 40 18.71 -30.98 24.85
N SER F 41 17.58 -30.37 24.51
CA SER F 41 17.07 -29.19 25.19
C SER F 41 15.66 -29.48 25.69
N LYS F 42 15.44 -29.32 26.99
CA LYS F 42 14.17 -29.66 27.61
C LYS F 42 13.64 -28.46 28.38
N GLY F 43 12.31 -28.39 28.48
CA GLY F 43 11.66 -27.33 29.23
C GLY F 43 10.58 -26.61 28.46
N TYR F 44 10.56 -26.77 27.15
CA TYR F 44 9.59 -26.07 26.31
C TYR F 44 8.20 -26.68 26.45
N LEU F 45 7.20 -25.82 26.62
CA LEU F 45 5.82 -26.27 26.57
C LEU F 45 5.38 -26.45 25.11
N SER F 46 4.22 -27.08 24.94
CA SER F 46 3.76 -27.49 23.63
C SER F 46 2.39 -26.90 23.31
N ALA F 47 2.13 -26.73 22.01
CA ALA F 47 0.81 -26.30 21.53
C ALA F 47 0.66 -26.90 20.13
N LEU F 48 -0.02 -28.03 20.05
CA LEU F 48 -0.17 -28.78 18.80
C LEU F 48 -1.56 -28.60 18.22
N ARG F 49 -1.61 -28.15 16.97
CA ARG F 49 -2.87 -28.04 16.24
C ARG F 49 -3.35 -29.42 15.81
N THR F 50 -4.67 -29.62 15.81
CA THR F 50 -5.23 -30.89 15.39
C THR F 50 -6.41 -30.79 14.43
N GLY F 51 -7.00 -29.61 14.25
CA GLY F 51 -8.17 -29.49 13.40
C GLY F 51 -8.33 -28.09 12.85
N TRP F 52 -9.10 -27.99 11.78
CA TRP F 52 -9.35 -26.73 11.10
C TRP F 52 -10.69 -26.15 11.55
N TYR F 53 -11.00 -24.94 11.05
CA TYR F 53 -12.27 -24.30 11.33
C TYR F 53 -12.54 -23.27 10.25
N THR F 54 -13.81 -23.11 9.89
CA THR F 54 -14.20 -22.24 8.79
C THR F 54 -15.12 -21.13 9.29
N SER F 55 -15.10 -20.00 8.58
CA SER F 55 -15.99 -18.88 8.87
C SER F 55 -16.27 -18.13 7.58
N VAL F 56 -17.50 -17.67 7.39
CA VAL F 56 -17.92 -16.97 6.19
C VAL F 56 -17.93 -15.47 6.48
N ILE F 57 -17.32 -14.69 5.58
CA ILE F 57 -17.28 -13.25 5.69
C ILE F 57 -17.96 -12.65 4.47
N THR F 58 -18.92 -11.75 4.70
CA THR F 58 -19.67 -11.08 3.65
C THR F 58 -19.29 -9.62 3.61
N ILE F 59 -18.99 -9.12 2.41
CA ILE F 59 -18.54 -7.75 2.20
C ILE F 59 -19.51 -7.07 1.24
N GLU F 60 -20.80 -7.43 1.38
CA GLU F 60 -21.85 -7.16 0.39
C GLU F 60 -21.68 -5.82 -0.31
N LEU F 61 -21.74 -5.88 -1.64
CA LEU F 61 -21.51 -4.73 -2.51
C LEU F 61 -22.85 -4.10 -2.90
N SER F 62 -22.79 -3.13 -3.81
CA SER F 62 -23.98 -2.49 -4.36
C SER F 62 -23.85 -2.42 -5.88
N ASN F 63 -24.98 -2.57 -6.56
CA ASN F 63 -24.98 -2.64 -8.02
C ASN F 63 -24.92 -1.24 -8.63
N ILE F 64 -23.97 -1.03 -9.53
CA ILE F 64 -23.85 0.20 -10.30
C ILE F 64 -23.78 -0.19 -11.78
N LYS F 65 -24.48 0.57 -12.62
CA LYS F 65 -24.62 0.22 -14.03
C LYS F 65 -23.91 1.20 -14.95
N GLU F 66 -24.23 2.49 -14.87
CA GLU F 66 -23.65 3.47 -15.79
C GLU F 66 -23.76 4.85 -15.19
N ASN F 67 -23.03 5.79 -15.79
CA ASN F 67 -23.03 7.20 -15.39
C ASN F 67 -23.39 8.04 -16.60
N LYS F 68 -24.23 9.05 -16.38
CA LYS F 68 -24.74 9.87 -17.48
C LYS F 68 -24.41 11.35 -17.36
N CYS F 69 -24.34 11.90 -16.15
CA CYS F 69 -24.12 13.33 -16.00
C CYS F 69 -22.72 13.71 -16.46
N ASN F 70 -22.63 14.86 -17.15
CA ASN F 70 -21.37 15.30 -17.75
C ASN F 70 -20.96 16.67 -17.21
N GLY F 71 -20.99 16.84 -15.89
CA GLY F 71 -20.68 18.11 -15.30
C GLY F 71 -19.23 18.52 -15.50
N THR F 72 -18.96 19.80 -15.21
CA THR F 72 -17.65 20.39 -15.42
C THR F 72 -16.82 20.48 -14.15
N ASP F 73 -17.46 20.59 -12.99
CA ASP F 73 -16.75 20.79 -11.73
C ASP F 73 -15.83 19.61 -11.43
N ALA F 74 -14.68 19.93 -10.83
CA ALA F 74 -13.65 18.90 -10.58
C ALA F 74 -14.12 17.84 -9.60
N LYS F 75 -15.00 18.20 -8.66
CA LYS F 75 -15.49 17.21 -7.70
C LYS F 75 -16.25 16.08 -8.40
N VAL F 76 -17.07 16.43 -9.39
CA VAL F 76 -17.77 15.42 -10.18
C VAL F 76 -16.77 14.52 -10.90
N LYS F 77 -15.70 15.11 -11.44
CA LYS F 77 -14.69 14.31 -12.13
C LYS F 77 -14.02 13.33 -11.17
N LEU F 78 -13.66 13.80 -9.97
CA LEU F 78 -13.03 12.91 -9.00
C LEU F 78 -13.97 11.78 -8.57
N ILE F 79 -15.23 12.11 -8.31
CA ILE F 79 -16.19 11.09 -7.92
C ILE F 79 -16.39 10.07 -9.03
N LYS F 80 -16.48 10.54 -10.27
CA LYS F 80 -16.65 9.64 -11.40
C LYS F 80 -15.43 8.74 -11.58
N GLN F 81 -14.23 9.29 -11.40
CA GLN F 81 -13.02 8.48 -11.50
C GLN F 81 -12.97 7.41 -10.42
N GLU F 82 -13.34 7.77 -9.19
CA GLU F 82 -13.35 6.79 -8.11
C GLU F 82 -14.41 5.71 -8.35
N LEU F 83 -15.57 6.12 -8.88
CA LEU F 83 -16.61 5.13 -9.21
C LEU F 83 -16.15 4.20 -10.31
N ASP F 84 -15.43 4.73 -11.30
CA ASP F 84 -14.89 3.89 -12.37
C ASP F 84 -13.87 2.90 -11.81
N LYS F 85 -13.01 3.36 -10.89
CA LYS F 85 -12.08 2.45 -10.24
C LYS F 85 -12.81 1.35 -9.48
N TYR F 86 -13.87 1.73 -8.76
CA TYR F 86 -14.70 0.75 -8.06
C TYR F 86 -15.27 -0.29 -9.03
N LYS F 87 -15.84 0.17 -10.13
CA LYS F 87 -16.43 -0.74 -11.10
C LYS F 87 -15.38 -1.66 -11.71
N ASN F 88 -14.20 -1.12 -12.01
CA ASN F 88 -13.13 -1.94 -12.56
C ASN F 88 -12.68 -3.00 -11.56
N ALA F 89 -12.57 -2.63 -10.28
CA ALA F 89 -12.20 -3.61 -9.26
C ALA F 89 -13.25 -4.70 -9.13
N VAL F 90 -14.53 -4.32 -9.15
CA VAL F 90 -15.61 -5.31 -9.06
C VAL F 90 -15.57 -6.25 -10.25
N THR F 91 -15.36 -5.70 -11.45
CA THR F 91 -15.30 -6.53 -12.65
C THR F 91 -14.10 -7.48 -12.59
N GLU F 92 -12.96 -7.00 -12.11
CA GLU F 92 -11.78 -7.86 -11.98
C GLU F 92 -12.03 -8.99 -11.00
N LEU F 93 -12.65 -8.68 -9.85
CA LEU F 93 -12.95 -9.74 -8.90
C LEU F 93 -13.97 -10.72 -9.45
N GLN F 94 -14.93 -10.23 -10.24
CA GLN F 94 -15.88 -11.12 -10.91
C GLN F 94 -15.17 -12.07 -11.86
N LEU F 95 -14.22 -11.54 -12.65
CA LEU F 95 -13.45 -12.37 -13.56
C LEU F 95 -12.50 -13.31 -12.84
N LEU F 96 -12.13 -13.00 -11.59
CA LEU F 96 -11.23 -13.88 -10.84
C LEU F 96 -11.91 -15.17 -10.41
N MET F 97 -13.24 -15.22 -10.44
CA MET F 97 -14.00 -16.41 -10.06
C MET F 97 -13.52 -17.66 -10.79
N PHE F 137 16.71 -33.65 7.68
CA PHE F 137 16.90 -35.07 7.38
C PHE F 137 15.62 -35.86 7.64
N LEU F 138 15.55 -37.07 7.08
CA LEU F 138 14.36 -37.91 7.19
C LEU F 138 13.11 -37.18 6.72
N GLY F 139 13.25 -36.44 5.62
CA GLY F 139 12.16 -35.60 5.16
C GLY F 139 11.12 -36.33 4.33
N PHE F 140 11.50 -37.44 3.70
CA PHE F 140 10.59 -38.16 2.81
C PHE F 140 9.82 -39.26 3.53
N LEU F 141 9.25 -38.93 4.69
CA LEU F 141 8.38 -39.84 5.44
C LEU F 141 7.20 -39.08 6.03
N LEU F 142 6.69 -38.08 5.30
CA LEU F 142 5.69 -37.17 5.83
C LEU F 142 4.30 -37.43 5.24
N GLY F 143 4.16 -37.39 3.93
CA GLY F 143 2.85 -37.49 3.33
C GLY F 143 2.47 -36.22 2.60
N VAL F 144 1.66 -36.38 1.54
CA VAL F 144 1.33 -35.27 0.65
C VAL F 144 -0.13 -34.88 0.88
N GLY F 145 -0.62 -35.10 2.08
CA GLY F 145 -1.99 -34.75 2.39
C GLY F 145 -2.28 -33.28 2.13
N SER F 146 -3.45 -33.01 1.55
CA SER F 146 -3.81 -31.66 1.16
C SER F 146 -3.99 -30.75 2.36
N ALA F 147 -3.68 -29.47 2.18
CA ALA F 147 -3.76 -28.49 3.25
C ALA F 147 -5.16 -27.88 3.35
N ILE F 148 -5.63 -27.24 2.28
CA ILE F 148 -6.93 -26.58 2.28
C ILE F 148 -7.95 -27.54 1.68
N ALA F 149 -8.80 -28.08 2.53
CA ALA F 149 -9.91 -28.93 2.09
C ALA F 149 -11.25 -28.53 2.67
N SER F 150 -11.29 -28.10 3.93
CA SER F 150 -12.54 -27.70 4.55
C SER F 150 -13.12 -26.45 3.90
N GLY F 151 -12.25 -25.48 3.59
CA GLY F 151 -12.72 -24.28 2.90
C GLY F 151 -13.30 -24.60 1.53
N VAL F 152 -12.71 -25.57 0.83
CA VAL F 152 -13.26 -25.98 -0.47
C VAL F 152 -14.66 -26.54 -0.30
N ALA F 153 -14.86 -27.38 0.71
CA ALA F 153 -16.20 -27.94 0.97
C ALA F 153 -17.19 -26.84 1.33
N VAL F 154 -16.76 -25.88 2.16
CA VAL F 154 -17.66 -24.80 2.55
C VAL F 154 -18.05 -23.96 1.34
N CYS F 155 -17.08 -23.66 0.47
CA CYS F 155 -17.38 -22.89 -0.73
C CYS F 155 -18.30 -23.67 -1.67
N LYS F 156 -18.09 -24.98 -1.79
CA LYS F 156 -18.95 -25.80 -2.63
C LYS F 156 -20.38 -25.83 -2.11
N VAL F 157 -20.55 -25.92 -0.78
CA VAL F 157 -21.88 -25.84 -0.20
C VAL F 157 -22.50 -24.48 -0.45
N LEU F 158 -21.70 -23.42 -0.34
CA LEU F 158 -22.19 -22.07 -0.60
C LEU F 158 -22.65 -21.92 -2.05
N HIS F 159 -21.96 -22.57 -2.99
CA HIS F 159 -22.28 -22.45 -4.40
C HIS F 159 -23.61 -23.10 -4.76
N LEU F 160 -24.21 -23.86 -3.84
CA LEU F 160 -25.45 -24.57 -4.12
C LEU F 160 -26.60 -23.57 -4.29
N GLU F 161 -27.79 -24.11 -4.57
CA GLU F 161 -28.93 -23.29 -4.97
C GLU F 161 -29.53 -22.57 -3.77
N GLY F 162 -29.38 -21.25 -3.72
CA GLY F 162 -30.12 -20.41 -2.81
C GLY F 162 -29.59 -20.30 -1.40
N GLU F 163 -28.47 -20.96 -1.08
CA GLU F 163 -27.94 -20.87 0.27
C GLU F 163 -27.46 -19.46 0.59
N VAL F 164 -26.83 -18.80 -0.37
CA VAL F 164 -26.38 -17.42 -0.16
C VAL F 164 -27.57 -16.49 0.05
N ASN F 165 -28.68 -16.75 -0.64
CA ASN F 165 -29.89 -15.95 -0.41
C ASN F 165 -30.40 -16.13 1.01
N LYS F 166 -30.38 -17.37 1.51
CA LYS F 166 -30.81 -17.62 2.88
C LYS F 166 -29.89 -16.92 3.87
N ILE F 167 -28.58 -16.94 3.63
CA ILE F 167 -27.64 -16.26 4.51
C ILE F 167 -27.90 -14.75 4.52
N LYS F 168 -28.09 -14.18 3.32
CA LYS F 168 -28.34 -12.74 3.24
C LYS F 168 -29.65 -12.36 3.92
N SER F 169 -30.69 -13.18 3.77
CA SER F 169 -31.97 -12.88 4.40
C SER F 169 -31.96 -13.09 5.91
N ALA F 170 -30.97 -13.83 6.43
CA ALA F 170 -30.87 -14.08 7.86
C ALA F 170 -29.92 -13.13 8.57
N LEU F 171 -29.39 -12.13 7.87
CA LEU F 171 -28.43 -11.18 8.42
C LEU F 171 -28.83 -9.76 8.07
N LEU F 172 -30.10 -9.44 8.25
CA LEU F 172 -30.62 -8.12 7.89
C LEU F 172 -30.71 -7.16 9.08
N SER F 173 -30.79 -7.68 10.30
CA SER F 173 -30.92 -6.85 11.49
C SER F 173 -29.68 -6.82 12.36
N THR F 174 -28.99 -7.96 12.51
CA THR F 174 -27.79 -8.05 13.31
C THR F 174 -26.61 -8.41 12.42
N ASN F 175 -25.46 -7.77 12.67
CA ASN F 175 -24.29 -8.01 11.84
C ASN F 175 -23.65 -9.36 12.11
N LYS F 176 -23.89 -9.96 13.27
CA LYS F 176 -23.31 -11.25 13.62
C LYS F 176 -24.42 -12.22 14.00
N ALA F 177 -24.39 -13.41 13.43
CA ALA F 177 -25.40 -14.42 13.70
C ALA F 177 -24.83 -15.79 13.32
N VAL F 178 -25.61 -16.83 13.58
CA VAL F 178 -25.25 -18.20 13.25
C VAL F 178 -26.26 -18.72 12.26
N VAL F 179 -25.78 -19.15 11.08
CA VAL F 179 -26.64 -19.65 10.02
C VAL F 179 -26.25 -21.09 9.71
N SER F 180 -27.25 -21.88 9.34
CA SER F 180 -27.06 -23.29 9.02
C SER F 180 -27.29 -23.50 7.53
N LEU F 181 -26.35 -24.18 6.87
CA LEU F 181 -26.44 -24.45 5.44
C LEU F 181 -27.19 -25.75 5.20
N SER F 182 -27.13 -26.25 3.96
CA SER F 182 -27.79 -27.51 3.63
C SER F 182 -27.06 -28.68 4.30
N ASN F 183 -27.62 -29.88 4.11
CA ASN F 183 -27.12 -31.08 4.78
C ASN F 183 -27.09 -30.85 6.29
N GLY F 184 -25.89 -30.86 6.86
CA GLY F 184 -25.73 -30.42 8.24
C GLY F 184 -24.38 -29.83 8.52
N VAL F 185 -24.36 -28.59 9.00
CA VAL F 185 -23.12 -27.88 9.30
C VAL F 185 -23.47 -26.63 10.10
N SER F 186 -22.55 -26.15 10.92
CA SER F 186 -22.71 -24.91 11.68
C SER F 186 -21.48 -24.05 11.45
N VAL F 187 -21.65 -22.94 10.73
CA VAL F 187 -20.55 -22.04 10.39
C VAL F 187 -20.93 -20.63 10.82
N LEU F 188 -19.97 -19.93 11.43
CA LEU F 188 -20.17 -18.54 11.79
C LEU F 188 -20.13 -17.67 10.54
N THR F 189 -20.96 -16.62 10.53
CA THR F 189 -20.99 -15.66 9.44
C THR F 189 -20.82 -14.26 10.01
N PHE F 190 -20.10 -13.41 9.29
CA PHE F 190 -19.80 -12.07 9.77
C PHE F 190 -19.86 -11.07 8.63
N LYS F 191 -20.43 -9.90 8.92
CA LYS F 191 -20.58 -8.82 7.93
C LYS F 191 -19.63 -7.69 8.27
N VAL F 192 -18.95 -7.16 7.25
CA VAL F 192 -17.95 -6.11 7.42
C VAL F 192 -18.26 -4.99 6.45
N LEU F 193 -17.99 -3.75 6.89
CA LEU F 193 -18.21 -2.53 6.10
C LEU F 193 -19.67 -2.34 5.73
N ASP F 194 -19.97 -1.28 4.98
CA ASP F 194 -21.35 -0.94 4.62
C ASP F 194 -21.32 -0.17 3.31
N LEU F 195 -21.90 -0.75 2.26
CA LEU F 195 -21.99 -0.10 0.96
C LEU F 195 -23.39 -0.15 0.36
N LYS F 196 -24.38 -0.62 1.13
CA LYS F 196 -25.75 -0.66 0.65
C LYS F 196 -26.56 0.58 1.01
N ASN F 197 -25.95 1.54 1.69
CA ASN F 197 -26.64 2.77 2.10
C ASN F 197 -25.94 4.03 1.64
N TYR F 198 -24.60 4.06 1.64
CA TYR F 198 -23.90 5.28 1.28
C TYR F 198 -23.96 5.54 -0.22
N ILE F 199 -23.76 4.49 -1.03
CA ILE F 199 -23.63 4.69 -2.47
C ILE F 199 -24.95 4.50 -3.21
N ASP F 200 -25.94 3.85 -2.58
CA ASP F 200 -27.20 3.61 -3.27
C ASP F 200 -28.25 4.65 -2.91
N LYS F 201 -28.07 5.37 -1.80
CA LYS F 201 -29.03 6.36 -1.35
C LYS F 201 -28.57 7.79 -1.59
N GLN F 202 -27.26 8.03 -1.65
CA GLN F 202 -26.71 9.37 -1.74
C GLN F 202 -26.18 9.72 -3.13
N LEU F 203 -25.31 8.88 -3.68
CA LEU F 203 -24.63 9.22 -4.93
C LEU F 203 -25.39 8.74 -6.17
N LEU F 204 -25.93 7.52 -6.14
CA LEU F 204 -26.62 6.99 -7.31
C LEU F 204 -27.82 7.83 -7.74
N PRO F 205 -28.73 8.25 -6.84
CA PRO F 205 -29.89 9.03 -7.32
C PRO F 205 -29.52 10.37 -7.95
N ILE F 206 -28.35 10.92 -7.65
CA ILE F 206 -27.99 12.22 -8.20
C ILE F 206 -27.06 12.12 -9.41
N LEU F 207 -26.20 11.10 -9.46
CA LEU F 207 -25.32 10.95 -10.62
C LEU F 207 -26.13 10.64 -11.87
N ASN F 208 -27.13 9.77 -11.75
CA ASN F 208 -27.95 9.38 -12.89
C ASN F 208 -28.93 10.51 -13.23
N LYS F 209 -28.36 11.62 -13.67
CA LYS F 209 -29.11 12.80 -14.04
C LYS F 209 -28.36 13.52 -15.15
N GLN F 210 -28.74 14.77 -15.41
CA GLN F 210 -28.12 15.57 -16.47
C GLN F 210 -27.19 16.66 -15.96
N SER F 211 -27.41 17.16 -14.75
CA SER F 211 -26.67 18.32 -14.24
C SER F 211 -26.17 18.06 -12.82
N CYS F 212 -25.51 16.92 -12.63
CA CYS F 212 -25.01 16.56 -11.31
C CYS F 212 -24.00 17.59 -10.82
N SER F 213 -23.97 17.77 -9.49
CA SER F 213 -23.05 18.71 -8.86
C SER F 213 -22.97 18.39 -7.37
N ILE F 214 -21.77 18.24 -6.85
CA ILE F 214 -21.53 17.87 -5.46
C ILE F 214 -20.88 19.07 -4.76
N SER F 215 -21.62 19.81 -3.91
CA SER F 215 -21.06 20.98 -3.22
C SER F 215 -20.43 20.64 -1.87
N ASN F 216 -19.48 19.70 -1.87
CA ASN F 216 -18.79 19.33 -0.64
C ASN F 216 -17.45 18.69 -1.01
N ILE F 217 -16.61 18.52 0.00
CA ILE F 217 -15.26 17.99 -0.22
C ILE F 217 -14.92 16.80 0.67
N GLU F 218 -15.61 16.61 1.81
CA GLU F 218 -15.29 15.48 2.68
C GLU F 218 -15.80 14.17 2.12
N THR F 219 -16.87 14.22 1.32
CA THR F 219 -17.41 13.01 0.71
C THR F 219 -16.36 12.34 -0.17
N VAL F 220 -15.55 13.14 -0.88
CA VAL F 220 -14.48 12.58 -1.69
C VAL F 220 -13.50 11.79 -0.83
N ILE F 221 -13.12 12.35 0.33
CA ILE F 221 -12.17 11.67 1.21
C ILE F 221 -12.76 10.37 1.73
N GLU F 222 -14.01 10.40 2.18
CA GLU F 222 -14.63 9.20 2.71
C GLU F 222 -14.76 8.11 1.63
N PHE F 223 -15.22 8.52 0.45
CA PHE F 223 -15.38 7.57 -0.65
C PHE F 223 -14.04 6.99 -1.07
N GLN F 224 -12.99 7.83 -1.12
CA GLN F 224 -11.68 7.32 -1.48
C GLN F 224 -11.13 6.38 -0.42
N GLN F 225 -11.41 6.61 0.85
CA GLN F 225 -10.96 5.69 1.89
C GLN F 225 -11.64 4.33 1.75
N LYS F 226 -12.97 4.32 1.61
CA LYS F 226 -13.67 3.06 1.48
C LYS F 226 -13.27 2.32 0.20
N ASN F 227 -13.15 3.04 -0.91
CA ASN F 227 -12.74 2.43 -2.16
C ASN F 227 -11.30 1.93 -2.08
N ASN F 228 -10.44 2.64 -1.35
CA ASN F 228 -9.07 2.16 -1.16
C ASN F 228 -9.05 0.85 -0.39
N ARG F 229 -9.86 0.75 0.66
CA ARG F 229 -9.93 -0.51 1.41
C ARG F 229 -10.40 -1.65 0.50
N LEU F 230 -11.49 -1.43 -0.22
CA LEU F 230 -12.03 -2.50 -1.07
C LEU F 230 -11.07 -2.86 -2.19
N LEU F 231 -10.43 -1.86 -2.80
CA LEU F 231 -9.48 -2.11 -3.87
C LEU F 231 -8.24 -2.82 -3.34
N GLU F 232 -7.82 -2.52 -2.11
CA GLU F 232 -6.71 -3.26 -1.52
C GLU F 232 -7.06 -4.73 -1.36
N ILE F 233 -8.28 -5.00 -0.87
CA ILE F 233 -8.71 -6.39 -0.72
C ILE F 233 -8.71 -7.11 -2.08
N THR F 234 -9.31 -6.47 -3.09
CA THR F 234 -9.43 -7.12 -4.39
C THR F 234 -8.07 -7.27 -5.06
N ARG F 235 -7.15 -6.33 -4.84
CA ARG F 235 -5.82 -6.43 -5.43
C ARG F 235 -5.02 -7.54 -4.76
N GLU F 236 -5.14 -7.67 -3.44
CA GLU F 236 -4.41 -8.75 -2.76
C GLU F 236 -4.97 -10.11 -3.13
N PHE F 237 -6.28 -10.21 -3.40
CA PHE F 237 -6.79 -11.43 -4.02
C PHE F 237 -6.26 -11.63 -5.43
N SER F 238 -6.14 -10.53 -6.20
CA SER F 238 -5.71 -10.64 -7.59
C SER F 238 -4.28 -11.13 -7.72
N VAL F 239 -3.37 -10.64 -6.88
CA VAL F 239 -1.95 -10.94 -7.06
C VAL F 239 -1.67 -12.40 -6.74
N ASN F 240 -2.29 -12.94 -5.69
CA ASN F 240 -1.95 -14.26 -5.18
C ASN F 240 -2.78 -15.37 -5.81
N ALA F 241 -3.48 -15.08 -6.91
CA ALA F 241 -4.21 -16.07 -7.70
C ALA F 241 -5.34 -16.75 -6.94
N GLY F 242 -5.92 -16.08 -5.95
CA GLY F 242 -7.10 -16.56 -5.28
C GLY F 242 -6.87 -17.19 -3.92
N VAL F 243 -5.62 -17.50 -3.57
CA VAL F 243 -5.28 -18.08 -2.28
C VAL F 243 -4.20 -17.23 -1.63
N THR F 244 -4.44 -16.80 -0.40
CA THR F 244 -3.50 -15.95 0.33
C THR F 244 -3.17 -16.59 1.67
N THR F 245 -1.93 -16.37 2.12
CA THR F 245 -1.47 -16.83 3.42
C THR F 245 -0.20 -16.11 3.82
N PRO F 246 -0.13 -15.56 5.05
CA PRO F 246 -1.22 -15.50 6.01
C PRO F 246 -2.22 -14.39 5.71
N VAL F 247 -3.36 -14.38 6.38
CA VAL F 247 -4.36 -13.35 6.16
C VAL F 247 -3.81 -12.00 6.62
N SER F 248 -3.92 -10.99 5.78
CA SER F 248 -3.43 -9.67 6.12
C SER F 248 -4.43 -8.96 7.03
N THR F 249 -4.06 -7.75 7.46
CA THR F 249 -4.96 -6.94 8.29
C THR F 249 -6.20 -6.52 7.52
N TYR F 250 -6.15 -6.52 6.19
CA TYR F 250 -7.27 -6.04 5.39
C TYR F 250 -8.46 -6.99 5.47
N MET F 251 -8.22 -8.29 5.39
CA MET F 251 -9.32 -9.24 5.43
C MET F 251 -9.92 -9.40 6.82
N LEU F 252 -9.11 -9.23 7.87
CA LEU F 252 -9.56 -9.48 9.24
C LEU F 252 -8.87 -8.49 10.16
N THR F 253 -9.66 -7.58 10.75
CA THR F 253 -9.12 -6.63 11.71
C THR F 253 -8.92 -7.29 13.07
N ASN F 254 -8.29 -6.56 13.98
CA ASN F 254 -7.99 -7.10 15.30
C ASN F 254 -9.25 -7.36 16.10
N SER F 255 -10.16 -6.37 16.14
CA SER F 255 -11.38 -6.53 16.92
C SER F 255 -12.24 -7.66 16.38
N GLU F 256 -12.35 -7.77 15.06
CA GLU F 256 -13.15 -8.84 14.47
C GLU F 256 -12.54 -10.20 14.78
N LEU F 257 -11.21 -10.30 14.71
CA LEU F 257 -10.55 -11.57 15.02
C LEU F 257 -10.77 -11.95 16.49
N LEU F 258 -10.67 -10.97 17.40
CA LEU F 258 -10.91 -11.26 18.80
C LEU F 258 -12.35 -11.69 19.04
N SER F 259 -13.31 -11.03 18.38
CA SER F 259 -14.71 -11.44 18.51
C SER F 259 -14.93 -12.85 17.99
N LEU F 260 -14.30 -13.18 16.86
CA LEU F 260 -14.44 -14.53 16.32
C LEU F 260 -13.84 -15.57 17.24
N ILE F 261 -12.69 -15.27 17.83
CA ILE F 261 -12.05 -16.20 18.76
C ILE F 261 -12.92 -16.39 20.01
N ASN F 262 -13.47 -15.29 20.53
CA ASN F 262 -14.35 -15.40 21.70
C ASN F 262 -15.60 -16.20 21.38
N ASP F 263 -16.16 -16.02 20.19
CA ASP F 263 -17.36 -16.74 19.79
C ASP F 263 -17.08 -18.17 19.33
N MET F 264 -15.82 -18.54 19.20
CA MET F 264 -15.49 -19.88 18.73
C MET F 264 -15.90 -20.91 19.78
N PRO F 265 -16.67 -21.94 19.40
CA PRO F 265 -17.14 -22.96 20.37
C PRO F 265 -16.03 -23.92 20.81
N ILE F 266 -15.19 -23.44 21.72
CA ILE F 266 -14.10 -24.21 22.31
C ILE F 266 -14.07 -23.96 23.81
N THR F 267 -13.10 -24.56 24.49
CA THR F 267 -12.97 -24.42 25.92
C THR F 267 -12.35 -23.06 26.26
N ASN F 268 -12.03 -22.85 27.53
CA ASN F 268 -11.52 -21.56 27.98
C ASN F 268 -9.99 -21.49 27.94
N ASP F 269 -9.31 -22.58 28.25
CA ASP F 269 -7.84 -22.57 28.22
C ASP F 269 -7.32 -22.34 26.80
N GLN F 270 -7.94 -22.96 25.80
CA GLN F 270 -7.53 -22.75 24.42
C GLN F 270 -7.75 -21.30 24.01
N LYS F 271 -8.88 -20.71 24.41
CA LYS F 271 -9.14 -19.30 24.09
C LYS F 271 -8.11 -18.40 24.76
N LYS F 272 -7.76 -18.70 26.01
CA LYS F 272 -6.76 -17.89 26.71
C LYS F 272 -5.40 -18.00 26.05
N LEU F 273 -5.04 -19.20 25.59
CA LEU F 273 -3.73 -19.40 24.96
C LEU F 273 -3.67 -18.80 23.57
N MET F 274 -4.80 -18.78 22.86
CA MET F 274 -4.81 -18.29 21.48
C MET F 274 -5.06 -16.80 21.36
N SER F 275 -5.73 -16.19 22.35
CA SER F 275 -5.99 -14.75 22.29
C SER F 275 -4.78 -13.91 22.66
N ASN F 276 -3.78 -14.50 23.33
CA ASN F 276 -2.58 -13.77 23.70
C ASN F 276 -1.46 -13.89 22.65
N ASN F 277 -1.66 -14.70 21.62
CA ASN F 277 -0.67 -14.94 20.57
C ASN F 277 -1.31 -14.87 19.20
N VAL F 278 -2.07 -13.79 18.96
CA VAL F 278 -2.82 -13.66 17.72
C VAL F 278 -1.93 -13.68 16.49
N GLN F 279 -0.65 -13.30 16.63
CA GLN F 279 0.26 -13.34 15.49
C GLN F 279 0.44 -14.77 14.98
N ILE F 280 0.62 -15.72 15.89
CA ILE F 280 0.85 -17.11 15.49
C ILE F 280 -0.41 -17.69 14.85
N VAL F 281 -1.58 -17.46 15.46
CA VAL F 281 -2.81 -18.02 14.90
C VAL F 281 -3.15 -17.35 13.57
N ARG F 282 -2.73 -16.10 13.37
CA ARG F 282 -2.91 -15.47 12.07
C ARG F 282 -1.93 -16.03 11.04
N GLN F 283 -0.73 -16.41 11.48
CA GLN F 283 0.28 -16.89 10.54
C GLN F 283 -0.12 -18.20 9.89
N GLN F 284 -0.88 -19.04 10.59
CA GLN F 284 -1.20 -20.38 10.11
C GLN F 284 -2.61 -20.48 9.53
N SER F 285 -3.28 -19.36 9.28
CA SER F 285 -4.64 -19.37 8.78
C SER F 285 -4.65 -19.41 7.26
N TYR F 286 -5.84 -19.33 6.66
CA TYR F 286 -5.98 -19.35 5.21
C TYR F 286 -7.20 -18.53 4.82
N SER F 287 -7.25 -18.15 3.55
CA SER F 287 -8.36 -17.39 3.00
C SER F 287 -8.66 -17.87 1.59
N ILE F 288 -9.93 -18.19 1.33
CA ILE F 288 -10.38 -18.66 0.02
C ILE F 288 -11.46 -17.71 -0.49
N MET F 289 -11.28 -17.21 -1.71
CA MET F 289 -12.25 -16.35 -2.34
C MET F 289 -13.39 -17.20 -2.90
N CYS F 290 -14.63 -16.77 -2.68
CA CYS F 290 -15.77 -17.63 -2.93
C CYS F 290 -16.80 -17.03 -3.89
N ILE F 291 -17.99 -17.63 -3.93
CA ILE F 291 -18.96 -17.32 -4.97
C ILE F 291 -19.30 -15.83 -4.98
N ILE F 292 -19.49 -15.29 -6.18
CA ILE F 292 -19.95 -13.92 -6.39
C ILE F 292 -21.27 -13.99 -7.15
N LYS F 293 -22.33 -13.48 -6.52
CA LYS F 293 -23.66 -13.46 -7.12
C LYS F 293 -24.59 -12.69 -6.19
N GLU F 294 -25.73 -12.26 -6.74
CA GLU F 294 -26.78 -11.59 -5.98
C GLU F 294 -26.23 -10.39 -5.20
N GLU F 295 -25.41 -9.59 -5.89
CA GLU F 295 -24.87 -8.32 -5.38
C GLU F 295 -24.22 -8.44 -4.00
N VAL F 296 -23.91 -9.65 -3.56
CA VAL F 296 -23.28 -9.89 -2.27
C VAL F 296 -22.02 -10.72 -2.49
N LEU F 297 -20.92 -10.30 -1.86
CA LEU F 297 -19.64 -10.98 -1.95
C LEU F 297 -19.35 -11.67 -0.64
N ALA F 298 -19.01 -12.96 -0.71
CA ALA F 298 -18.68 -13.74 0.48
C ALA F 298 -17.44 -14.56 0.20
N TYR F 299 -16.57 -14.69 1.20
CA TYR F 299 -15.41 -15.56 1.11
C TYR F 299 -15.27 -16.32 2.42
N VAL F 300 -14.28 -17.21 2.49
CA VAL F 300 -14.12 -18.13 3.60
C VAL F 300 -12.76 -17.88 4.24
N VAL F 301 -12.74 -17.75 5.57
CA VAL F 301 -11.51 -17.67 6.34
C VAL F 301 -11.38 -18.94 7.16
N GLN F 302 -10.20 -19.52 7.16
CA GLN F 302 -9.93 -20.80 7.82
C GLN F 302 -8.92 -20.56 8.93
N LEU F 303 -9.34 -20.80 10.17
CA LEU F 303 -8.53 -20.56 11.35
C LEU F 303 -8.17 -21.88 12.02
N PRO F 304 -6.92 -22.05 12.45
CA PRO F 304 -6.54 -23.30 13.11
C PRO F 304 -7.21 -23.45 14.46
N LEU F 305 -7.39 -24.70 14.87
CA LEU F 305 -8.01 -25.06 16.15
C LEU F 305 -7.04 -25.93 16.92
N TYR F 306 -6.30 -25.32 17.84
CA TYR F 306 -5.27 -26.03 18.60
C TYR F 306 -5.92 -27.10 19.48
N GLY F 307 -5.30 -28.28 19.53
CA GLY F 307 -5.90 -29.41 20.21
C GLY F 307 -5.12 -29.98 21.38
N VAL F 308 -3.79 -29.87 21.35
CA VAL F 308 -2.94 -30.43 22.41
C VAL F 308 -2.25 -29.27 23.11
N ILE F 309 -2.43 -29.19 24.43
CA ILE F 309 -1.98 -28.04 25.21
C ILE F 309 -1.22 -28.56 26.43
N ASP F 310 -0.09 -27.90 26.74
CA ASP F 310 0.64 -28.08 27.99
C ASP F 310 1.10 -29.53 28.17
N THR F 311 1.99 -29.94 27.27
CA THR F 311 2.65 -31.22 27.35
C THR F 311 4.15 -31.02 27.16
N PRO F 312 4.98 -31.89 27.77
CA PRO F 312 6.42 -31.76 27.59
C PRO F 312 6.81 -31.89 26.12
N CYS F 313 7.77 -31.06 25.70
CA CYS F 313 8.08 -30.94 24.28
C CYS F 313 9.52 -30.45 24.17
N TRP F 314 10.44 -31.37 23.87
CA TRP F 314 11.88 -31.09 23.89
C TRP F 314 12.43 -31.06 22.45
N LYS F 315 13.73 -30.74 22.35
CA LYS F 315 14.39 -30.58 21.06
C LYS F 315 15.72 -31.34 21.06
N LEU F 316 16.10 -31.82 19.87
CA LEU F 316 17.31 -32.59 19.67
C LEU F 316 18.20 -31.92 18.64
N HIS F 317 19.52 -32.07 18.80
CA HIS F 317 20.49 -31.51 17.88
C HIS F 317 21.65 -32.47 17.72
N THR F 318 22.16 -32.58 16.50
CA THR F 318 23.21 -33.53 16.16
C THR F 318 24.37 -32.82 15.47
N SER F 319 25.50 -33.51 15.42
CA SER F 319 26.71 -33.01 14.78
C SER F 319 27.62 -34.20 14.50
N PRO F 320 28.35 -34.18 13.39
CA PRO F 320 29.23 -35.31 13.07
C PRO F 320 30.30 -35.52 14.14
N LEU F 321 30.57 -36.79 14.42
CA LEU F 321 31.59 -37.20 15.40
C LEU F 321 32.55 -38.15 14.70
N CYS F 322 33.76 -37.70 14.40
CA CYS F 322 34.71 -38.49 13.66
C CYS F 322 36.05 -38.57 14.39
N THR F 323 36.76 -39.67 14.17
CA THR F 323 38.08 -39.85 14.74
C THR F 323 39.12 -39.09 13.92
N THR F 324 40.17 -38.65 14.60
CA THR F 324 41.25 -37.90 13.96
C THR F 324 42.43 -38.82 13.68
N ASN F 325 43.12 -38.57 12.56
CA ASN F 325 44.29 -39.35 12.18
C ASN F 325 45.15 -38.52 11.24
N THR F 326 46.44 -38.86 11.20
CA THR F 326 47.36 -38.17 10.32
C THR F 326 47.19 -38.57 8.86
N LYS F 327 46.72 -39.79 8.60
CA LYS F 327 46.52 -40.26 7.24
C LYS F 327 45.23 -39.70 6.67
N GLU F 328 45.31 -39.16 5.45
CA GLU F 328 44.15 -38.57 4.81
C GLU F 328 43.31 -39.64 4.13
N GLY F 329 42.00 -39.58 4.32
CA GLY F 329 41.06 -40.48 3.69
C GLY F 329 40.56 -41.59 4.58
N SER F 330 41.26 -41.90 5.66
CA SER F 330 40.83 -42.93 6.60
C SER F 330 40.16 -42.25 7.79
N ASN F 331 38.93 -41.77 7.56
CA ASN F 331 38.18 -41.03 8.56
C ASN F 331 36.73 -41.48 8.58
N ILE F 332 36.51 -42.80 8.57
CA ILE F 332 35.17 -43.33 8.70
C ILE F 332 34.60 -42.95 10.06
N CYS F 333 33.33 -42.55 10.08
CA CYS F 333 32.70 -42.10 11.31
C CYS F 333 31.19 -42.23 11.20
N LEU F 334 30.49 -41.57 12.12
CA LEU F 334 29.07 -41.79 12.36
C LEU F 334 28.38 -40.47 12.61
N THR F 335 27.10 -40.39 12.24
CA THR F 335 26.31 -39.19 12.44
C THR F 335 24.85 -39.60 12.63
N ARG F 336 24.09 -38.73 13.28
CA ARG F 336 22.67 -38.95 13.54
C ARG F 336 21.81 -38.21 12.53
N THR F 337 20.59 -38.70 12.35
CA THR F 337 19.58 -38.10 11.47
C THR F 337 18.24 -37.96 12.18
N ASP F 338 18.28 -37.42 13.39
CA ASP F 338 17.07 -37.19 14.16
C ASP F 338 16.91 -35.72 14.51
N ARG F 339 17.20 -34.86 13.53
CA ARG F 339 16.96 -33.44 13.71
C ARG F 339 15.46 -33.16 13.78
N GLY F 340 15.13 -31.96 14.21
CA GLY F 340 13.76 -31.54 14.33
C GLY F 340 13.26 -31.62 15.76
N TRP F 341 11.94 -31.56 15.90
CA TRP F 341 11.28 -31.50 17.20
C TRP F 341 10.68 -32.86 17.53
N TYR F 342 11.21 -33.51 18.56
CA TYR F 342 10.43 -34.52 19.26
C TYR F 342 9.35 -33.82 20.10
N CYS F 343 8.27 -34.53 20.37
CA CYS F 343 7.29 -33.92 21.26
C CYS F 343 6.32 -35.00 21.71
N ASP F 344 5.60 -34.72 22.80
CA ASP F 344 4.74 -35.68 23.46
C ASP F 344 3.28 -35.37 23.17
N ASN F 345 2.51 -36.40 22.84
CA ASN F 345 1.08 -36.27 22.62
C ASN F 345 0.42 -37.62 22.81
N ALA F 346 -0.75 -37.62 23.47
CA ALA F 346 -1.52 -38.83 23.73
C ALA F 346 -0.68 -39.91 24.38
N GLY F 347 -0.36 -40.96 23.63
CA GLY F 347 0.46 -42.04 24.15
C GLY F 347 1.62 -42.40 23.24
N SER F 348 1.59 -41.88 22.02
CA SER F 348 2.65 -42.08 21.05
C SER F 348 3.25 -40.72 20.70
N VAL F 349 4.58 -40.62 20.77
CA VAL F 349 5.23 -39.33 20.58
C VAL F 349 5.16 -38.91 19.11
N SER F 350 5.10 -37.60 18.90
CA SER F 350 5.10 -37.04 17.56
C SER F 350 6.54 -36.83 17.10
N PHE F 351 6.70 -36.29 15.90
CA PHE F 351 8.02 -36.08 15.32
C PHE F 351 7.89 -35.11 14.15
N PHE F 352 8.66 -34.02 14.21
CA PHE F 352 8.74 -33.05 13.11
C PHE F 352 10.17 -32.99 12.62
N PRO F 353 10.48 -33.61 11.48
CA PRO F 353 11.89 -33.62 11.03
C PRO F 353 12.39 -32.27 10.55
N GLN F 354 11.53 -31.50 9.88
CA GLN F 354 11.94 -30.20 9.36
C GLN F 354 11.95 -29.18 10.49
N ALA F 355 13.07 -28.47 10.63
CA ALA F 355 13.17 -27.42 11.64
C ALA F 355 12.59 -26.10 11.19
N GLU F 356 12.24 -25.97 9.90
CA GLU F 356 11.65 -24.75 9.36
C GLU F 356 10.14 -24.84 9.20
N THR F 357 9.52 -25.98 9.55
CA THR F 357 8.09 -26.12 9.40
C THR F 357 7.31 -25.36 10.47
N CYS F 358 7.93 -25.06 11.62
CA CYS F 358 7.26 -24.32 12.68
C CYS F 358 8.30 -23.52 13.45
N LYS F 359 7.80 -22.52 14.18
CA LYS F 359 8.65 -21.52 14.82
C LYS F 359 8.43 -21.52 16.32
N VAL F 360 9.53 -21.42 17.07
CA VAL F 360 9.45 -21.21 18.51
C VAL F 360 9.13 -19.74 18.79
N GLN F 361 8.19 -19.51 19.70
CA GLN F 361 7.73 -18.15 19.97
C GLN F 361 7.34 -18.04 21.44
N SER F 362 8.16 -17.32 22.22
CA SER F 362 7.87 -16.98 23.61
C SER F 362 7.62 -18.24 24.45
N ASN F 363 8.67 -19.07 24.54
CA ASN F 363 8.65 -20.28 25.37
C ASN F 363 7.55 -21.24 24.94
N ARG F 364 7.22 -21.24 23.65
CA ARG F 364 6.23 -22.17 23.11
C ARG F 364 6.65 -22.59 21.71
N VAL F 365 6.15 -23.76 21.30
CA VAL F 365 6.69 -24.46 20.14
C VAL F 365 5.60 -24.73 19.11
N PHE F 366 4.67 -23.78 18.96
CA PHE F 366 3.53 -23.91 18.04
C PHE F 366 3.94 -24.58 16.74
N CYS F 367 3.30 -25.70 16.42
CA CYS F 367 3.72 -26.51 15.29
C CYS F 367 2.53 -27.26 14.71
N ASP F 368 2.46 -27.28 13.38
CA ASP F 368 1.40 -28.01 12.69
C ASP F 368 1.67 -29.52 12.75
N THR F 369 0.60 -30.30 12.68
CA THR F 369 0.69 -31.75 12.72
C THR F 369 0.54 -32.39 11.35
N MET F 370 0.37 -31.60 10.28
CA MET F 370 0.21 -32.19 8.95
C MET F 370 1.46 -32.94 8.52
N ASN F 371 2.64 -32.39 8.80
CA ASN F 371 3.92 -33.03 8.51
C ASN F 371 4.51 -33.50 9.84
N SER F 372 4.17 -34.72 10.24
CA SER F 372 4.60 -35.26 11.51
C SER F 372 4.57 -36.77 11.45
N LEU F 373 5.20 -37.41 12.43
CA LEU F 373 5.24 -38.87 12.52
C LEU F 373 4.51 -39.32 13.78
N THR F 374 4.54 -40.63 14.01
CA THR F 374 3.79 -41.30 15.07
C THR F 374 4.69 -42.28 15.81
N LEU F 375 5.85 -41.80 16.25
CA LEU F 375 6.84 -42.70 16.83
C LEU F 375 6.36 -43.24 18.17
N PRO F 376 6.77 -44.44 18.53
CA PRO F 376 6.37 -45.01 19.82
C PRO F 376 7.01 -44.25 20.97
N SER F 377 6.37 -44.35 22.13
CA SER F 377 6.80 -43.62 23.33
C SER F 377 8.11 -44.14 23.91
N GLU F 378 8.75 -45.12 23.28
CA GLU F 378 10.03 -45.63 23.74
C GLU F 378 11.21 -45.08 22.93
N VAL F 379 10.97 -44.05 22.10
CA VAL F 379 12.05 -43.44 21.34
C VAL F 379 13.02 -42.72 22.26
N ASN F 380 12.57 -42.28 23.44
CA ASN F 380 13.44 -41.57 24.37
C ASN F 380 14.29 -42.57 25.16
N LEU F 381 14.96 -43.46 24.44
CA LEU F 381 15.86 -44.44 25.05
C LEU F 381 17.25 -44.46 24.44
N CYS F 382 17.43 -44.02 23.20
CA CYS F 382 18.75 -43.97 22.58
C CYS F 382 19.42 -42.62 22.79
N ASN F 383 18.78 -41.70 23.50
CA ASN F 383 19.39 -40.41 23.80
C ASN F 383 20.42 -40.49 24.93
N VAL F 384 20.42 -41.57 25.70
CA VAL F 384 21.42 -41.75 26.74
C VAL F 384 22.64 -42.50 26.21
N ASP F 385 22.41 -43.61 25.51
CA ASP F 385 23.48 -44.39 24.89
C ASP F 385 22.84 -45.31 23.86
N ILE F 386 23.36 -45.31 22.64
CA ILE F 386 22.76 -46.11 21.57
C ILE F 386 23.40 -47.49 21.64
N PHE F 387 22.98 -48.26 22.65
CA PHE F 387 23.35 -49.65 22.85
C PHE F 387 22.16 -50.56 23.11
N ASN F 388 21.05 -50.05 23.60
CA ASN F 388 19.95 -50.89 24.07
C ASN F 388 19.18 -51.45 22.87
N PRO F 389 19.04 -52.79 22.75
CA PRO F 389 18.25 -53.38 21.66
C PRO F 389 16.74 -53.22 21.83
N LYS F 390 16.31 -51.97 22.06
CA LYS F 390 14.90 -51.63 22.16
C LYS F 390 14.42 -50.77 20.99
N TYR F 391 15.19 -49.76 20.60
CA TYR F 391 14.84 -48.93 19.46
C TYR F 391 16.11 -48.31 18.89
N ASP F 392 16.25 -48.37 17.57
CA ASP F 392 17.36 -47.74 16.87
C ASP F 392 16.91 -46.41 16.29
N CYS F 393 17.85 -45.47 16.19
CA CYS F 393 17.54 -44.10 15.80
C CYS F 393 18.48 -43.59 14.71
N LYS F 394 18.62 -44.38 13.65
CA LYS F 394 18.96 -43.90 12.30
C LYS F 394 20.35 -43.23 12.25
N ILE F 395 21.37 -44.07 12.41
CA ILE F 395 22.74 -43.67 12.12
C ILE F 395 22.87 -43.18 10.66
N MET F 396 23.82 -42.28 10.43
CA MET F 396 24.05 -41.67 9.11
C MET F 396 25.53 -41.83 8.74
N THR F 397 26.00 -43.08 8.78
CA THR F 397 27.39 -43.38 8.46
C THR F 397 27.81 -42.72 7.15
N SER F 398 29.08 -42.31 7.10
CA SER F 398 29.65 -41.66 5.93
C SER F 398 31.17 -41.77 6.01
N LYS F 399 31.85 -41.22 5.01
CA LYS F 399 33.30 -41.26 4.92
C LYS F 399 33.85 -39.89 4.50
N THR F 400 33.33 -38.83 5.12
CA THR F 400 33.73 -37.46 4.80
C THR F 400 34.17 -36.76 6.07
N ASP F 401 35.17 -35.90 5.95
CA ASP F 401 35.74 -35.17 7.08
C ASP F 401 35.70 -33.67 6.77
N VAL F 402 34.71 -32.97 7.30
CA VAL F 402 34.57 -31.53 7.12
C VAL F 402 34.18 -30.91 8.46
N SER F 403 34.88 -29.84 8.83
CA SER F 403 34.59 -29.15 10.07
C SER F 403 33.23 -28.44 9.99
N SER F 404 32.57 -28.32 11.15
CA SER F 404 31.24 -27.75 11.18
C SER F 404 30.97 -27.21 12.58
N SER F 405 29.90 -26.41 12.69
CA SER F 405 29.48 -25.86 13.96
C SER F 405 27.97 -25.68 13.94
N VAL F 406 27.32 -25.93 15.08
CA VAL F 406 25.88 -25.78 15.22
C VAL F 406 25.60 -24.96 16.47
N ILE F 407 24.58 -24.11 16.38
CA ILE F 407 24.21 -23.21 17.48
C ILE F 407 22.85 -23.62 18.03
N THR F 408 22.84 -24.42 19.09
CA THR F 408 21.59 -24.83 19.72
C THR F 408 20.98 -23.66 20.48
N SER F 409 19.84 -23.93 21.12
CA SER F 409 19.05 -22.85 21.72
C SER F 409 19.77 -22.16 22.87
N LEU F 410 20.77 -22.78 23.47
CA LEU F 410 21.43 -22.19 24.63
C LEU F 410 22.94 -22.24 24.51
N GLY F 411 23.47 -23.17 23.71
CA GLY F 411 24.90 -23.34 23.59
C GLY F 411 25.38 -23.57 22.18
N ALA F 412 26.66 -23.94 22.03
CA ALA F 412 27.26 -24.18 20.72
C ALA F 412 28.03 -25.48 20.73
N ILE F 413 27.94 -26.21 19.61
CA ILE F 413 28.68 -27.46 19.43
C ILE F 413 29.56 -27.30 18.21
N VAL F 414 30.86 -27.53 18.37
CA VAL F 414 31.83 -27.34 17.30
C VAL F 414 32.53 -28.66 17.03
N SER F 415 32.42 -29.15 15.80
CA SER F 415 33.14 -30.34 15.35
C SER F 415 34.30 -29.87 14.49
N CYS F 416 35.51 -29.91 15.06
CA CYS F 416 36.70 -29.33 14.45
C CYS F 416 37.66 -30.45 14.08
N TYR F 417 38.08 -30.46 12.83
CA TYR F 417 38.91 -31.54 12.29
C TYR F 417 40.02 -30.96 11.44
N GLY F 418 41.05 -31.78 11.22
CA GLY F 418 42.13 -31.41 10.31
C GLY F 418 42.96 -30.24 10.83
N LYS F 419 43.47 -29.46 9.88
CA LYS F 419 44.33 -28.33 10.17
C LYS F 419 43.57 -27.01 10.28
N THR F 420 42.25 -27.05 10.16
CA THR F 420 41.46 -25.82 10.28
C THR F 420 41.53 -25.28 11.70
N LYS F 421 41.55 -23.95 11.81
CA LYS F 421 41.63 -23.28 13.09
C LYS F 421 40.22 -22.93 13.59
N CYS F 422 39.93 -23.29 14.83
CA CYS F 422 38.62 -23.11 15.43
C CYS F 422 38.78 -22.58 16.85
N THR F 423 38.22 -21.40 17.11
CA THR F 423 38.40 -20.75 18.41
C THR F 423 37.13 -20.03 18.83
N ALA F 424 36.85 -20.07 20.12
CA ALA F 424 35.84 -19.21 20.70
C ALA F 424 36.43 -17.84 21.00
N SER F 425 35.56 -16.88 21.30
CA SER F 425 36.00 -15.51 21.56
C SER F 425 35.09 -14.87 22.60
N ASN F 426 35.38 -13.61 22.91
CA ASN F 426 34.61 -12.86 23.89
C ASN F 426 34.77 -11.38 23.57
N LYS F 427 33.88 -10.57 24.15
CA LYS F 427 33.89 -9.13 23.90
C LYS F 427 34.89 -8.37 24.76
N ASN F 428 35.52 -9.03 25.74
CA ASN F 428 36.46 -8.35 26.62
C ASN F 428 37.72 -9.14 26.91
N ARG F 429 37.86 -10.37 26.41
CA ARG F 429 39.04 -11.18 26.68
C ARG F 429 39.62 -11.81 25.42
N GLY F 430 39.10 -11.48 24.24
CA GLY F 430 39.64 -12.03 23.01
C GLY F 430 39.50 -13.54 22.97
N ILE F 431 40.58 -14.23 22.61
CA ILE F 431 40.57 -15.68 22.52
C ILE F 431 40.46 -16.28 23.91
N ILE F 432 39.54 -17.23 24.08
CA ILE F 432 39.33 -17.87 25.37
C ILE F 432 39.44 -19.38 25.32
N LYS F 433 39.35 -20.01 24.15
CA LYS F 433 39.46 -21.45 24.06
C LYS F 433 40.16 -21.83 22.77
N THR F 434 40.69 -23.06 22.74
CA THR F 434 41.57 -23.53 21.67
C THR F 434 41.13 -24.94 21.25
N PHE F 435 39.83 -25.07 20.92
CA PHE F 435 39.20 -26.35 20.60
C PHE F 435 40.13 -27.27 19.82
N SER F 436 40.28 -28.50 20.31
CA SER F 436 41.17 -29.49 19.70
C SER F 436 40.39 -30.33 18.69
N ASN F 437 40.98 -31.43 18.26
CA ASN F 437 40.34 -32.32 17.30
C ASN F 437 39.10 -32.97 17.93
N GLY F 438 38.14 -33.29 17.07
CA GLY F 438 36.89 -33.88 17.52
C GLY F 438 35.81 -32.84 17.72
N CYS F 439 34.76 -33.24 18.43
CA CYS F 439 33.62 -32.37 18.68
C CYS F 439 33.57 -31.99 20.14
N ASP F 440 33.31 -30.71 20.40
CA ASP F 440 33.28 -30.16 21.74
C ASP F 440 32.06 -29.26 21.90
N TYR F 441 31.73 -28.98 23.16
CA TYR F 441 30.55 -28.19 23.52
C TYR F 441 31.01 -26.99 24.34
N VAL F 442 30.51 -25.81 23.97
CA VAL F 442 30.76 -24.58 24.73
C VAL F 442 29.42 -23.98 25.10
N SER F 443 29.29 -23.56 26.36
CA SER F 443 28.04 -23.05 26.90
C SER F 443 28.05 -21.53 26.93
N ASN F 444 26.85 -20.95 27.04
CA ASN F 444 26.68 -19.49 27.09
C ASN F 444 26.90 -19.04 28.52
N LYS F 445 28.18 -18.98 28.91
CA LYS F 445 28.55 -18.52 30.24
C LYS F 445 29.76 -17.60 30.19
N GLY F 446 29.87 -16.79 29.13
CA GLY F 446 30.99 -15.89 28.98
C GLY F 446 31.52 -15.79 27.56
N VAL F 447 30.92 -16.55 26.64
CA VAL F 447 31.32 -16.54 25.23
C VAL F 447 30.16 -16.02 24.40
N ASP F 448 30.49 -15.26 23.34
CA ASP F 448 29.47 -14.72 22.45
C ASP F 448 29.90 -14.76 20.99
N THR F 449 30.86 -15.61 20.64
CA THR F 449 31.42 -15.63 19.29
C THR F 449 32.22 -16.90 19.04
N VAL F 450 31.97 -17.59 17.94
CA VAL F 450 32.69 -18.81 17.60
C VAL F 450 33.17 -18.69 16.15
N SER F 451 34.48 -18.81 15.94
CA SER F 451 35.06 -18.76 14.61
C SER F 451 35.59 -20.13 14.24
N VAL F 452 35.24 -20.60 13.04
CA VAL F 452 35.71 -21.89 12.53
C VAL F 452 36.27 -21.66 11.14
N GLY F 453 37.53 -22.07 10.93
CA GLY F 453 38.17 -21.83 9.66
C GLY F 453 38.24 -20.35 9.33
N ASN F 454 37.41 -19.92 8.38
CA ASN F 454 37.31 -18.50 8.03
C ASN F 454 35.84 -18.07 8.00
N THR F 455 35.03 -18.60 8.92
CA THR F 455 33.64 -18.20 9.04
C THR F 455 33.31 -17.97 10.52
N LEU F 456 32.32 -17.13 10.75
CA LEU F 456 32.01 -16.61 12.07
C LEU F 456 30.54 -16.85 12.42
N TYR F 457 30.29 -17.24 13.67
CA TYR F 457 28.94 -17.46 14.17
C TYR F 457 28.76 -16.78 15.52
N TYR F 458 27.53 -16.31 15.75
CA TYR F 458 27.15 -15.73 17.03
C TYR F 458 26.34 -16.74 17.83
N VAL F 459 26.48 -16.70 19.15
CA VAL F 459 25.84 -17.64 20.05
C VAL F 459 24.59 -16.99 20.63
N ASN F 460 23.52 -17.79 20.76
CA ASN F 460 22.29 -17.29 21.36
C ASN F 460 22.52 -16.95 22.82
N LYS F 461 21.73 -16.00 23.33
CA LYS F 461 21.88 -15.50 24.70
C LYS F 461 20.55 -15.69 25.43
N GLN F 462 20.54 -16.60 26.39
CA GLN F 462 19.36 -16.84 27.23
C GLN F 462 19.85 -17.20 28.63
N GLU F 463 18.91 -17.61 29.49
CA GLU F 463 19.22 -17.99 30.86
C GLU F 463 18.83 -19.43 31.09
N GLY F 464 19.76 -20.22 31.62
CA GLY F 464 19.50 -21.62 31.90
C GLY F 464 20.77 -22.33 32.29
N LYS F 465 20.60 -23.57 32.75
CA LYS F 465 21.71 -24.39 33.16
C LYS F 465 22.39 -25.01 31.95
N SER F 466 23.52 -25.69 32.18
CA SER F 466 24.25 -26.35 31.11
C SER F 466 25.03 -27.51 31.72
N LEU F 467 24.51 -28.72 31.55
CA LEU F 467 25.17 -29.92 32.06
C LEU F 467 26.20 -30.43 31.05
N TYR F 468 26.98 -31.41 31.48
CA TYR F 468 28.03 -31.99 30.64
C TYR F 468 28.26 -33.42 31.13
N VAL F 469 27.76 -34.39 30.37
CA VAL F 469 27.91 -35.80 30.70
C VAL F 469 29.13 -36.33 29.94
N LYS F 470 30.20 -36.62 30.67
CA LYS F 470 31.41 -37.12 30.06
C LYS F 470 31.23 -38.58 29.63
N GLY F 471 31.98 -38.96 28.60
CA GLY F 471 31.93 -40.32 28.09
C GLY F 471 33.06 -40.66 27.16
N GLU F 472 32.78 -41.52 26.17
CA GLU F 472 33.78 -41.95 25.20
C GLU F 472 33.09 -42.07 23.84
N PRO F 473 33.69 -41.53 22.78
CA PRO F 473 33.07 -41.68 21.45
C PRO F 473 32.93 -43.14 21.06
N ILE F 474 31.81 -43.46 20.40
CA ILE F 474 31.52 -44.83 20.03
C ILE F 474 32.25 -45.27 18.77
N ILE F 475 32.73 -44.33 17.96
CA ILE F 475 33.41 -44.71 16.72
C ILE F 475 34.73 -45.41 17.02
N ASN F 476 35.33 -45.12 18.18
CA ASN F 476 36.54 -45.83 18.58
C ASN F 476 36.26 -47.30 18.82
N PHE F 477 35.04 -47.65 19.25
CA PHE F 477 34.69 -49.05 19.45
C PHE F 477 34.70 -49.82 18.13
N TYR F 478 34.19 -49.21 17.06
CA TYR F 478 34.16 -49.87 15.76
C TYR F 478 35.58 -50.02 15.22
N ASP F 479 35.89 -51.22 14.73
CA ASP F 479 37.21 -51.49 14.17
C ASP F 479 37.25 -51.07 12.71
N PRO F 480 38.22 -50.24 12.31
CA PRO F 480 38.30 -49.82 10.90
C PRO F 480 38.73 -50.95 9.96
N LEU F 481 38.87 -50.60 8.68
CA LEU F 481 39.33 -51.48 7.61
C LEU F 481 38.26 -52.51 7.24
N VAL F 482 37.20 -52.58 8.03
CA VAL F 482 36.00 -53.33 7.67
C VAL F 482 34.80 -52.53 8.15
N PHE F 483 34.12 -51.89 7.21
CA PHE F 483 33.10 -50.92 7.60
C PHE F 483 32.26 -50.60 6.37
N PRO F 484 30.93 -50.67 6.49
CA PRO F 484 30.09 -50.57 5.28
C PRO F 484 30.14 -49.22 4.57
N SER F 485 29.87 -48.13 5.29
CA SER F 485 29.87 -46.77 4.75
C SER F 485 28.77 -46.56 3.70
N ASP F 486 28.48 -45.29 3.42
CA ASP F 486 27.54 -44.89 2.37
C ASP F 486 26.15 -45.50 2.57
N GLU F 487 25.68 -45.50 3.81
CA GLU F 487 24.29 -45.84 4.13
C GLU F 487 23.58 -44.60 4.65
N PHE F 488 22.52 -44.19 3.95
CA PHE F 488 21.80 -42.97 4.32
C PHE F 488 20.91 -43.17 5.54
N ASP F 489 20.37 -44.38 5.73
CA ASP F 489 19.42 -44.65 6.81
C ASP F 489 19.83 -45.93 7.55
N ALA F 490 21.11 -46.02 7.90
CA ALA F 490 21.57 -47.12 8.74
C ALA F 490 20.95 -47.01 10.12
N SER F 491 20.59 -48.16 10.69
CA SER F 491 19.82 -48.20 11.94
C SER F 491 20.48 -49.15 12.93
N ILE F 492 21.79 -49.01 13.12
CA ILE F 492 22.56 -49.76 14.12
C ILE F 492 22.44 -51.27 13.87
N SER F 493 21.22 -51.79 13.88
CA SER F 493 21.02 -53.22 13.64
C SER F 493 21.48 -53.59 12.23
N GLN F 494 21.19 -52.73 11.25
CA GLN F 494 21.58 -53.03 9.86
C GLN F 494 23.09 -53.05 9.71
N VAL F 495 23.78 -52.04 10.26
CA VAL F 495 25.23 -51.99 10.14
C VAL F 495 25.88 -53.12 10.93
N ASN F 496 25.31 -53.48 12.08
CA ASN F 496 25.83 -54.61 12.84
C ASN F 496 25.65 -55.91 12.09
N GLU F 497 24.50 -56.09 11.42
CA GLU F 497 24.28 -57.28 10.62
C GLU F 497 25.25 -57.34 9.45
N LYS F 498 25.50 -56.20 8.80
CA LYS F 498 26.47 -56.16 7.71
C LYS F 498 27.87 -56.52 8.20
N ILE F 499 28.27 -55.98 9.35
CA ILE F 499 29.58 -56.29 9.91
C ILE F 499 29.69 -57.77 10.24
N ASN F 500 28.65 -58.33 10.85
CA ASN F 500 28.67 -59.76 11.20
C ASN F 500 28.74 -60.62 9.95
N GLN F 501 27.97 -60.26 8.91
CA GLN F 501 28.00 -61.03 7.67
C GLN F 501 29.38 -60.98 7.03
N SER F 502 30.00 -59.80 6.99
CA SER F 502 31.34 -59.67 6.42
C SER F 502 32.36 -60.48 7.21
N LEU F 503 32.28 -60.42 8.55
CA LEU F 503 33.21 -61.18 9.37
C LEU F 503 33.03 -62.69 9.17
N ALA F 504 31.78 -63.14 9.10
CA ALA F 504 31.53 -64.56 8.85
C ALA F 504 32.05 -64.99 7.48
N PHE F 505 31.84 -64.15 6.46
CA PHE F 505 32.31 -64.49 5.12
C PHE F 505 33.82 -64.59 5.08
N ILE F 506 34.53 -63.61 5.66
CA ILE F 506 35.99 -63.65 5.63
C ILE F 506 36.52 -64.80 6.48
N ARG F 507 35.86 -65.09 7.61
CA ARG F 507 36.27 -66.22 8.43
C ARG F 507 36.13 -67.54 7.68
N LYS F 508 35.01 -67.73 6.99
CA LYS F 508 34.82 -68.94 6.19
C LYS F 508 35.84 -69.00 5.06
N SER F 509 36.13 -67.86 4.43
CA SER F 509 37.10 -67.84 3.34
C SER F 509 38.49 -68.25 3.81
N ASP F 510 38.92 -67.74 4.97
CA ASP F 510 40.25 -68.09 5.46
C ASP F 510 40.28 -69.50 6.02
N GLU F 511 39.17 -69.99 6.58
CA GLU F 511 39.14 -71.35 7.11
C GLU F 511 39.18 -72.38 5.99
N LEU F 512 38.43 -72.15 4.91
CA LEU F 512 38.43 -73.08 3.80
C LEU F 512 39.73 -73.06 3.00
N LEU F 513 40.57 -72.05 3.20
CA LEU F 513 41.85 -71.97 2.49
C LEU F 513 43.01 -72.34 3.41
N GLN G 1 -28.97 23.67 29.19
CA GLN G 1 -27.79 23.04 29.78
C GLN G 1 -27.74 23.27 31.28
N GLU G 2 -28.89 23.60 31.86
CA GLU G 2 -28.98 23.77 33.31
C GLU G 2 -28.59 22.47 34.02
N GLN G 3 -27.75 22.60 35.05
CA GLN G 3 -27.22 21.44 35.75
C GLN G 3 -27.82 21.24 37.14
N SER G 4 -28.60 22.20 37.63
CA SER G 4 -29.27 22.10 38.94
C SER G 4 -28.25 21.86 40.06
N VAL G 5 -27.28 22.76 40.14
CA VAL G 5 -26.26 22.67 41.18
C VAL G 5 -25.99 24.05 41.78
N GLN G 6 -26.61 24.33 42.91
CA GLN G 6 -26.55 25.63 43.58
C GLN G 6 -27.12 25.49 44.98
N SER G 7 -27.02 26.57 45.76
CA SER G 7 -27.60 26.64 47.09
C SER G 7 -29.06 27.05 46.98
N GLY G 8 -29.68 27.40 48.11
CA GLY G 8 -31.06 27.81 48.16
C GLY G 8 -31.24 29.32 48.24
N ALA G 9 -32.50 29.73 48.32
CA ALA G 9 -32.84 31.13 48.40
C ALA G 9 -32.39 31.72 49.74
N GLU G 10 -32.13 33.03 49.72
CA GLU G 10 -31.65 33.73 50.90
C GLU G 10 -32.43 35.02 51.08
N VAL G 11 -32.91 35.24 52.31
CA VAL G 11 -33.60 36.46 52.71
C VAL G 11 -32.79 37.09 53.83
N LYS G 12 -32.41 38.36 53.65
CA LYS G 12 -31.54 39.02 54.62
C LYS G 12 -32.05 40.41 54.98
N LYS G 13 -31.27 41.15 55.75
CA LYS G 13 -31.60 42.49 56.21
C LYS G 13 -30.45 43.44 55.90
N PRO G 14 -30.74 44.73 55.71
CA PRO G 14 -29.67 45.68 55.39
C PRO G 14 -28.65 45.77 56.52
N GLY G 15 -27.38 45.97 56.13
CA GLY G 15 -26.30 46.10 57.08
C GLY G 15 -25.61 44.80 57.46
N ALA G 16 -26.13 43.66 57.04
CA ALA G 16 -25.55 42.36 57.35
C ALA G 16 -24.66 41.90 56.20
N SER G 17 -24.19 40.65 56.29
CA SER G 17 -23.36 40.04 55.26
C SER G 17 -24.04 38.78 54.74
N VAL G 18 -23.87 38.52 53.45
CA VAL G 18 -24.49 37.38 52.79
C VAL G 18 -23.41 36.48 52.20
N LYS G 19 -23.62 35.17 52.29
CA LYS G 19 -22.68 34.18 51.78
C LYS G 19 -23.41 33.25 50.83
N VAL G 20 -22.81 33.01 49.66
CA VAL G 20 -23.36 32.11 48.66
C VAL G 20 -22.30 31.06 48.32
N SER G 21 -22.69 29.80 48.35
CA SER G 21 -21.78 28.68 48.12
C SER G 21 -22.16 27.94 46.84
N CYS G 22 -21.14 27.61 46.04
CA CYS G 22 -21.32 26.85 44.81
C CYS G 22 -20.31 25.73 44.77
N ARG G 23 -20.78 24.50 44.63
CA ARG G 23 -19.90 23.34 44.56
C ARG G 23 -19.55 23.06 43.10
N ALA G 24 -18.25 22.91 42.82
CA ALA G 24 -17.75 22.75 41.46
C ALA G 24 -17.21 21.34 41.20
N SER G 25 -17.86 20.33 41.77
CA SER G 25 -17.48 18.95 41.56
C SER G 25 -18.52 18.17 40.76
N GLU G 26 -19.69 18.74 40.51
CA GLU G 26 -20.76 18.08 39.77
C GLU G 26 -20.98 18.67 38.39
N PHE G 27 -20.05 19.47 37.89
CA PHE G 27 -20.20 20.07 36.56
C PHE G 27 -19.95 19.09 35.44
N THR G 28 -19.44 17.89 35.75
CA THR G 28 -19.25 16.79 34.80
C THR G 28 -18.15 17.12 33.80
N PHE G 29 -17.63 18.34 33.84
CA PHE G 29 -16.57 18.77 32.94
C PHE G 29 -15.52 19.55 33.71
N SER G 30 -14.26 19.33 33.39
CA SER G 30 -13.18 20.10 34.00
C SER G 30 -13.22 21.54 33.52
N SER G 31 -13.02 22.48 34.45
CA SER G 31 -13.11 23.90 34.17
C SER G 31 -11.89 24.62 34.72
N ASP G 32 -11.52 25.71 34.06
CA ASP G 32 -10.42 26.55 34.50
C ASP G 32 -10.88 27.88 35.07
N PHE G 33 -12.17 28.18 35.01
CA PHE G 33 -12.71 29.41 35.59
C PHE G 33 -14.11 29.14 36.12
N ILE G 34 -14.49 29.88 37.16
CA ILE G 34 -15.73 29.65 37.88
C ILE G 34 -16.53 30.95 37.95
N HIS G 35 -16.42 31.78 36.90
CA HIS G 35 -16.96 33.13 36.86
C HIS G 35 -18.34 33.22 37.52
N TRP G 36 -18.54 34.30 38.27
CA TRP G 36 -19.82 34.56 38.93
C TRP G 36 -20.55 35.67 38.19
N VAL G 37 -21.83 35.46 37.92
CA VAL G 37 -22.64 36.43 37.19
C VAL G 37 -23.89 36.73 38.00
N ARG G 38 -24.15 38.01 38.25
CA ARG G 38 -25.36 38.44 38.94
C ARG G 38 -26.33 39.05 37.94
N GLN G 39 -27.61 38.98 38.27
CA GLN G 39 -28.65 39.53 37.39
C GLN G 39 -29.83 39.99 38.25
N VAL G 40 -30.18 41.26 38.15
CA VAL G 40 -31.35 41.81 38.81
C VAL G 40 -32.55 41.58 37.88
N PRO G 41 -33.69 41.13 38.39
CA PRO G 41 -34.84 40.89 37.51
C PRO G 41 -35.28 42.16 36.80
N GLY G 42 -35.69 42.01 35.55
CA GLY G 42 -36.10 43.13 34.72
C GLY G 42 -34.99 43.87 34.03
N GLN G 43 -33.73 43.41 34.14
CA GLN G 43 -32.60 44.08 33.51
C GLN G 43 -31.71 43.00 32.89
N GLY G 44 -30.52 43.41 32.44
CA GLY G 44 -29.58 42.52 31.80
C GLY G 44 -28.53 41.99 32.76
N LEU G 45 -27.62 41.20 32.20
CA LEU G 45 -26.56 40.57 32.97
C LEU G 45 -25.46 41.60 33.29
N GLU G 46 -24.56 41.18 34.20
CA GLU G 46 -23.43 42.02 34.58
C GLU G 46 -22.38 41.18 35.29
N TRP G 47 -21.12 41.35 34.91
CA TRP G 47 -20.04 40.55 35.48
C TRP G 47 -19.79 40.91 36.94
N MET G 48 -19.42 39.91 37.73
CA MET G 48 -19.21 40.08 39.16
C MET G 48 -17.78 39.81 39.59
N GLY G 49 -17.22 38.67 39.22
CA GLY G 49 -15.84 38.35 39.59
C GLY G 49 -15.49 36.94 39.20
N ARG G 50 -14.22 36.63 39.35
CA ARG G 50 -13.71 35.30 39.01
C ARG G 50 -12.59 34.90 39.95
N ILE G 51 -12.47 33.60 40.17
CA ILE G 51 -11.37 33.01 40.92
C ILE G 51 -10.94 31.73 40.22
N THR G 52 -9.63 31.47 40.19
CA THR G 52 -9.11 30.27 39.55
C THR G 52 -9.07 29.12 40.56
N PRO G 53 -9.74 28.00 40.30
CA PRO G 53 -9.75 26.91 41.27
C PRO G 53 -8.38 26.28 41.50
N SER G 54 -7.44 26.45 40.57
CA SER G 54 -6.13 25.83 40.72
C SER G 54 -5.37 26.40 41.90
N ASP G 55 -5.30 27.72 42.02
CA ASP G 55 -4.57 28.36 43.11
C ASP G 55 -5.42 29.30 43.96
N GLY G 56 -6.31 30.07 43.35
CA GLY G 56 -7.17 30.96 44.12
C GLY G 56 -6.98 32.43 43.79
N THR G 57 -6.39 32.72 42.63
CA THR G 57 -6.22 34.11 42.21
C THR G 57 -7.58 34.73 41.94
N THR G 58 -7.78 35.94 42.47
CA THR G 58 -9.08 36.60 42.41
C THR G 58 -9.00 37.83 41.51
N THR G 59 -10.02 38.00 40.65
CA THR G 59 -10.16 39.19 39.83
C THR G 59 -11.59 39.71 39.97
N TYR G 60 -11.73 40.95 40.42
CA TYR G 60 -13.02 41.57 40.68
C TYR G 60 -13.28 42.66 39.64
N ALA G 61 -14.40 43.35 39.83
CA ALA G 61 -14.74 44.54 39.05
C ALA G 61 -14.50 45.79 39.90
N GLN G 62 -14.41 46.93 39.22
CA GLN G 62 -14.12 48.18 39.92
C GLN G 62 -15.24 48.55 40.88
N LYS G 63 -16.50 48.36 40.47
CA LYS G 63 -17.62 48.73 41.34
C LYS G 63 -17.66 47.87 42.60
N PHE G 64 -17.40 46.57 42.47
CA PHE G 64 -17.45 45.66 43.60
C PHE G 64 -16.13 45.54 44.34
N GLN G 65 -15.11 46.30 43.93
CA GLN G 65 -13.81 46.21 44.59
C GLN G 65 -13.90 46.67 46.03
N GLY G 66 -13.26 45.92 46.93
CA GLY G 66 -13.21 46.26 48.33
C GLY G 66 -14.44 45.88 49.13
N ARG G 67 -15.39 45.17 48.53
CA ARG G 67 -16.61 44.77 49.23
C ARG G 67 -16.85 43.28 49.22
N VAL G 68 -16.54 42.59 48.12
CA VAL G 68 -16.83 41.18 47.96
C VAL G 68 -15.57 40.37 48.21
N THR G 69 -15.72 39.19 48.82
CA THR G 69 -14.61 38.29 49.08
C THR G 69 -14.93 36.92 48.50
N MET G 70 -14.05 36.42 47.65
CA MET G 70 -14.21 35.12 47.02
C MET G 70 -13.13 34.18 47.52
N THR G 71 -13.55 33.01 48.02
CA THR G 71 -12.61 32.05 48.60
C THR G 71 -12.95 30.66 48.09
N ARG G 72 -11.97 29.76 48.20
CA ARG G 72 -12.12 28.38 47.74
C ARG G 72 -11.79 27.43 48.88
N ASP G 73 -12.67 26.46 49.11
CA ASP G 73 -12.44 25.38 50.06
C ASP G 73 -12.13 24.11 49.29
N PRO G 74 -10.93 23.55 49.43
CA PRO G 74 -10.56 22.33 48.70
C PRO G 74 -11.04 21.04 49.33
N SER G 75 -11.87 21.09 50.37
CA SER G 75 -12.42 19.87 50.94
C SER G 75 -13.28 19.13 49.93
N THR G 76 -14.08 19.87 49.16
CA THR G 76 -14.87 19.28 48.08
C THR G 76 -14.80 20.15 46.82
N GLY G 77 -13.80 21.03 46.73
CA GLY G 77 -13.67 21.91 45.59
C GLY G 77 -14.82 22.89 45.47
N THR G 78 -15.18 23.52 46.58
CA THR G 78 -16.32 24.42 46.63
C THR G 78 -15.83 25.87 46.67
N VAL G 79 -16.64 26.78 46.16
CA VAL G 79 -16.31 28.21 46.15
C VAL G 79 -17.36 28.95 46.96
N TYR G 80 -16.91 29.93 47.74
CA TYR G 80 -17.77 30.79 48.54
C TYR G 80 -17.57 32.24 48.10
N ILE G 81 -18.68 32.98 48.02
CA ILE G 81 -18.64 34.42 47.80
C ILE G 81 -19.36 35.10 48.95
N GLU G 82 -18.76 36.16 49.47
CA GLU G 82 -19.30 36.89 50.61
C GLU G 82 -19.44 38.36 50.23
N LEU G 83 -20.65 38.89 50.38
CA LEU G 83 -20.92 40.31 50.19
C LEU G 83 -21.21 40.95 51.53
N ARG G 84 -20.70 42.16 51.72
CA ARG G 84 -20.81 42.88 52.97
C ARG G 84 -21.57 44.18 52.76
N ARG G 85 -22.37 44.56 53.76
CA ARG G 85 -23.10 45.83 53.78
C ARG G 85 -24.01 45.96 52.55
N LEU G 86 -25.00 45.07 52.51
CA LEU G 86 -25.98 45.09 51.43
C LEU G 86 -26.92 46.28 51.58
N LYS G 87 -26.50 47.44 51.07
CA LYS G 87 -27.27 48.67 51.19
C LYS G 87 -28.43 48.68 50.19
N SER G 88 -29.30 47.68 50.33
CA SER G 88 -30.44 47.46 49.45
C SER G 88 -30.01 47.31 47.99
N GLU G 89 -30.97 47.25 47.08
CA GLU G 89 -30.78 47.17 45.63
C GLU G 89 -30.12 45.87 45.20
N ASP G 90 -29.75 45.00 46.13
CA ASP G 90 -29.03 43.77 45.82
C ASP G 90 -29.94 42.57 45.59
N THR G 91 -31.25 42.78 45.61
CA THR G 91 -32.18 41.68 45.36
C THR G 91 -32.02 41.19 43.93
N ALA G 92 -31.42 40.01 43.75
CA ALA G 92 -31.06 39.55 42.41
C ALA G 92 -30.86 38.03 42.45
N VAL G 93 -30.34 37.50 41.35
CA VAL G 93 -30.07 36.08 41.19
C VAL G 93 -28.61 35.92 40.79
N TYR G 94 -27.93 34.98 41.44
CA TYR G 94 -26.50 34.76 41.26
C TYR G 94 -26.28 33.38 40.62
N TYR G 95 -25.40 33.33 39.62
CA TYR G 95 -25.05 32.11 38.93
C TYR G 95 -23.55 31.89 38.99
N CYS G 96 -23.15 30.65 39.26
CA CYS G 96 -21.76 30.22 39.12
C CYS G 96 -21.64 29.36 37.87
N VAL G 97 -20.72 29.74 36.98
CA VAL G 97 -20.63 29.14 35.66
C VAL G 97 -19.21 28.66 35.43
N ALA G 98 -19.08 27.57 34.67
CA ALA G 98 -17.80 27.08 34.20
C ALA G 98 -17.57 27.66 32.80
N TYR G 99 -16.40 28.25 32.60
CA TYR G 99 -16.14 29.05 31.39
C TYR G 99 -14.66 28.93 31.06
N ASP G 100 -14.34 28.14 30.04
CA ASP G 100 -12.96 27.96 29.60
C ASP G 100 -12.91 27.99 28.08
N ARG G 101 -11.84 28.59 27.54
CA ARG G 101 -11.64 28.64 26.10
C ARG G 101 -10.16 28.58 25.79
N VAL G 102 -9.80 27.79 24.78
CA VAL G 102 -8.42 27.62 24.36
C VAL G 102 -8.36 27.69 22.83
N THR G 103 -7.30 28.32 22.32
CA THR G 103 -7.08 28.44 20.89
C THR G 103 -5.69 27.92 20.53
N THR G 104 -5.57 27.41 19.31
CA THR G 104 -4.32 26.85 18.83
C THR G 104 -4.13 27.28 17.38
N SER G 105 -3.16 26.66 16.70
CA SER G 105 -2.91 26.99 15.30
C SER G 105 -4.08 26.61 14.42
N ALA G 106 -4.71 25.46 14.68
CA ALA G 106 -5.84 24.98 13.88
C ALA G 106 -6.83 24.32 14.85
N GLY G 107 -7.83 25.08 15.27
CA GLY G 107 -8.86 24.55 16.15
C GLY G 107 -9.03 25.34 17.43
N THR G 108 -10.28 25.57 17.83
CA THR G 108 -10.61 26.29 19.05
C THR G 108 -11.54 25.43 19.89
N GLY G 109 -11.24 25.32 21.17
CA GLY G 109 -12.06 24.54 22.10
C GLY G 109 -12.68 25.44 23.15
N ALA G 110 -13.91 25.12 23.54
CA ALA G 110 -14.62 25.92 24.52
C ALA G 110 -15.46 25.01 25.42
N THR G 111 -15.73 25.50 26.62
CA THR G 111 -16.57 24.80 27.58
C THR G 111 -17.30 25.85 28.40
N ASP G 112 -18.64 25.87 28.29
CA ASP G 112 -19.46 26.88 28.96
C ASP G 112 -20.66 26.15 29.55
N ILE G 113 -20.77 26.16 30.88
CA ILE G 113 -21.86 25.51 31.60
C ILE G 113 -22.40 26.50 32.61
N TRP G 114 -23.71 26.74 32.57
CA TRP G 114 -24.36 27.63 33.52
C TRP G 114 -25.08 26.82 34.59
N GLY G 115 -25.21 27.43 35.78
CA GLY G 115 -25.81 26.78 36.91
C GLY G 115 -27.27 27.15 37.10
N GLN G 116 -27.88 26.49 38.09
CA GLN G 116 -29.29 26.77 38.40
C GLN G 116 -29.47 28.20 38.90
N GLY G 117 -28.56 28.67 39.73
CA GLY G 117 -28.63 30.03 40.25
C GLY G 117 -29.45 30.14 41.51
N THR G 118 -28.95 30.91 42.48
CA THR G 118 -29.66 31.16 43.73
C THR G 118 -30.25 32.57 43.70
N MET G 119 -31.23 32.81 44.56
CA MET G 119 -31.89 34.10 44.66
C MET G 119 -31.60 34.71 46.01
N VAL G 120 -31.07 35.94 46.01
CA VAL G 120 -30.73 36.64 47.24
C VAL G 120 -31.53 37.93 47.28
N THR G 121 -32.29 38.12 48.36
CA THR G 121 -33.11 39.32 48.52
C THR G 121 -32.93 39.90 49.91
N VAL G 122 -33.08 41.21 50.00
CA VAL G 122 -32.93 41.95 51.25
C VAL G 122 -34.17 42.79 51.46
N SER G 123 -34.71 42.76 52.69
CA SER G 123 -35.90 43.53 53.02
C SER G 123 -35.95 43.70 54.53
N SER G 124 -36.78 44.66 54.95
CA SER G 124 -36.96 44.93 56.38
C SER G 124 -37.78 43.84 57.05
N ASP H 1 -13.64 50.64 30.54
CA ASP H 1 -14.08 49.35 30.01
C ASP H 1 -14.47 49.47 28.54
N ILE H 2 -15.36 48.59 28.09
CA ILE H 2 -15.81 48.53 26.72
C ILE H 2 -17.34 48.57 26.70
N VAL H 3 -17.90 49.40 25.82
CA VAL H 3 -19.34 49.63 25.74
C VAL H 3 -19.87 48.96 24.49
N MET H 4 -20.97 48.22 24.63
CA MET H 4 -21.58 47.47 23.54
C MET H 4 -22.99 47.98 23.28
N THR H 5 -23.41 47.87 22.01
CA THR H 5 -24.76 48.22 21.60
C THR H 5 -25.32 47.12 20.71
N GLN H 6 -26.64 46.99 20.69
CA GLN H 6 -27.32 45.99 19.89
C GLN H 6 -28.37 46.66 19.02
N SER H 7 -28.71 45.99 17.91
CA SER H 7 -29.70 46.52 17.00
C SER H 7 -30.47 45.39 16.34
N PRO H 8 -31.81 45.43 16.35
CA PRO H 8 -32.56 46.48 17.04
C PRO H 8 -32.84 46.11 18.50
N LEU H 9 -33.59 46.96 19.20
CA LEU H 9 -34.01 46.68 20.57
C LEU H 9 -35.34 45.95 20.65
N SER H 10 -35.96 45.67 19.49
CA SER H 10 -37.21 44.93 19.43
C SER H 10 -37.39 44.44 18.01
N LEU H 11 -37.61 43.14 17.85
CA LEU H 11 -37.70 42.53 16.52
C LEU H 11 -38.65 41.34 16.59
N PRO H 12 -39.93 41.56 16.31
CA PRO H 12 -40.85 40.42 16.18
C PRO H 12 -40.48 39.57 14.98
N VAL H 13 -40.73 38.27 15.10
CA VAL H 13 -40.35 37.30 14.08
C VAL H 13 -41.54 36.39 13.80
N THR H 14 -41.64 35.93 12.56
CA THR H 14 -42.68 35.07 12.00
C THR H 14 -42.13 33.68 11.74
N PRO H 15 -42.90 32.62 12.03
CA PRO H 15 -42.39 31.26 11.89
C PRO H 15 -42.24 30.82 10.44
N GLY H 16 -41.08 31.10 9.83
CA GLY H 16 -40.84 30.72 8.46
C GLY H 16 -39.97 31.68 7.69
N GLU H 17 -39.63 32.83 8.29
CA GLU H 17 -38.75 33.80 7.68
C GLU H 17 -37.52 34.04 8.53
N PRO H 18 -36.38 34.36 7.93
CA PRO H 18 -35.13 34.52 8.69
C PRO H 18 -35.14 35.79 9.52
N ALA H 19 -34.09 35.95 10.32
CA ALA H 19 -33.91 37.10 11.17
C ALA H 19 -32.42 37.35 11.39
N SER H 20 -32.09 38.60 11.71
CA SER H 20 -30.70 39.00 11.93
C SER H 20 -30.64 40.06 13.02
N ILE H 21 -29.64 39.94 13.89
CA ILE H 21 -29.42 40.87 14.99
C ILE H 21 -27.95 41.29 14.98
N SER H 22 -27.68 42.59 15.16
CA SER H 22 -26.34 43.13 15.03
C SER H 22 -25.81 43.59 16.38
N CYS H 23 -24.58 43.21 16.68
CA CYS H 23 -23.86 43.68 17.86
C CYS H 23 -22.71 44.58 17.40
N ARG H 24 -22.67 45.80 17.95
CA ARG H 24 -21.64 46.77 17.66
C ARG H 24 -20.84 47.04 18.93
N SER H 25 -19.53 47.22 18.78
CA SER H 25 -18.63 47.29 19.91
C SER H 25 -17.81 48.56 19.88
N SER H 26 -17.05 48.76 20.96
CA SER H 26 -16.05 49.82 21.08
C SER H 26 -14.79 49.39 20.34
N GLN H 27 -13.67 50.06 20.66
CA GLN H 27 -12.37 49.77 20.03
C GLN H 27 -12.18 48.27 19.83
N SER H 28 -11.63 47.94 18.65
CA SER H 28 -11.69 46.60 18.07
C SER H 28 -11.46 45.49 19.10
N LEU H 29 -12.32 44.48 19.04
CA LEU H 29 -12.22 43.29 19.89
C LEU H 29 -11.25 42.27 19.34
N LEU H 30 -10.67 42.52 18.16
CA LEU H 30 -9.83 41.53 17.51
C LEU H 30 -8.55 41.29 18.33
N HIS H 31 -8.29 40.03 18.63
CA HIS H 31 -7.10 39.62 19.36
C HIS H 31 -5.90 39.55 18.41
N GLY H 32 -4.86 38.84 18.84
CA GLY H 32 -3.60 38.80 18.11
C GLY H 32 -3.55 37.59 17.20
N ASP H 33 -2.97 36.49 17.68
CA ASP H 33 -2.78 35.25 16.92
C ASP H 33 -3.94 34.94 15.98
N GLY H 34 -5.17 35.09 16.46
CA GLY H 34 -6.32 34.93 15.57
C GLY H 34 -7.61 34.86 16.33
N TYR H 35 -8.70 34.93 15.56
CA TYR H 35 -10.07 34.75 16.03
C TYR H 35 -10.55 35.91 16.91
N ASN H 36 -11.83 36.25 16.80
CA ASN H 36 -12.43 37.25 17.66
C ASN H 36 -12.72 36.67 19.03
N TYR H 37 -13.33 37.48 19.89
CA TYR H 37 -13.62 37.07 21.26
C TYR H 37 -15.02 37.51 21.67
N LEU H 38 -16.01 37.31 20.78
CA LEU H 38 -17.38 37.73 21.03
C LEU H 38 -18.30 36.52 20.99
N ASP H 39 -19.32 36.53 21.84
CA ASP H 39 -20.23 35.41 22.00
C ASP H 39 -21.67 35.90 22.03
N TRP H 40 -22.58 35.01 21.60
CA TRP H 40 -24.01 35.26 21.60
C TRP H 40 -24.66 34.26 22.54
N TYR H 41 -25.38 34.77 23.54
CA TYR H 41 -26.09 33.96 24.53
C TYR H 41 -27.59 34.09 24.34
N LEU H 42 -28.31 33.01 24.64
CA LEU H 42 -29.76 32.97 24.57
C LEU H 42 -30.32 32.72 25.97
N GLN H 43 -31.51 33.27 26.22
CA GLN H 43 -32.17 33.06 27.50
C GLN H 43 -33.67 32.97 27.29
N LYS H 44 -34.26 31.85 27.69
CA LYS H 44 -35.69 31.69 27.70
C LYS H 44 -36.28 32.25 29.00
N PRO H 45 -37.55 32.64 28.99
CA PRO H 45 -38.14 33.21 30.21
C PRO H 45 -38.21 32.22 31.37
N GLY H 46 -37.47 32.49 32.43
CA GLY H 46 -37.51 31.68 33.63
C GLY H 46 -36.33 30.76 33.82
N ARG H 47 -35.85 30.15 32.75
CA ARG H 47 -34.75 29.18 32.84
C ARG H 47 -33.41 29.90 32.92
N SER H 48 -32.33 29.15 32.81
CA SER H 48 -30.96 29.64 32.87
C SER H 48 -30.42 29.89 31.46
N PRO H 49 -29.59 30.93 31.29
CA PRO H 49 -29.06 31.23 29.96
C PRO H 49 -28.23 30.08 29.40
N GLN H 50 -28.34 29.89 28.09
CA GLN H 50 -27.63 28.84 27.37
C GLN H 50 -26.79 29.46 26.26
N LEU H 51 -25.58 28.94 26.09
CA LEU H 51 -24.70 29.44 25.04
C LEU H 51 -25.27 29.12 23.67
N LEU H 52 -25.16 30.08 22.75
CA LEU H 52 -25.61 29.91 21.39
C LEU H 52 -24.45 29.94 20.40
N ILE H 53 -23.65 31.00 20.42
CA ILE H 53 -22.52 31.15 19.51
C ILE H 53 -21.29 31.55 20.32
N TYR H 54 -20.16 30.91 20.04
CA TYR H 54 -18.91 31.22 20.71
C TYR H 54 -17.82 31.50 19.70
N LEU H 55 -16.93 32.44 20.05
CA LEU H 55 -15.76 32.78 19.24
C LEU H 55 -16.14 33.15 17.81
N GLY H 56 -17.20 33.95 17.68
CA GLY H 56 -17.54 34.57 16.42
C GLY H 56 -18.47 33.77 15.52
N SER H 57 -17.97 32.68 14.93
CA SER H 57 -18.73 31.99 13.89
C SER H 57 -18.67 30.46 14.05
N HIS H 58 -18.60 29.97 15.29
CA HIS H 58 -18.60 28.54 15.56
C HIS H 58 -19.83 28.18 16.39
N ARG H 59 -20.04 26.88 16.58
CA ARG H 59 -21.18 26.37 17.32
C ARG H 59 -20.74 25.32 18.32
N ALA H 60 -21.41 25.29 19.46
CA ALA H 60 -21.13 24.34 20.51
C ALA H 60 -22.04 23.11 20.35
N SER H 61 -22.08 22.26 21.38
CA SER H 61 -22.98 21.12 21.35
C SER H 61 -24.43 21.57 21.43
N GLY H 62 -25.30 20.82 20.75
CA GLY H 62 -26.70 21.22 20.66
C GLY H 62 -26.88 22.19 19.52
N VAL H 63 -27.54 23.31 19.79
CA VAL H 63 -27.75 24.44 18.88
C VAL H 63 -28.00 23.95 17.45
N PRO H 64 -29.19 23.40 17.16
CA PRO H 64 -29.45 22.83 15.82
C PRO H 64 -29.10 23.75 14.67
N ASP H 65 -28.91 23.17 13.48
CA ASP H 65 -28.30 23.88 12.36
C ASP H 65 -29.23 24.91 11.75
N ARG H 66 -29.56 25.95 12.50
CA ARG H 66 -30.23 27.12 11.95
C ARG H 66 -29.72 28.43 12.52
N PHE H 67 -28.70 28.41 13.37
CA PHE H 67 -28.09 29.61 13.91
C PHE H 67 -26.70 29.78 13.31
N SER H 68 -26.32 31.02 13.02
CA SER H 68 -25.00 31.28 12.47
C SER H 68 -24.54 32.67 12.88
N GLY H 69 -23.22 32.88 12.83
CA GLY H 69 -22.64 34.17 13.12
C GLY H 69 -21.74 34.61 11.99
N SER H 70 -21.56 35.92 11.88
CA SER H 70 -20.73 36.48 10.83
C SER H 70 -20.20 37.84 11.28
N GLY H 71 -19.14 38.28 10.61
CA GLY H 71 -18.57 39.58 10.90
C GLY H 71 -17.11 39.52 11.28
N SER H 72 -16.39 40.62 11.09
CA SER H 72 -14.98 40.70 11.46
C SER H 72 -14.64 42.16 11.78
N GLY H 73 -13.95 42.37 12.88
CA GLY H 73 -13.59 43.71 13.29
C GLY H 73 -14.38 44.20 14.49
N THR H 74 -15.32 45.12 14.26
CA THR H 74 -16.10 45.71 15.34
C THR H 74 -17.59 45.47 15.24
N ASP H 75 -18.09 44.99 14.09
CA ASP H 75 -19.50 44.71 13.91
C ASP H 75 -19.71 43.22 13.67
N PHE H 76 -20.71 42.64 14.33
CA PHE H 76 -21.01 41.23 14.17
C PHE H 76 -22.51 41.04 14.03
N THR H 77 -22.90 39.96 13.34
CA THR H 77 -24.30 39.67 13.08
C THR H 77 -24.61 38.22 13.41
N LEU H 78 -25.71 38.01 14.10
CA LEU H 78 -26.27 36.68 14.34
C LEU H 78 -27.48 36.49 13.44
N ARG H 79 -27.46 35.42 12.66
CA ARG H 79 -28.45 35.16 11.62
C ARG H 79 -29.13 33.82 11.87
N ILE H 80 -30.45 33.80 11.74
CA ILE H 80 -31.24 32.58 11.85
C ILE H 80 -31.63 32.13 10.46
N SER H 81 -31.26 30.91 10.09
CA SER H 81 -31.58 30.40 8.75
C SER H 81 -33.08 30.26 8.56
N ARG H 82 -33.76 29.61 9.53
CA ARG H 82 -35.21 29.45 9.48
C ARG H 82 -35.70 29.32 10.91
N VAL H 83 -36.26 30.41 11.44
CA VAL H 83 -36.69 30.44 12.84
C VAL H 83 -37.88 29.51 13.03
N GLU H 84 -38.03 29.02 14.25
CA GLU H 84 -39.16 28.21 14.67
C GLU H 84 -39.93 28.93 15.77
N ALA H 85 -40.90 28.24 16.36
CA ALA H 85 -41.75 28.81 17.40
C ALA H 85 -41.14 28.66 18.80
N GLU H 86 -39.93 28.13 18.92
CA GLU H 86 -39.28 27.91 20.21
C GLU H 86 -38.05 28.79 20.40
N ASP H 87 -38.01 29.94 19.71
CA ASP H 87 -36.87 30.85 19.79
C ASP H 87 -37.23 32.17 20.47
N VAL H 88 -38.38 32.24 21.14
CA VAL H 88 -38.74 33.44 21.88
C VAL H 88 -37.84 33.58 23.10
N GLY H 89 -37.47 34.81 23.42
CA GLY H 89 -36.65 35.04 24.59
C GLY H 89 -35.80 36.30 24.43
N ILE H 90 -34.64 36.28 25.08
CA ILE H 90 -33.73 37.41 25.13
C ILE H 90 -32.35 36.96 24.64
N TYR H 91 -31.71 37.82 23.86
CA TYR H 91 -30.38 37.56 23.31
C TYR H 91 -29.38 38.53 23.92
N TYR H 92 -28.19 38.04 24.23
CA TYR H 92 -27.14 38.82 24.87
C TYR H 92 -25.85 38.71 24.09
N CYS H 93 -25.07 39.78 24.10
CA CYS H 93 -23.80 39.86 23.40
C CYS H 93 -22.69 40.05 24.42
N MET H 94 -21.65 39.22 24.34
CA MET H 94 -20.60 39.17 25.35
C MET H 94 -19.23 39.25 24.71
N GLN H 95 -18.27 39.82 25.44
CA GLN H 95 -16.89 39.96 24.98
C GLN H 95 -15.96 39.11 25.84
N GLY H 96 -14.75 38.88 25.34
CA GLY H 96 -13.76 38.12 26.07
C GLY H 96 -12.33 38.56 25.90
N LEU H 97 -12.10 39.83 25.58
CA LEU H 97 -10.74 40.30 25.31
C LEU H 97 -10.03 40.75 26.58
N GLN H 98 -10.57 41.77 27.24
CA GLN H 98 -10.05 42.23 28.53
C GLN H 98 -10.94 41.65 29.63
N THR H 99 -10.71 42.07 30.88
CA THR H 99 -11.59 41.55 31.91
C THR H 99 -12.32 42.61 32.73
N PRO H 100 -12.83 43.70 32.12
CA PRO H 100 -14.07 44.29 32.64
C PRO H 100 -15.26 43.76 31.84
N PHE H 101 -15.62 42.49 32.04
CA PHE H 101 -16.63 41.86 31.20
C PHE H 101 -17.95 42.63 31.26
N THR H 102 -18.54 42.88 30.10
CA THR H 102 -19.79 43.61 29.99
C THR H 102 -20.72 42.87 29.05
N PHE H 103 -22.00 42.80 29.43
CA PHE H 103 -23.03 42.26 28.56
C PHE H 103 -23.82 43.40 27.92
N GLY H 104 -24.44 43.09 26.79
CA GLY H 104 -25.25 44.05 26.09
C GLY H 104 -26.58 44.29 26.77
N PRO H 105 -27.29 45.32 26.30
CA PRO H 105 -28.62 45.59 26.86
C PRO H 105 -29.57 44.41 26.75
N GLY H 106 -29.50 43.66 25.66
CA GLY H 106 -30.36 42.51 25.48
C GLY H 106 -31.47 42.74 24.47
N THR H 107 -31.50 41.94 23.42
CA THR H 107 -32.51 42.07 22.38
C THR H 107 -33.64 41.08 22.64
N ARG H 108 -34.88 41.57 22.63
CA ARG H 108 -36.04 40.75 22.89
C ARG H 108 -36.63 40.27 21.58
N VAL H 109 -36.84 38.96 21.45
CA VAL H 109 -37.42 38.35 20.27
C VAL H 109 -38.67 37.62 20.69
N ASP H 110 -39.81 37.98 20.08
CA ASP H 110 -41.09 37.38 20.39
C ASP H 110 -41.82 37.00 19.11
N LEU H 111 -42.80 36.11 19.25
CA LEU H 111 -43.57 35.63 18.11
C LEU H 111 -44.62 36.66 17.71
N LYS H 112 -44.82 36.82 16.41
CA LYS H 112 -45.80 37.76 15.88
C LYS H 112 -47.02 37.03 15.34
N GLN I 26 36.58 -6.31 -16.23
CA GLN I 26 35.69 -7.31 -16.82
C GLN I 26 36.49 -8.50 -17.34
N ASN I 27 36.40 -8.74 -18.65
CA ASN I 27 37.10 -9.85 -19.32
C ASN I 27 36.73 -11.18 -18.67
N ILE I 28 35.44 -11.52 -18.77
CA ILE I 28 34.92 -12.76 -18.20
C ILE I 28 35.30 -13.92 -19.10
N THR I 29 36.33 -14.66 -18.70
CA THR I 29 36.78 -15.81 -19.47
C THR I 29 36.07 -17.08 -19.01
N GLU I 30 36.01 -18.07 -19.91
CA GLU I 30 35.36 -19.32 -19.58
C GLU I 30 36.03 -20.45 -20.37
N GLU I 31 36.23 -21.58 -19.70
CA GLU I 31 36.87 -22.74 -20.29
C GLU I 31 35.98 -23.97 -20.10
N PHE I 32 36.08 -24.91 -21.04
CA PHE I 32 35.33 -26.15 -20.99
C PHE I 32 36.30 -27.31 -21.12
N TYR I 33 36.25 -28.24 -20.17
CA TYR I 33 37.12 -29.42 -20.16
C TYR I 33 36.28 -30.64 -20.51
N GLN I 34 36.64 -31.30 -21.61
CA GLN I 34 35.91 -32.47 -22.08
C GLN I 34 36.36 -33.76 -21.44
N SER I 35 37.50 -33.76 -20.74
CA SER I 35 37.94 -34.97 -20.03
C SER I 35 36.94 -35.37 -18.96
N THR I 36 36.42 -34.39 -18.21
CA THR I 36 35.39 -34.61 -17.22
C THR I 36 34.05 -34.00 -17.68
N CYS I 37 34.06 -33.22 -18.74
CA CYS I 37 32.87 -32.53 -19.27
C CYS I 37 32.32 -31.55 -18.23
N SER I 38 33.15 -30.58 -17.87
CA SER I 38 32.81 -29.54 -16.92
C SER I 38 33.18 -28.19 -17.50
N ALA I 39 32.69 -27.13 -16.87
CA ALA I 39 32.93 -25.77 -17.30
C ALA I 39 33.36 -24.91 -16.12
N VAL I 40 34.31 -24.00 -16.38
CA VAL I 40 34.80 -23.08 -15.37
C VAL I 40 34.69 -21.65 -15.92
N SER I 41 34.26 -20.73 -15.08
CA SER I 41 34.12 -19.32 -15.45
C SER I 41 34.94 -18.48 -14.50
N LYS I 42 35.87 -17.70 -15.05
CA LYS I 42 36.80 -16.91 -14.27
C LYS I 42 36.71 -15.43 -14.66
N GLY I 43 36.98 -14.56 -13.69
CA GLY I 43 37.00 -13.13 -13.94
C GLY I 43 36.19 -12.33 -12.96
N TYR I 44 35.29 -12.98 -12.23
CA TYR I 44 34.42 -12.28 -11.29
C TYR I 44 35.19 -11.84 -10.06
N LEU I 45 34.95 -10.61 -9.61
CA LEU I 45 35.47 -10.14 -8.35
C LEU I 45 34.60 -10.64 -7.20
N SER I 46 35.08 -10.48 -5.98
CA SER I 46 34.43 -11.05 -4.80
C SER I 46 34.06 -9.98 -3.80
N ALA I 47 33.01 -10.27 -3.03
CA ALA I 47 32.60 -9.42 -1.92
C ALA I 47 31.94 -10.34 -0.88
N LEU I 48 32.71 -10.74 0.13
CA LEU I 48 32.27 -11.70 1.12
C LEU I 48 31.99 -10.99 2.45
N ARG I 49 30.79 -11.17 2.97
CA ARG I 49 30.45 -10.67 4.29
C ARG I 49 31.07 -11.55 5.37
N THR I 50 31.47 -10.92 6.48
CA THR I 50 32.05 -11.66 7.60
C THR I 50 31.50 -11.28 8.95
N GLY I 51 30.74 -10.19 9.09
CA GLY I 51 30.25 -9.78 10.38
C GLY I 51 28.99 -8.95 10.26
N TRP I 52 28.25 -8.89 11.36
CA TRP I 52 27.00 -8.16 11.42
C TRP I 52 27.21 -6.79 12.07
N TYR I 53 26.14 -6.00 12.11
CA TYR I 53 26.17 -4.69 12.75
C TYR I 53 24.75 -4.31 13.15
N THR I 54 24.64 -3.61 14.27
CA THR I 54 23.34 -3.25 14.83
C THR I 54 23.18 -1.74 14.89
N SER I 55 21.92 -1.29 14.85
CA SER I 55 21.60 0.11 15.02
C SER I 55 20.20 0.22 15.61
N VAL I 56 19.99 1.23 16.46
CA VAL I 56 18.72 1.43 17.13
C VAL I 56 18.00 2.59 16.45
N ILE I 57 16.72 2.38 16.14
CA ILE I 57 15.88 3.41 15.53
C ILE I 57 14.72 3.70 16.47
N THR I 58 14.54 4.98 16.81
CA THR I 58 13.47 5.43 17.69
C THR I 58 12.45 6.21 16.88
N ILE I 59 11.18 5.85 17.03
CA ILE I 59 10.08 6.44 16.27
C ILE I 59 9.09 7.06 17.27
N GLU I 60 9.64 7.60 18.37
CA GLU I 60 8.92 7.96 19.58
C GLU I 60 7.50 8.48 19.31
N LEU I 61 6.53 7.89 20.00
CA LEU I 61 5.13 8.22 19.85
C LEU I 61 4.70 9.25 20.89
N SER I 62 3.40 9.50 20.96
CA SER I 62 2.81 10.39 21.94
C SER I 62 1.61 9.71 22.59
N ASN I 63 1.40 10.00 23.87
CA ASN I 63 0.35 9.34 24.63
C ASN I 63 -1.00 10.01 24.39
N ILE I 64 -1.98 9.20 24.00
CA ILE I 64 -3.37 9.64 23.86
C ILE I 64 -4.25 8.71 24.68
N LYS I 65 -5.22 9.28 25.38
CA LYS I 65 -6.03 8.53 26.33
C LYS I 65 -7.49 8.40 25.89
N GLU I 66 -8.17 9.51 25.65
CA GLU I 66 -9.59 9.46 25.31
C GLU I 66 -9.99 10.75 24.61
N ASN I 67 -11.18 10.72 24.00
CA ASN I 67 -11.76 11.86 23.31
C ASN I 67 -13.14 12.11 23.91
N LYS I 68 -13.49 13.39 24.08
CA LYS I 68 -14.73 13.77 24.73
C LYS I 68 -15.64 14.64 23.89
N CYS I 69 -15.10 15.50 23.01
CA CYS I 69 -15.93 16.42 22.26
C CYS I 69 -16.79 15.67 21.24
N ASN I 70 -18.04 16.12 21.10
CA ASN I 70 -19.01 15.45 20.25
C ASN I 70 -19.52 16.38 19.15
N GLY I 71 -18.62 17.06 18.47
CA GLY I 71 -19.01 18.02 17.45
C GLY I 71 -19.69 17.37 16.27
N THR I 72 -20.31 18.23 15.45
CA THR I 72 -21.09 17.79 14.31
C THR I 72 -20.36 17.92 12.98
N ASP I 73 -19.41 18.85 12.87
CA ASP I 73 -18.73 19.11 11.61
C ASP I 73 -17.95 17.88 11.14
N ALA I 74 -17.90 17.70 9.83
CA ALA I 74 -17.28 16.50 9.26
C ALA I 74 -15.79 16.45 9.52
N LYS I 75 -15.13 17.61 9.59
CA LYS I 75 -13.70 17.63 9.84
C LYS I 75 -13.37 17.02 11.20
N VAL I 76 -14.18 17.32 12.21
CA VAL I 76 -13.98 16.71 13.53
C VAL I 76 -14.14 15.19 13.43
N LYS I 77 -15.12 14.74 12.66
CA LYS I 77 -15.31 13.29 12.49
C LYS I 77 -14.11 12.65 11.83
N LEU I 78 -13.57 13.28 10.79
CA LEU I 78 -12.39 12.72 10.12
C LEU I 78 -11.19 12.67 11.05
N ILE I 79 -10.96 13.74 11.81
CA ILE I 79 -9.83 13.78 12.72
C ILE I 79 -10.00 12.71 13.81
N LYS I 80 -11.22 12.55 14.32
CA LYS I 80 -11.48 11.53 15.33
C LYS I 80 -11.26 10.13 14.78
N GLN I 81 -11.69 9.90 13.53
CA GLN I 81 -11.45 8.59 12.91
C GLN I 81 -9.97 8.30 12.75
N GLU I 82 -9.20 9.30 12.32
CA GLU I 82 -7.76 9.11 12.16
C GLU I 82 -7.09 8.86 13.51
N LEU I 83 -7.53 9.58 14.56
CA LEU I 83 -6.99 9.35 15.89
C LEU I 83 -7.33 7.96 16.39
N ASP I 84 -8.55 7.48 16.10
CA ASP I 84 -8.93 6.13 16.49
C ASP I 84 -8.08 5.09 15.77
N LYS I 85 -7.81 5.31 14.49
CA LYS I 85 -6.92 4.40 13.76
C LYS I 85 -5.52 4.41 14.36
N TYR I 86 -5.02 5.60 14.71
CA TYR I 86 -3.73 5.71 15.40
C TYR I 86 -3.72 4.90 16.69
N LYS I 87 -4.74 5.06 17.52
CA LYS I 87 -4.79 4.36 18.80
C LYS I 87 -4.87 2.85 18.58
N ASN I 88 -5.65 2.41 17.60
CA ASN I 88 -5.75 0.98 17.31
C ASN I 88 -4.42 0.41 16.85
N ALA I 89 -3.70 1.15 16.00
CA ALA I 89 -2.39 0.70 15.56
C ALA I 89 -1.41 0.62 16.72
N VAL I 90 -1.42 1.62 17.60
CA VAL I 90 -0.52 1.60 18.76
C VAL I 90 -0.84 0.42 19.67
N THR I 91 -2.13 0.16 19.90
CA THR I 91 -2.53 -0.98 20.73
C THR I 91 -2.10 -2.30 20.10
N GLU I 92 -2.27 -2.43 18.78
CA GLU I 92 -1.87 -3.66 18.10
C GLU I 92 -0.37 -3.87 18.20
N LEU I 93 0.42 -2.81 18.02
CA LEU I 93 1.87 -2.95 18.14
C LEU I 93 2.28 -3.26 19.58
N GLN I 94 1.55 -2.70 20.56
CA GLN I 94 1.80 -3.05 21.96
C GLN I 94 1.56 -4.53 22.19
N LEU I 95 0.45 -5.05 21.66
CA LEU I 95 0.16 -6.48 21.79
C LEU I 95 1.15 -7.34 21.02
N LEU I 96 1.79 -6.81 19.97
CA LEU I 96 2.74 -7.59 19.21
C LEU I 96 3.99 -7.93 20.03
N MET I 97 4.41 -7.03 20.91
CA MET I 97 5.60 -7.27 21.73
C MET I 97 5.38 -8.39 22.72
N PHE I 137 23.78 -29.71 -4.90
CA PHE I 137 24.43 -30.92 -4.41
C PHE I 137 25.37 -30.60 -3.25
N LEU I 138 25.73 -31.62 -2.47
CA LEU I 138 26.58 -31.47 -1.29
C LEU I 138 26.00 -30.42 -0.34
N GLY I 139 24.67 -30.45 -0.16
CA GLY I 139 24.01 -29.45 0.65
C GLY I 139 24.05 -29.70 2.14
N PHE I 140 24.19 -30.95 2.56
CA PHE I 140 24.14 -31.29 3.98
C PHE I 140 25.53 -31.28 4.62
N LEU I 141 26.29 -30.21 4.39
CA LEU I 141 27.59 -30.02 5.03
C LEU I 141 27.77 -28.54 5.40
N LEU I 142 26.68 -27.89 5.81
CA LEU I 142 26.68 -26.45 6.03
C LEU I 142 26.65 -26.07 7.51
N GLY I 143 25.68 -26.56 8.25
CA GLY I 143 25.52 -26.13 9.63
C GLY I 143 24.24 -25.34 9.83
N VAL I 144 23.70 -25.41 11.05
CA VAL I 144 22.40 -24.83 11.36
C VAL I 144 22.61 -23.60 12.24
N GLY I 145 23.75 -22.95 12.09
CA GLY I 145 24.03 -21.77 12.90
C GLY I 145 22.97 -20.70 12.72
N SER I 146 22.58 -20.08 13.82
CA SER I 146 21.51 -19.10 13.82
C SER I 146 21.90 -17.86 13.03
N ALA I 147 20.90 -17.22 12.44
CA ALA I 147 21.11 -16.02 11.61
C ALA I 147 21.06 -14.75 12.44
N ILE I 148 19.93 -14.49 13.10
CA ILE I 148 19.75 -13.27 13.89
C ILE I 148 20.09 -13.60 15.35
N ALA I 149 21.24 -13.09 15.79
CA ALA I 149 21.63 -13.23 17.19
C ALA I 149 22.07 -11.91 17.80
N SER I 150 22.78 -11.06 17.05
CA SER I 150 23.25 -9.79 17.59
C SER I 150 22.08 -8.86 17.90
N GLY I 151 21.08 -8.81 17.01
CA GLY I 151 19.90 -8.01 17.27
C GLY I 151 19.16 -8.46 18.51
N VAL I 152 19.11 -9.78 18.74
CA VAL I 152 18.47 -10.30 19.95
C VAL I 152 19.19 -9.81 21.20
N ALA I 153 20.54 -9.85 21.18
CA ALA I 153 21.31 -9.37 22.31
C ALA I 153 21.10 -7.88 22.53
N VAL I 154 21.06 -7.10 21.44
CA VAL I 154 20.86 -5.65 21.56
C VAL I 154 19.49 -5.36 22.16
N CYS I 155 18.45 -6.07 21.69
CA CYS I 155 17.12 -5.87 22.23
C CYS I 155 17.04 -6.28 23.69
N LYS I 156 17.72 -7.37 24.06
CA LYS I 156 17.73 -7.80 25.46
C LYS I 156 18.42 -6.77 26.35
N VAL I 157 19.51 -6.18 25.86
CA VAL I 157 20.18 -5.11 26.61
C VAL I 157 19.25 -3.91 26.74
N LEU I 158 18.53 -3.57 25.67
CA LEU I 158 17.58 -2.46 25.72
C LEU I 158 16.48 -2.71 26.74
N HIS I 159 16.06 -3.96 26.90
CA HIS I 159 15.00 -4.31 27.83
C HIS I 159 15.40 -4.12 29.29
N LEU I 160 16.68 -3.89 29.57
CA LEU I 160 17.16 -3.77 30.94
C LEU I 160 16.62 -2.49 31.58
N GLU I 161 16.98 -2.29 32.85
CA GLU I 161 16.38 -1.24 33.65
C GLU I 161 16.94 0.13 33.27
N GLY I 162 16.10 0.96 32.66
CA GLY I 162 16.40 2.38 32.49
C GLY I 162 17.31 2.74 31.33
N GLU I 163 17.75 1.77 30.54
CA GLU I 163 18.62 2.10 29.41
C GLU I 163 17.89 2.93 28.37
N VAL I 164 16.62 2.61 28.10
CA VAL I 164 15.84 3.38 27.15
C VAL I 164 15.64 4.80 27.64
N ASN I 165 15.48 4.98 28.95
CA ASN I 165 15.38 6.32 29.51
C ASN I 165 16.66 7.12 29.28
N LYS I 166 17.82 6.47 29.45
CA LYS I 166 19.09 7.14 29.19
C LYS I 166 19.22 7.51 27.71
N ILE I 167 18.80 6.62 26.82
CA ILE I 167 18.85 6.91 25.39
C ILE I 167 17.96 8.10 25.05
N LYS I 168 16.75 8.11 25.59
CA LYS I 168 15.82 9.21 25.32
C LYS I 168 16.35 10.53 25.86
N SER I 169 16.96 10.50 27.05
CA SER I 169 17.48 11.72 27.64
C SER I 169 18.75 12.21 26.96
N ALA I 170 19.41 11.35 26.18
CA ALA I 170 20.64 11.72 25.47
C ALA I 170 20.39 12.12 24.02
N LEU I 171 19.13 12.22 23.60
CA LEU I 171 18.78 12.54 22.22
C LEU I 171 17.68 13.60 22.19
N LEU I 172 17.84 14.64 23.01
CA LEU I 172 16.84 15.69 23.10
C LEU I 172 17.15 16.91 22.25
N SER I 173 18.42 17.11 21.87
CA SER I 173 18.83 18.27 21.09
C SER I 173 19.20 17.93 19.65
N THR I 174 19.91 16.82 19.43
CA THR I 174 20.33 16.40 18.12
C THR I 174 19.66 15.08 17.76
N ASN I 175 19.25 14.95 16.50
CA ASN I 175 18.55 13.74 16.07
C ASN I 175 19.49 12.54 15.93
N LYS I 176 20.78 12.78 15.77
CA LYS I 176 21.76 11.71 15.61
C LYS I 176 22.87 11.88 16.65
N ALA I 177 23.19 10.78 17.35
CA ALA I 177 24.23 10.80 18.37
C ALA I 177 24.70 9.37 18.59
N VAL I 178 25.69 9.23 19.47
CA VAL I 178 26.24 7.94 19.84
C VAL I 178 25.98 7.73 21.33
N VAL I 179 25.26 6.66 21.65
CA VAL I 179 24.90 6.34 23.03
C VAL I 179 25.52 5.00 23.41
N SER I 180 25.92 4.88 24.66
CA SER I 180 26.52 3.67 25.20
C SER I 180 25.58 3.01 26.19
N LEU I 181 25.36 1.71 26.04
CA LEU I 181 24.47 0.96 26.90
C LEU I 181 25.26 0.40 28.09
N SER I 182 24.63 -0.51 28.83
CA SER I 182 25.29 -1.13 29.98
C SER I 182 26.40 -2.06 29.49
N ASN I 183 27.12 -2.63 30.46
CA ASN I 183 28.30 -3.46 30.17
C ASN I 183 29.27 -2.68 29.31
N GLY I 184 29.49 -3.13 28.09
CA GLY I 184 30.24 -2.34 27.12
C GLY I 184 29.80 -2.61 25.69
N VAL I 185 29.38 -1.56 24.99
CA VAL I 185 28.93 -1.67 23.60
C VAL I 185 28.81 -0.26 23.03
N SER I 186 28.97 -0.14 21.71
CA SER I 186 28.77 1.13 21.02
C SER I 186 27.80 0.89 19.87
N VAL I 187 26.61 1.47 19.97
CA VAL I 187 25.56 1.30 18.98
C VAL I 187 25.07 2.67 18.52
N LEU I 188 24.94 2.84 17.21
CA LEU I 188 24.36 4.07 16.67
C LEU I 188 22.86 4.11 16.93
N THR I 189 22.35 5.32 17.18
CA THR I 189 20.92 5.54 17.38
C THR I 189 20.45 6.64 16.44
N PHE I 190 19.23 6.48 15.93
CA PHE I 190 18.68 7.42 14.98
C PHE I 190 17.20 7.65 15.26
N LYS I 191 16.79 8.92 15.17
CA LYS I 191 15.41 9.33 15.41
C LYS I 191 14.75 9.69 14.10
N VAL I 192 13.51 9.22 13.91
CA VAL I 192 12.77 9.43 12.67
C VAL I 192 11.41 10.01 13.02
N LEU I 193 10.90 10.86 12.11
CA LEU I 193 9.58 11.48 12.24
C LEU I 193 9.47 12.37 13.49
N ASP I 194 8.29 12.94 13.70
CA ASP I 194 8.07 13.84 14.84
C ASP I 194 6.59 13.80 15.19
N LEU I 195 6.27 13.28 16.38
CA LEU I 195 4.90 13.21 16.85
C LEU I 195 4.74 13.71 18.28
N LYS I 196 5.79 14.30 18.86
CA LYS I 196 5.71 14.84 20.21
C LYS I 196 5.31 16.30 20.25
N ASN I 197 5.16 16.95 19.09
CA ASN I 197 4.78 18.35 19.01
C ASN I 197 3.49 18.58 18.26
N TYR I 198 3.32 17.94 17.10
CA TYR I 198 2.14 18.20 16.27
C TYR I 198 0.87 17.71 16.95
N ILE I 199 0.91 16.54 17.57
CA ILE I 199 -0.30 15.95 18.14
C ILE I 199 -0.48 16.28 19.62
N ASP I 200 0.51 16.90 20.26
CA ASP I 200 0.44 17.17 21.69
C ASP I 200 0.04 18.62 21.98
N LYS I 201 0.52 19.56 21.17
CA LYS I 201 0.29 20.98 21.43
C LYS I 201 -0.77 21.57 20.51
N GLN I 202 -1.21 20.85 19.48
CA GLN I 202 -2.13 21.39 18.49
C GLN I 202 -3.51 20.75 18.53
N LEU I 203 -3.57 19.41 18.52
CA LEU I 203 -4.85 18.71 18.49
C LEU I 203 -5.31 18.25 19.86
N LEU I 204 -4.38 17.83 20.73
CA LEU I 204 -4.76 17.33 22.04
C LEU I 204 -5.45 18.38 22.91
N PRO I 205 -4.95 19.62 23.03
CA PRO I 205 -5.63 20.58 23.94
C PRO I 205 -7.03 20.95 23.50
N ILE I 206 -7.38 20.80 22.22
CA ILE I 206 -8.69 21.24 21.76
C ILE I 206 -9.72 20.11 21.74
N LEU I 207 -9.29 18.88 21.48
CA LEU I 207 -10.24 17.76 21.43
C LEU I 207 -10.83 17.50 22.81
N ASN I 208 -10.00 17.56 23.86
CA ASN I 208 -10.44 17.32 25.23
C ASN I 208 -11.22 18.53 25.73
N LYS I 209 -12.35 18.78 25.08
CA LYS I 209 -13.22 19.92 25.40
C LYS I 209 -14.64 19.50 25.07
N GLN I 210 -15.55 20.48 25.00
CA GLN I 210 -16.96 20.21 24.75
C GLN I 210 -17.44 20.69 23.39
N SER I 211 -16.76 21.66 22.77
CA SER I 211 -17.22 22.27 21.52
C SER I 211 -16.07 22.37 20.52
N CYS I 212 -15.39 21.24 20.30
CA CYS I 212 -14.27 21.22 19.37
C CYS I 212 -14.72 21.58 17.96
N SER I 213 -13.84 22.26 17.23
CA SER I 213 -14.11 22.65 15.85
C SER I 213 -12.79 23.02 15.18
N ILE I 214 -12.53 22.43 14.01
CA ILE I 214 -11.30 22.63 13.27
C ILE I 214 -11.63 23.39 11.99
N SER I 215 -11.28 24.68 11.88
CA SER I 215 -11.59 25.47 10.69
C SER I 215 -10.47 25.44 9.64
N ASN I 216 -10.09 24.24 9.23
CA ASN I 216 -9.07 24.08 8.19
C ASN I 216 -9.21 22.70 7.56
N ILE I 217 -8.50 22.49 6.47
CA ILE I 217 -8.59 21.24 5.72
C ILE I 217 -7.24 20.60 5.44
N GLU I 218 -6.13 21.36 5.46
CA GLU I 218 -4.82 20.77 5.18
C GLU I 218 -4.32 19.93 6.34
N THR I 219 -4.75 20.26 7.57
CA THR I 219 -4.34 19.48 8.73
C THR I 219 -4.77 18.03 8.60
N VAL I 220 -5.96 17.80 8.03
CA VAL I 220 -6.43 16.43 7.80
C VAL I 220 -5.47 15.70 6.87
N ILE I 221 -5.03 16.37 5.79
CA ILE I 221 -4.13 15.74 4.83
C ILE I 221 -2.80 15.37 5.51
N GLU I 222 -2.23 16.32 6.26
CA GLU I 222 -0.95 16.05 6.93
C GLU I 222 -1.09 14.92 7.94
N PHE I 223 -2.15 14.96 8.74
CA PHE I 223 -2.35 13.95 9.77
C PHE I 223 -2.55 12.57 9.15
N GLN I 224 -3.34 12.48 8.07
CA GLN I 224 -3.56 11.19 7.46
C GLN I 224 -2.28 10.68 6.78
N GLN I 225 -1.44 11.57 6.25
CA GLN I 225 -0.18 11.11 5.68
C GLN I 225 0.73 10.52 6.75
N LYS I 226 0.89 11.23 7.88
CA LYS I 226 1.74 10.71 8.95
C LYS I 226 1.18 9.41 9.54
N ASN I 227 -0.15 9.38 9.75
CA ASN I 227 -0.77 8.17 10.27
C ASN I 227 -0.68 7.01 9.29
N ASN I 228 -0.74 7.30 7.99
CA ASN I 228 -0.57 6.26 6.98
C ASN I 228 0.83 5.68 7.03
N ARG I 229 1.84 6.54 7.17
CA ARG I 229 3.21 6.04 7.30
C ARG I 229 3.35 5.14 8.52
N LEU I 230 2.89 5.61 9.69
CA LEU I 230 3.03 4.82 10.91
C LEU I 230 2.23 3.52 10.82
N LEU I 231 1.02 3.59 10.25
CA LEU I 231 0.19 2.40 10.13
C LEU I 231 0.77 1.40 9.14
N GLU I 232 1.44 1.88 8.09
CA GLU I 232 2.14 0.98 7.19
C GLU I 232 3.27 0.26 7.93
N ILE I 233 4.01 1.00 8.77
CA ILE I 233 5.08 0.36 9.55
C ILE I 233 4.50 -0.71 10.47
N THR I 234 3.42 -0.37 11.19
CA THR I 234 2.88 -1.33 12.15
C THR I 234 2.21 -2.52 11.45
N ARG I 235 1.63 -2.32 10.27
CA ARG I 235 1.07 -3.45 9.53
C ARG I 235 2.17 -4.34 8.99
N GLU I 236 3.30 -3.76 8.59
CA GLU I 236 4.43 -4.58 8.15
C GLU I 236 4.96 -5.42 9.31
N PHE I 237 5.02 -4.85 10.51
CA PHE I 237 5.37 -5.65 11.67
C PHE I 237 4.31 -6.71 11.96
N SER I 238 3.04 -6.37 11.80
CA SER I 238 1.96 -7.29 12.16
C SER I 238 1.93 -8.51 11.25
N VAL I 239 2.09 -8.31 9.94
CA VAL I 239 1.89 -9.40 8.99
C VAL I 239 3.00 -10.44 9.12
N ASN I 240 4.25 -10.01 9.31
CA ASN I 240 5.40 -10.89 9.25
C ASN I 240 5.79 -11.44 10.61
N ALA I 241 4.93 -11.32 11.62
CA ALA I 241 5.10 -11.93 12.93
C ALA I 241 6.30 -11.39 13.70
N GLY I 242 6.74 -10.16 13.40
CA GLY I 242 7.77 -9.51 14.17
C GLY I 242 9.15 -9.51 13.55
N VAL I 243 9.38 -10.28 12.49
CA VAL I 243 10.66 -10.33 11.80
C VAL I 243 10.42 -10.12 10.32
N THR I 244 11.12 -9.14 9.74
CA THR I 244 10.95 -8.79 8.34
C THR I 244 12.29 -8.84 7.63
N THR I 245 12.25 -9.21 6.35
CA THR I 245 13.44 -9.22 5.50
C THR I 245 13.01 -9.31 4.03
N PRO I 246 13.55 -8.45 3.16
CA PRO I 246 14.46 -7.34 3.48
C PRO I 246 13.71 -6.12 4.03
N VAL I 247 14.46 -5.15 4.54
CA VAL I 247 13.84 -3.94 5.09
C VAL I 247 13.23 -3.13 3.96
N SER I 248 11.98 -2.71 4.13
CA SER I 248 11.27 -1.96 3.10
C SER I 248 11.67 -0.50 3.13
N THR I 249 11.19 0.26 2.14
CA THR I 249 11.46 1.69 2.08
C THR I 249 10.79 2.43 3.23
N TYR I 250 9.65 1.91 3.71
CA TYR I 250 8.98 2.52 4.85
C TYR I 250 9.85 2.49 6.09
N MET I 251 10.57 1.38 6.31
CA MET I 251 11.33 1.22 7.54
C MET I 251 12.58 2.08 7.56
N LEU I 252 13.21 2.28 6.41
CA LEU I 252 14.47 3.03 6.34
C LEU I 252 14.52 3.77 5.01
N THR I 253 14.49 5.10 5.06
CA THR I 253 14.58 5.89 3.85
C THR I 253 15.99 5.80 3.26
N ASN I 254 16.09 6.08 1.96
CA ASN I 254 17.35 5.95 1.26
C ASN I 254 18.39 6.93 1.81
N SER I 255 17.98 8.17 2.07
CA SER I 255 18.91 9.16 2.62
C SER I 255 19.39 8.74 4.01
N GLU I 256 18.49 8.22 4.83
CA GLU I 256 18.89 7.75 6.16
C GLU I 256 19.85 6.58 6.06
N LEU I 257 19.61 5.65 5.13
CA LEU I 257 20.52 4.54 4.94
C LEU I 257 21.90 5.02 4.48
N LEU I 258 21.94 5.99 3.57
CA LEU I 258 23.22 6.55 3.14
C LEU I 258 23.95 7.20 4.29
N SER I 259 23.24 7.96 5.13
CA SER I 259 23.86 8.58 6.29
C SER I 259 24.40 7.52 7.26
N LEU I 260 23.64 6.44 7.47
CA LEU I 260 24.10 5.38 8.36
C LEU I 260 25.34 4.70 7.82
N ILE I 261 25.38 4.44 6.51
CA ILE I 261 26.57 3.83 5.91
C ILE I 261 27.77 4.77 6.03
N ASN I 262 27.55 6.07 5.79
CA ASN I 262 28.65 7.03 5.91
C ASN I 262 29.18 7.09 7.34
N ASP I 263 28.28 7.06 8.32
CA ASP I 263 28.67 7.17 9.72
C ASP I 263 29.16 5.85 10.31
N MET I 264 28.95 4.73 9.63
CA MET I 264 29.35 3.44 10.19
C MET I 264 30.87 3.32 10.18
N PRO I 265 31.48 2.96 11.31
CA PRO I 265 32.95 3.00 11.41
C PRO I 265 33.65 1.87 10.67
N ILE I 266 33.87 2.04 9.37
CA ILE I 266 34.66 1.11 8.57
C ILE I 266 35.65 1.91 7.73
N THR I 267 36.39 1.22 6.89
CA THR I 267 37.38 1.86 6.03
C THR I 267 36.66 2.57 4.88
N ASN I 268 37.44 3.10 3.95
CA ASN I 268 36.87 3.88 2.84
C ASN I 268 36.49 3.01 1.65
N ASP I 269 37.30 2.00 1.34
CA ASP I 269 36.99 1.13 0.20
C ASP I 269 35.69 0.38 0.42
N GLN I 270 35.46 -0.12 1.63
CA GLN I 270 34.22 -0.82 1.92
C GLN I 270 33.02 0.12 1.81
N LYS I 271 33.17 1.36 2.28
CA LYS I 271 32.10 2.35 2.14
C LYS I 271 31.81 2.64 0.67
N LYS I 272 32.86 2.76 -0.15
CA LYS I 272 32.67 3.02 -1.57
C LYS I 272 31.96 1.84 -2.24
N LEU I 273 32.32 0.61 -1.86
CA LEU I 273 31.73 -0.56 -2.49
C LEU I 273 30.29 -0.78 -2.03
N MET I 274 29.97 -0.40 -0.79
CA MET I 274 28.64 -0.65 -0.26
C MET I 274 27.66 0.46 -0.56
N SER I 275 28.14 1.69 -0.75
CA SER I 275 27.24 2.81 -1.01
C SER I 275 26.77 2.87 -2.46
N ASN I 276 27.43 2.17 -3.37
CA ASN I 276 27.03 2.14 -4.77
C ASN I 276 26.10 0.98 -5.09
N ASN I 277 25.85 0.09 -4.14
CA ASN I 277 25.01 -1.10 -4.34
C ASN I 277 24.04 -1.25 -3.17
N VAL I 278 23.34 -0.16 -2.84
CA VAL I 278 22.45 -0.17 -1.68
C VAL I 278 21.37 -1.22 -1.77
N GLN I 279 21.00 -1.64 -2.99
CA GLN I 279 20.00 -2.69 -3.14
C GLN I 279 20.47 -4.00 -2.52
N ILE I 280 21.73 -4.37 -2.76
CA ILE I 280 22.25 -5.63 -2.25
C ILE I 280 22.36 -5.58 -0.73
N VAL I 281 22.90 -4.50 -0.19
CA VAL I 281 23.05 -4.42 1.27
C VAL I 281 21.70 -4.33 1.95
N ARG I 282 20.69 -3.77 1.27
CA ARG I 282 19.34 -3.80 1.81
C ARG I 282 18.73 -5.19 1.76
N GLN I 283 19.07 -5.96 0.72
CA GLN I 283 18.49 -7.30 0.56
C GLN I 283 18.90 -8.24 1.68
N GLN I 284 20.10 -8.06 2.23
CA GLN I 284 20.65 -8.99 3.21
C GLN I 284 20.57 -8.48 4.65
N SER I 285 19.81 -7.41 4.88
CA SER I 285 19.70 -6.83 6.21
C SER I 285 18.61 -7.56 7.01
N TYR I 286 18.34 -7.09 8.23
CA TYR I 286 17.32 -7.69 9.07
C TYR I 286 16.73 -6.63 9.98
N SER I 287 15.57 -6.94 10.56
CA SER I 287 14.88 -6.03 11.46
C SER I 287 14.27 -6.80 12.61
N ILE I 288 14.40 -6.25 13.82
CA ILE I 288 13.83 -6.85 15.03
C ILE I 288 13.00 -5.79 15.73
N MET I 289 11.75 -6.13 16.05
CA MET I 289 10.88 -5.24 16.81
C MET I 289 11.18 -5.38 18.29
N CYS I 290 11.28 -4.25 19.00
CA CYS I 290 11.84 -4.27 20.34
C CYS I 290 10.89 -3.67 21.37
N ILE I 291 11.39 -3.42 22.59
CA ILE I 291 10.54 -3.07 23.72
C ILE I 291 9.75 -1.79 23.42
N ILE I 292 8.53 -1.74 23.96
CA ILE I 292 7.68 -0.56 23.91
C ILE I 292 7.39 -0.13 25.35
N LYS I 293 7.75 1.11 25.68
CA LYS I 293 7.57 1.66 27.02
C LYS I 293 8.00 3.12 27.00
N GLU I 294 7.53 3.85 28.01
CA GLU I 294 7.94 5.24 28.26
C GLU I 294 7.69 6.13 27.04
N GLU I 295 6.55 5.93 26.38
CA GLU I 295 6.07 6.75 25.27
C GLU I 295 7.02 6.78 24.08
N VAL I 296 8.03 5.92 24.06
CA VAL I 296 9.02 5.89 22.98
C VAL I 296 9.08 4.49 22.41
N LEU I 297 9.06 4.39 21.08
CA LEU I 297 9.15 3.12 20.37
C LEU I 297 10.52 3.02 19.72
N ALA I 298 11.22 1.91 19.96
CA ALA I 298 12.54 1.69 19.41
C ALA I 298 12.64 0.26 18.89
N TYR I 299 13.23 0.10 17.72
CA TYR I 299 13.51 -1.22 17.16
C TYR I 299 14.95 -1.28 16.68
N VAL I 300 15.37 -2.45 16.21
CA VAL I 300 16.76 -2.73 15.87
C VAL I 300 16.84 -3.07 14.39
N VAL I 301 17.76 -2.42 13.68
CA VAL I 301 18.07 -2.74 12.30
C VAL I 301 19.47 -3.33 12.24
N GLN I 302 19.61 -4.42 11.49
CA GLN I 302 20.85 -5.17 11.40
C GLN I 302 21.36 -5.10 9.97
N LEU I 303 22.54 -4.48 9.79
CA LEU I 303 23.13 -4.28 8.48
C LEU I 303 24.39 -5.11 8.35
N PRO I 304 24.59 -5.78 7.21
CA PRO I 304 25.80 -6.59 7.04
C PRO I 304 27.05 -5.74 6.94
N LEU I 305 28.18 -6.33 7.32
CA LEU I 305 29.48 -5.66 7.29
C LEU I 305 30.42 -6.52 6.44
N TYR I 306 30.58 -6.13 5.18
CA TYR I 306 31.42 -6.90 4.25
C TYR I 306 32.87 -6.88 4.70
N GLY I 307 33.52 -8.04 4.63
CA GLY I 307 34.86 -8.16 5.16
C GLY I 307 35.95 -8.55 4.18
N VAL I 308 35.59 -9.26 3.11
CA VAL I 308 36.56 -9.71 2.11
C VAL I 308 36.24 -9.01 0.80
N ILE I 309 37.21 -8.28 0.27
CA ILE I 309 37.02 -7.42 -0.89
C ILE I 309 38.11 -7.68 -1.91
N ASP I 310 37.72 -7.75 -3.19
CA ASP I 310 38.65 -7.75 -4.33
C ASP I 310 39.62 -8.94 -4.27
N THR I 311 39.03 -10.12 -4.38
CA THR I 311 39.78 -11.36 -4.49
C THR I 311 39.24 -12.18 -5.66
N PRO I 312 40.08 -12.99 -6.31
CA PRO I 312 39.58 -13.83 -7.39
C PRO I 312 38.48 -14.77 -6.92
N CYS I 313 37.46 -14.94 -7.75
CA CYS I 313 36.25 -15.64 -7.32
C CYS I 313 35.58 -16.19 -8.58
N TRP I 314 35.74 -17.48 -8.82
CA TRP I 314 35.30 -18.13 -10.05
C TRP I 314 34.10 -19.04 -9.79
N LYS I 315 33.59 -19.64 -10.87
CA LYS I 315 32.38 -20.46 -10.81
C LYS I 315 32.61 -21.76 -11.56
N LEU I 316 31.91 -22.82 -11.11
CA LEU I 316 32.04 -24.15 -11.68
C LEU I 316 30.66 -24.63 -12.14
N HIS I 317 30.66 -25.47 -13.19
CA HIS I 317 29.43 -26.05 -13.71
C HIS I 317 29.72 -27.48 -14.18
N THR I 318 28.76 -28.37 -13.94
CA THR I 318 28.92 -29.78 -14.25
C THR I 318 27.75 -30.28 -15.09
N SER I 319 27.96 -31.43 -15.72
CA SER I 319 26.95 -32.08 -16.54
C SER I 319 27.31 -33.54 -16.69
N PRO I 320 26.33 -34.44 -16.76
CA PRO I 320 26.64 -35.86 -16.89
C PRO I 320 27.39 -36.16 -18.18
N LEU I 321 28.33 -37.10 -18.09
CA LEU I 321 29.13 -37.56 -19.23
C LEU I 321 29.01 -39.07 -19.29
N CYS I 322 28.25 -39.58 -20.26
CA CYS I 322 27.98 -41.01 -20.35
C CYS I 322 28.31 -41.53 -21.75
N THR I 323 28.73 -42.80 -21.80
CA THR I 323 29.00 -43.45 -23.06
C THR I 323 27.70 -43.89 -23.73
N THR I 324 27.71 -43.90 -25.06
CA THR I 324 26.54 -44.28 -25.85
C THR I 324 26.68 -45.72 -26.32
N ASN I 325 25.55 -46.43 -26.39
CA ASN I 325 25.54 -47.81 -26.85
C ASN I 325 24.13 -48.14 -27.35
N THR I 326 24.07 -49.15 -28.22
CA THR I 326 22.78 -49.58 -28.75
C THR I 326 21.99 -50.38 -27.74
N LYS I 327 22.65 -51.08 -26.82
CA LYS I 327 21.97 -51.88 -25.81
C LYS I 327 21.42 -50.97 -24.72
N GLU I 328 20.15 -51.17 -24.37
CA GLU I 328 19.51 -50.37 -23.35
C GLU I 328 19.84 -50.92 -21.95
N GLY I 329 20.18 -50.01 -21.04
CA GLY I 329 20.46 -50.36 -19.66
C GLY I 329 21.93 -50.42 -19.30
N SER I 330 22.82 -50.59 -20.28
CA SER I 330 24.26 -50.61 -20.02
C SER I 330 24.86 -49.25 -20.34
N ASN I 331 24.61 -48.31 -19.44
CA ASN I 331 25.04 -46.92 -19.60
C ASN I 331 25.63 -46.39 -18.29
N ILE I 332 26.49 -47.19 -17.66
CA ILE I 332 27.19 -46.72 -16.47
C ILE I 332 28.08 -45.55 -16.84
N CYS I 333 28.08 -44.52 -15.99
CA CYS I 333 28.85 -43.32 -16.28
C CYS I 333 29.12 -42.56 -14.98
N LEU I 334 29.53 -41.30 -15.13
CA LEU I 334 30.10 -40.51 -14.05
C LEU I 334 29.55 -39.09 -14.11
N THR I 335 29.45 -38.46 -12.93
CA THR I 335 28.98 -37.09 -12.83
C THR I 335 29.64 -36.42 -11.63
N ARG I 336 29.71 -35.09 -11.66
CA ARG I 336 30.33 -34.32 -10.60
C ARG I 336 29.29 -33.73 -9.67
N THR I 337 29.72 -33.42 -8.45
CA THR I 337 28.88 -32.80 -7.41
C THR I 337 29.59 -31.62 -6.79
N ASP I 338 30.12 -30.73 -7.61
CA ASP I 338 30.81 -29.54 -7.13
C ASP I 338 30.17 -28.28 -7.69
N ARG I 339 28.83 -28.26 -7.74
CA ARG I 339 28.12 -27.07 -8.14
C ARG I 339 28.28 -25.98 -7.10
N GLY I 340 27.93 -24.77 -7.47
CA GLY I 340 28.04 -23.62 -6.59
C GLY I 340 29.26 -22.78 -6.90
N TRP I 341 29.55 -21.87 -5.98
CA TRP I 341 30.61 -20.88 -6.15
C TRP I 341 31.83 -21.32 -5.34
N TYR I 342 32.93 -21.63 -6.03
CA TYR I 342 34.24 -21.57 -5.40
C TYR I 342 34.64 -20.11 -5.22
N CYS I 343 35.50 -19.86 -4.24
CA CYS I 343 35.98 -18.49 -4.13
C CYS I 343 37.20 -18.49 -3.21
N ASP I 344 37.96 -17.40 -3.28
CA ASP I 344 39.24 -17.30 -2.58
C ASP I 344 39.12 -16.35 -1.40
N ASN I 345 39.66 -16.76 -0.25
CA ASN I 345 39.70 -15.92 0.94
C ASN I 345 40.81 -16.40 1.85
N ALA I 346 41.54 -15.45 2.44
CA ALA I 346 42.63 -15.74 3.35
C ALA I 346 43.65 -16.69 2.74
N GLY I 347 43.66 -17.94 3.22
CA GLY I 347 44.56 -18.94 2.70
C GLY I 347 43.87 -20.25 2.36
N SER I 348 42.63 -20.38 2.79
CA SER I 348 41.82 -21.57 2.51
C SER I 348 40.60 -21.13 1.70
N VAL I 349 40.33 -21.82 0.59
CA VAL I 349 39.25 -21.42 -0.29
C VAL I 349 37.90 -21.70 0.36
N SER I 350 36.92 -20.86 0.02
CA SER I 350 35.56 -21.02 0.52
C SER I 350 34.79 -21.94 -0.41
N PHE I 351 33.50 -22.11 -0.15
CA PHE I 351 32.67 -23.02 -0.94
C PHE I 351 31.22 -22.69 -0.64
N PHE I 352 30.45 -22.37 -1.68
CA PHE I 352 29.00 -22.16 -1.56
C PHE I 352 28.30 -23.18 -2.45
N PRO I 353 27.76 -24.27 -1.88
CA PRO I 353 27.19 -25.32 -2.74
C PRO I 353 25.87 -24.90 -3.38
N GLN I 354 25.03 -24.18 -2.66
CA GLN I 354 23.74 -23.75 -3.20
C GLN I 354 23.93 -22.58 -4.16
N ALA I 355 23.41 -22.71 -5.37
CA ALA I 355 23.49 -21.62 -6.34
C ALA I 355 22.42 -20.55 -6.12
N GLU I 356 21.46 -20.80 -5.24
CA GLU I 356 20.40 -19.83 -4.94
C GLU I 356 20.63 -19.09 -3.64
N THR I 357 21.73 -19.36 -2.93
CA THR I 357 21.98 -18.68 -1.66
C THR I 357 22.47 -17.25 -1.86
N CYS I 358 23.03 -16.93 -3.03
CA CYS I 358 23.49 -15.59 -3.30
C CYS I 358 23.37 -15.30 -4.80
N LYS I 359 23.37 -14.01 -5.14
CA LYS I 359 23.06 -13.54 -6.47
C LYS I 359 24.24 -12.77 -7.06
N VAL I 360 24.53 -13.03 -8.32
CA VAL I 360 25.50 -12.24 -9.07
C VAL I 360 24.85 -10.92 -9.47
N GLN I 361 25.57 -9.81 -9.29
CA GLN I 361 25.01 -8.50 -9.56
C GLN I 361 26.12 -7.57 -10.03
N SER I 362 26.10 -7.22 -11.32
CA SER I 362 26.99 -6.21 -11.90
C SER I 362 28.46 -6.57 -11.66
N ASN I 363 28.86 -7.72 -12.23
CA ASN I 363 30.24 -8.19 -12.20
C ASN I 363 30.74 -8.39 -10.77
N ARG I 364 29.83 -8.75 -9.86
CA ARG I 364 30.19 -9.03 -8.48
C ARG I 364 29.33 -10.17 -7.95
N VAL I 365 29.84 -10.83 -6.93
CA VAL I 365 29.31 -12.14 -6.52
C VAL I 365 28.89 -12.11 -5.05
N PHE I 366 28.37 -10.98 -4.58
CA PHE I 366 27.96 -10.80 -3.19
C PHE I 366 27.32 -12.05 -2.62
N CYS I 367 27.90 -12.58 -1.56
CA CYS I 367 27.47 -13.89 -1.05
C CYS I 367 27.71 -13.96 0.45
N ASP I 368 26.77 -14.62 1.15
CA ASP I 368 26.86 -14.85 2.58
C ASP I 368 27.92 -15.91 2.88
N THR I 369 28.44 -15.89 4.10
CA THR I 369 29.41 -16.86 4.57
C THR I 369 28.84 -17.82 5.60
N MET I 370 27.58 -17.65 6.00
CA MET I 370 26.99 -18.55 6.99
C MET I 370 26.90 -19.98 6.46
N ASN I 371 26.53 -20.13 5.19
CA ASN I 371 26.45 -21.43 4.53
C ASN I 371 27.62 -21.52 3.56
N SER I 372 28.76 -21.98 4.06
CA SER I 372 29.98 -22.06 3.27
C SER I 372 30.90 -23.08 3.90
N LEU I 373 31.90 -23.50 3.13
CA LEU I 373 32.88 -24.48 3.60
C LEU I 373 34.26 -23.83 3.68
N THR I 374 35.25 -24.65 4.05
CA THR I 374 36.61 -24.20 4.35
C THR I 374 37.63 -25.11 3.65
N LEU I 375 37.45 -25.30 2.35
CA LEU I 375 38.27 -26.26 1.63
C LEU I 375 39.72 -25.75 1.53
N PRO I 376 40.69 -26.66 1.47
CA PRO I 376 42.08 -26.24 1.33
C PRO I 376 42.34 -25.61 -0.03
N SER I 377 43.39 -24.80 -0.09
CA SER I 377 43.74 -24.06 -1.29
C SER I 377 44.24 -24.94 -2.43
N GLU I 378 44.26 -26.26 -2.26
CA GLU I 378 44.67 -27.17 -3.31
C GLU I 378 43.49 -27.81 -4.03
N VAL I 379 42.27 -27.31 -3.80
CA VAL I 379 41.11 -27.84 -4.50
C VAL I 379 41.15 -27.50 -5.98
N ASN I 380 41.89 -26.46 -6.37
CA ASN I 380 41.99 -26.08 -7.78
C ASN I 380 43.02 -26.93 -8.47
N LEU I 381 42.90 -28.26 -8.36
CA LEU I 381 43.80 -29.20 -9.02
C LEU I 381 43.08 -30.27 -9.83
N CYS I 382 41.84 -30.62 -9.51
CA CYS I 382 41.11 -31.60 -10.30
C CYS I 382 40.30 -30.95 -11.41
N ASN I 383 40.38 -29.62 -11.56
CA ASN I 383 39.71 -28.94 -12.65
C ASN I 383 40.41 -29.13 -13.99
N VAL I 384 41.66 -29.57 -13.99
CA VAL I 384 42.39 -29.85 -15.23
C VAL I 384 42.22 -31.31 -15.64
N ASP I 385 42.43 -32.22 -14.70
CA ASP I 385 42.25 -33.66 -14.94
C ASP I 385 42.18 -34.35 -13.59
N ILE I 386 41.16 -35.18 -13.39
CA ILE I 386 40.97 -35.83 -12.07
C ILE I 386 41.78 -37.13 -12.11
N PHE I 387 43.10 -36.97 -12.02
CA PHE I 387 44.05 -38.07 -11.91
C PHE I 387 45.06 -37.89 -10.78
N ASN I 388 45.33 -36.67 -10.34
CA ASN I 388 46.41 -36.41 -9.40
C ASN I 388 46.01 -36.87 -8.01
N PRO I 389 46.80 -37.76 -7.36
CA PRO I 389 46.51 -38.19 -5.98
C PRO I 389 46.80 -37.12 -4.93
N LYS I 390 46.25 -35.92 -5.14
CA LYS I 390 46.36 -34.82 -4.19
C LYS I 390 45.03 -34.46 -3.54
N TYR I 391 43.96 -34.37 -4.31
CA TYR I 391 42.64 -34.11 -3.78
C TYR I 391 41.59 -34.64 -4.73
N ASP I 392 40.60 -35.34 -4.19
CA ASP I 392 39.48 -35.85 -4.96
C ASP I 392 38.28 -34.92 -4.79
N CYS I 393 37.44 -34.87 -5.82
CA CYS I 393 36.34 -33.91 -5.88
C CYS I 393 35.02 -34.57 -6.25
N LYS I 394 34.68 -35.66 -5.53
CA LYS I 394 33.31 -36.09 -5.29
C LYS I 394 32.56 -36.46 -6.57
N ILE I 395 33.00 -37.57 -7.15
CA ILE I 395 32.27 -38.22 -8.24
C ILE I 395 30.85 -38.59 -7.78
N MET I 396 29.92 -38.63 -8.73
CA MET I 396 28.50 -38.92 -8.51
C MET I 396 28.04 -40.03 -9.43
N THR I 397 28.75 -41.15 -9.37
CA THR I 397 28.42 -42.31 -10.20
C THR I 397 26.94 -42.65 -10.13
N SER I 398 26.40 -43.12 -11.24
CA SER I 398 25.00 -43.52 -11.35
C SER I 398 24.86 -44.47 -12.54
N LYS I 399 23.62 -44.91 -12.79
CA LYS I 399 23.32 -45.81 -13.89
C LYS I 399 22.04 -45.36 -14.61
N THR I 400 21.94 -44.07 -14.88
CA THR I 400 20.78 -43.51 -15.55
C THR I 400 21.25 -42.73 -16.78
N ASP I 401 20.43 -42.78 -17.84
CA ASP I 401 20.73 -42.11 -19.10
C ASP I 401 19.56 -41.20 -19.46
N VAL I 402 19.70 -39.91 -19.18
CA VAL I 402 18.69 -38.92 -19.50
C VAL I 402 19.37 -37.69 -20.08
N SER I 403 18.84 -37.18 -21.20
CA SER I 403 19.40 -36.00 -21.83
C SER I 403 19.14 -34.77 -20.98
N SER I 404 20.05 -33.79 -21.08
CA SER I 404 19.94 -32.59 -20.27
C SER I 404 20.73 -31.46 -20.94
N SER I 405 20.51 -30.25 -20.44
CA SER I 405 21.21 -29.07 -20.93
C SER I 405 21.36 -28.08 -19.80
N VAL I 406 22.52 -27.42 -19.76
CA VAL I 406 22.81 -26.42 -18.74
C VAL I 406 23.30 -25.15 -19.42
N ILE I 407 22.91 -24.00 -18.86
CA ILE I 407 23.25 -22.70 -19.44
C ILE I 407 24.19 -21.97 -18.50
N THR I 408 25.49 -22.03 -18.78
CA THR I 408 26.46 -21.32 -17.95
C THR I 408 26.41 -19.83 -18.26
N SER I 409 27.28 -19.07 -17.60
CA SER I 409 27.20 -17.61 -17.65
C SER I 409 27.49 -17.06 -19.04
N LEU I 410 28.14 -17.82 -19.91
CA LEU I 410 28.50 -17.30 -21.23
C LEU I 410 28.12 -18.27 -22.35
N GLY I 411 28.05 -19.56 -22.04
CA GLY I 411 27.76 -20.55 -23.06
C GLY I 411 26.73 -21.59 -22.65
N ALA I 412 26.64 -22.67 -23.41
CA ALA I 412 25.69 -23.74 -23.15
C ALA I 412 26.38 -25.10 -23.28
N ILE I 413 26.00 -26.03 -22.41
CA ILE I 413 26.51 -27.40 -22.44
C ILE I 413 25.31 -28.32 -22.59
N VAL I 414 25.33 -29.17 -23.62
CA VAL I 414 24.21 -30.06 -23.91
C VAL I 414 24.70 -31.49 -23.85
N SER I 415 24.11 -32.30 -22.97
CA SER I 415 24.39 -33.73 -22.88
C SER I 415 23.22 -34.45 -23.54
N CYS I 416 23.45 -34.95 -24.74
CA CYS I 416 22.41 -35.49 -25.61
C CYS I 416 22.65 -36.99 -25.76
N TYR I 417 21.62 -37.79 -25.47
CA TYR I 417 21.75 -39.23 -25.45
C TYR I 417 20.52 -39.86 -26.09
N GLY I 418 20.66 -41.12 -26.49
CA GLY I 418 19.53 -41.87 -27.00
C GLY I 418 19.02 -41.33 -28.33
N LYS I 419 17.72 -41.50 -28.54
CA LYS I 419 17.07 -41.09 -29.77
C LYS I 419 16.47 -39.69 -29.70
N THR I 420 16.65 -38.99 -28.59
CA THR I 420 16.11 -37.64 -28.45
C THR I 420 16.81 -36.69 -29.42
N LYS I 421 16.03 -35.77 -29.99
CA LYS I 421 16.55 -34.80 -30.95
C LYS I 421 16.98 -33.54 -30.22
N CYS I 422 18.20 -33.09 -30.49
CA CYS I 422 18.80 -31.95 -29.82
C CYS I 422 19.51 -31.08 -30.85
N THR I 423 19.10 -29.83 -30.96
CA THR I 423 19.65 -28.92 -31.98
C THR I 423 19.75 -27.50 -31.44
N ALA I 424 20.80 -26.81 -31.87
CA ALA I 424 20.89 -25.37 -31.66
C ALA I 424 20.13 -24.65 -32.77
N SER I 425 19.93 -23.34 -32.58
CA SER I 425 19.19 -22.54 -33.54
C SER I 425 19.77 -21.14 -33.59
N ASN I 426 19.17 -20.30 -34.43
CA ASN I 426 19.61 -18.93 -34.61
C ASN I 426 18.42 -18.09 -35.05
N LYS I 427 18.56 -16.77 -34.91
CA LYS I 427 17.49 -15.86 -35.26
C LYS I 427 17.38 -15.61 -36.76
N ASN I 428 18.40 -15.98 -37.54
CA ASN I 428 18.37 -15.71 -38.97
C ASN I 428 18.83 -16.87 -39.84
N ARG I 429 19.25 -18.00 -39.26
CA ARG I 429 19.72 -19.13 -40.03
C ARG I 429 19.06 -20.45 -39.64
N GLY I 430 18.08 -20.41 -38.74
CA GLY I 430 17.39 -21.64 -38.35
C GLY I 430 18.34 -22.61 -37.67
N ILE I 431 18.28 -23.87 -38.10
CA ILE I 431 19.12 -24.91 -37.52
C ILE I 431 20.57 -24.69 -37.95
N ILE I 432 21.48 -24.72 -36.98
CA ILE I 432 22.89 -24.50 -37.25
C ILE I 432 23.79 -25.64 -36.78
N LYS I 433 23.31 -26.53 -35.90
CA LYS I 433 24.12 -27.63 -35.41
C LYS I 433 23.24 -28.85 -35.19
N THR I 434 23.90 -30.01 -35.14
CA THR I 434 23.23 -31.32 -35.13
C THR I 434 23.87 -32.20 -34.06
N PHE I 435 23.95 -31.67 -32.84
CA PHE I 435 24.64 -32.31 -31.71
C PHE I 435 24.45 -33.83 -31.71
N SER I 436 25.57 -34.53 -31.62
CA SER I 436 25.58 -35.99 -31.65
C SER I 436 25.50 -36.55 -30.23
N ASN I 437 25.77 -37.84 -30.08
CA ASN I 437 25.73 -38.47 -28.77
C ASN I 437 26.84 -37.91 -27.88
N GLY I 438 26.60 -37.95 -26.57
CA GLY I 438 27.55 -37.42 -25.61
C GLY I 438 27.26 -35.99 -25.23
N CYS I 439 28.24 -35.36 -24.61
CA CYS I 439 28.11 -33.98 -24.15
C CYS I 439 28.96 -33.07 -25.01
N ASP I 440 28.38 -31.94 -25.42
CA ASP I 440 29.04 -30.98 -26.28
C ASP I 440 28.84 -29.58 -25.72
N TYR I 441 29.65 -28.64 -26.21
CA TYR I 441 29.65 -27.26 -25.75
C TYR I 441 29.42 -26.34 -26.94
N VAL I 442 28.48 -25.41 -26.79
CA VAL I 442 28.23 -24.38 -27.80
C VAL I 442 28.40 -23.02 -27.14
N SER I 443 29.11 -22.12 -27.81
CA SER I 443 29.43 -20.82 -27.27
C SER I 443 28.52 -19.75 -27.84
N ASN I 444 28.49 -18.59 -27.16
CA ASN I 444 27.65 -17.47 -27.57
C ASN I 444 28.40 -16.65 -28.63
N LYS I 445 28.43 -17.20 -29.84
CA LYS I 445 29.07 -16.52 -30.97
C LYS I 445 28.21 -16.62 -32.23
N GLY I 446 26.88 -16.60 -32.07
CA GLY I 446 26.00 -16.69 -33.21
C GLY I 446 24.76 -17.53 -32.95
N VAL I 447 24.65 -18.10 -31.76
CA VAL I 447 23.50 -18.92 -31.36
C VAL I 447 22.78 -18.23 -30.22
N ASP I 448 21.44 -18.36 -30.21
CA ASP I 448 20.64 -17.77 -29.15
C ASP I 448 19.48 -18.68 -28.73
N THR I 449 19.56 -19.98 -29.01
CA THR I 449 18.45 -20.89 -28.76
C THR I 449 18.91 -22.35 -28.82
N VAL I 450 18.56 -23.14 -27.81
CA VAL I 450 18.92 -24.55 -27.77
C VAL I 450 17.66 -25.36 -27.47
N SER I 451 17.32 -26.31 -28.35
CA SER I 451 16.17 -27.17 -28.16
C SER I 451 16.66 -28.59 -27.91
N VAL I 452 16.11 -29.22 -26.87
CA VAL I 452 16.43 -30.60 -26.53
C VAL I 452 15.14 -31.37 -26.37
N GLY I 453 15.00 -32.47 -27.11
CA GLY I 453 13.77 -33.23 -27.07
C GLY I 453 12.57 -32.40 -27.48
N ASN I 454 11.74 -32.02 -26.50
CA ASN I 454 10.60 -31.14 -26.73
C ASN I 454 10.58 -30.00 -25.73
N THR I 455 11.77 -29.50 -25.36
CA THR I 455 11.87 -28.35 -24.49
C THR I 455 12.90 -27.37 -25.05
N LEU I 456 12.74 -26.10 -24.69
CA LEU I 456 13.47 -25.00 -25.30
C LEU I 456 14.16 -24.18 -24.23
N TYR I 457 15.40 -23.75 -24.51
CA TYR I 457 16.17 -22.91 -23.61
C TYR I 457 16.79 -21.76 -24.38
N TYR I 458 16.91 -20.62 -23.70
CA TYR I 458 17.57 -19.44 -24.24
C TYR I 458 18.96 -19.31 -23.65
N VAL I 459 19.91 -18.84 -24.45
CA VAL I 459 21.31 -18.72 -24.06
C VAL I 459 21.57 -17.30 -23.60
N ASN I 460 22.38 -17.15 -22.56
CA ASN I 460 22.75 -15.83 -22.08
C ASN I 460 23.58 -15.09 -23.12
N LYS I 461 23.55 -13.76 -23.06
CA LYS I 461 24.24 -12.91 -24.02
C LYS I 461 25.15 -11.95 -23.28
N GLN I 462 26.46 -12.16 -23.42
CA GLN I 462 27.46 -11.29 -22.81
C GLN I 462 28.67 -11.23 -23.74
N GLU I 463 29.74 -10.58 -23.29
CA GLU I 463 30.96 -10.43 -24.06
C GLU I 463 32.10 -11.13 -23.33
N GLY I 464 32.82 -11.99 -24.06
CA GLY I 464 33.95 -12.68 -23.48
C GLY I 464 34.46 -13.74 -24.43
N LYS I 465 35.61 -14.30 -24.06
CA LYS I 465 36.24 -15.34 -24.87
C LYS I 465 35.59 -16.69 -24.59
N SER I 466 35.99 -17.70 -25.36
CA SER I 466 35.46 -19.05 -25.18
C SER I 466 36.51 -20.03 -25.68
N LEU I 467 37.24 -20.64 -24.77
CA LEU I 467 38.25 -21.63 -25.11
C LEU I 467 37.62 -23.02 -25.23
N TYR I 468 38.41 -23.97 -25.71
CA TYR I 468 37.94 -25.34 -25.90
C TYR I 468 39.15 -26.26 -25.81
N VAL I 469 39.28 -26.96 -24.69
CA VAL I 469 40.38 -27.88 -24.45
C VAL I 469 39.89 -29.28 -24.84
N LYS I 470 40.43 -29.80 -25.93
CA LYS I 470 40.05 -31.12 -26.40
C LYS I 470 40.67 -32.21 -25.53
N GLY I 471 40.00 -33.35 -25.46
CA GLY I 471 40.49 -34.47 -24.68
C GLY I 471 39.79 -35.78 -24.97
N GLU I 472 39.61 -36.61 -23.96
CA GLU I 472 38.97 -37.92 -24.10
C GLU I 472 38.15 -38.16 -22.85
N PRO I 473 36.90 -38.63 -22.98
CA PRO I 473 36.10 -38.94 -21.79
C PRO I 473 36.77 -40.01 -20.94
N ILE I 474 36.65 -39.84 -19.62
CA ILE I 474 37.29 -40.76 -18.69
C ILE I 474 36.45 -42.01 -18.44
N ILE I 475 35.16 -41.99 -18.78
CA ILE I 475 34.34 -43.18 -18.59
C ILE I 475 34.80 -44.31 -19.50
N ASN I 476 35.33 -43.98 -20.67
CA ASN I 476 35.85 -45.02 -21.57
C ASN I 476 37.04 -45.74 -20.95
N PHE I 477 37.81 -45.05 -20.10
CA PHE I 477 38.92 -45.70 -19.42
C PHE I 477 38.45 -46.81 -18.50
N TYR I 478 37.35 -46.57 -17.77
CA TYR I 478 36.82 -47.58 -16.86
C TYR I 478 36.24 -48.75 -17.65
N ASP I 479 36.53 -49.95 -17.18
CA ASP I 479 36.05 -51.16 -17.84
C ASP I 479 34.66 -51.52 -17.32
N PRO I 480 33.66 -51.69 -18.18
CA PRO I 480 32.32 -52.06 -17.70
C PRO I 480 32.25 -53.49 -17.16
N LEU I 481 31.04 -53.89 -16.78
CA LEU I 481 30.69 -55.23 -16.31
C LEU I 481 31.24 -55.48 -14.90
N VAL I 482 32.07 -54.57 -14.41
CA VAL I 482 32.45 -54.54 -13.01
C VAL I 482 32.56 -53.08 -12.59
N PHE I 483 31.60 -52.62 -11.80
CA PHE I 483 31.48 -51.20 -11.54
C PHE I 483 30.53 -51.01 -10.37
N PRO I 484 30.92 -50.22 -9.37
CA PRO I 484 30.11 -50.17 -8.12
C PRO I 484 28.72 -49.59 -8.32
N SER I 485 28.61 -48.36 -8.85
CA SER I 485 27.34 -47.68 -9.07
C SER I 485 26.63 -47.34 -7.76
N ASP I 486 25.67 -46.40 -7.84
CA ASP I 486 24.81 -46.03 -6.72
C ASP I 486 25.63 -45.54 -5.51
N GLU I 487 26.63 -44.71 -5.75
CA GLU I 487 27.35 -44.02 -4.70
C GLU I 487 27.08 -42.53 -4.82
N PHE I 488 26.52 -41.94 -3.76
CA PHE I 488 26.16 -40.52 -3.80
C PHE I 488 27.38 -39.62 -3.64
N ASP I 489 28.39 -40.04 -2.90
CA ASP I 489 29.56 -39.21 -2.62
C ASP I 489 30.84 -40.01 -2.86
N ALA I 490 30.91 -40.68 -4.01
CA ALA I 490 32.13 -41.35 -4.40
C ALA I 490 33.24 -40.32 -4.64
N SER I 491 34.45 -40.65 -4.19
CA SER I 491 35.56 -39.70 -4.18
C SER I 491 36.79 -40.31 -4.85
N ILE I 492 36.59 -40.89 -6.04
CA ILE I 492 37.67 -41.42 -6.87
C ILE I 492 38.46 -42.50 -6.13
N SER I 493 39.03 -42.14 -4.98
CA SER I 493 39.77 -43.13 -4.19
C SER I 493 38.86 -44.26 -3.72
N GLN I 494 37.64 -43.92 -3.31
CA GLN I 494 36.71 -44.95 -2.84
C GLN I 494 36.33 -45.91 -3.96
N VAL I 495 36.00 -45.38 -5.14
CA VAL I 495 35.61 -46.24 -6.25
C VAL I 495 36.79 -47.07 -6.74
N ASN I 496 37.99 -46.49 -6.73
CA ASN I 496 39.17 -47.26 -7.11
C ASN I 496 39.44 -48.38 -6.11
N GLU I 497 39.26 -48.09 -4.82
CA GLU I 497 39.44 -49.13 -3.80
C GLU I 497 38.41 -50.25 -3.97
N LYS I 498 37.16 -49.88 -4.26
CA LYS I 498 36.13 -50.89 -4.49
C LYS I 498 36.47 -51.75 -5.71
N ILE I 499 36.92 -51.12 -6.79
CA ILE I 499 37.29 -51.86 -8.00
C ILE I 499 38.45 -52.80 -7.71
N ASN I 500 39.46 -52.32 -6.99
CA ASN I 500 40.61 -53.17 -6.66
C ASN I 500 40.20 -54.33 -5.77
N GLN I 501 39.33 -54.09 -4.79
CA GLN I 501 38.87 -55.17 -3.93
C GLN I 501 38.09 -56.21 -4.71
N SER I 502 37.21 -55.76 -5.61
CA SER I 502 36.46 -56.71 -6.42
C SER I 502 37.36 -57.53 -7.33
N LEU I 503 38.34 -56.87 -7.95
CA LEU I 503 39.28 -57.58 -8.82
C LEU I 503 40.09 -58.59 -8.04
N ALA I 504 40.57 -58.22 -6.85
CA ALA I 504 41.32 -59.16 -6.02
C ALA I 504 40.46 -60.34 -5.60
N PHE I 505 39.20 -60.07 -5.23
CA PHE I 505 38.31 -61.14 -4.82
C PHE I 505 38.06 -62.13 -5.94
N ILE I 506 37.75 -61.61 -7.14
CA ILE I 506 37.47 -62.51 -8.27
C ILE I 506 38.74 -63.24 -8.69
N ARG I 507 39.90 -62.59 -8.62
CA ARG I 507 41.15 -63.25 -8.96
C ARG I 507 41.43 -64.39 -8.00
N LYS I 508 41.25 -64.16 -6.70
CA LYS I 508 41.44 -65.23 -5.72
C LYS I 508 40.44 -66.36 -5.94
N SER I 509 39.20 -66.01 -6.26
CA SER I 509 38.17 -67.03 -6.49
C SER I 509 38.52 -67.91 -7.67
N ASP I 510 39.00 -67.31 -8.78
CA ASP I 510 39.33 -68.13 -9.94
C ASP I 510 40.65 -68.89 -9.74
N GLU I 511 41.59 -68.32 -8.97
CA GLU I 511 42.84 -69.01 -8.72
C GLU I 511 42.64 -70.23 -7.83
N LEU I 512 41.83 -70.10 -6.78
CA LEU I 512 41.58 -71.22 -5.89
C LEU I 512 40.70 -72.30 -6.52
N LEU I 513 40.06 -72.02 -7.65
CA LEU I 513 39.23 -73.00 -8.32
C LEU I 513 39.93 -73.55 -9.57
#